data_3UNW
#
_entry.id   3UNW
#
_cell.length_a   50.660
_cell.length_b   139.614
_cell.length_c   178.385
_cell.angle_alpha   90.00
_cell.angle_beta   94.14
_cell.angle_gamma   90.00
#
_symmetry.space_group_name_H-M   'P 1 21 1'
#
loop_
_entity.id
_entity.type
_entity.pdbx_description
1 polymer 'Glutaminase kidney isoform, mitochondrial'
2 non-polymer 'GLUTAMIC ACID'
3 water water
#
_entity_poly.entity_id   1
_entity_poly.type   'polypeptide(L)'
_entity_poly.pdbx_seq_one_letter_code
;GLSSSPSEILQELGKGSTHPQPGVSPPAAPAAPGPKDGPGETDAFGNSEGKELVASGENKIKQGLLPSLEDLLFYTIAEG
QEKIPVHKFITALKSTGLRTSDPRLKECMDMLRLTLQTTSDGVMLDKDLFKKCVQSNIVLLTQAFRRKFVIPDFMSFTSH
IDELYESAKKQSGGKVADYIPQLAKFSPDLWGVSVCTVDGQRHSTGDTKVPFCLQSCVKPLKYAIAVNDLGTEYVHRYVG
KEPSGLRFNKLFLNEDDKPHNPMVNAGAIVVTSLIKQGVNNAEKFDYVMQFLNKMAGNEYVGFSNATFQSERESGDRNFA
IGYYLKEKKCFPEGTDMVGILDFYFQLCSIEVTCESASVMAATLANGGFCPITGERVLSPEAVRNTLSLMHSCGMYDFSG
QFAFHVGLPAKSGVAGGILLVVPNVMGMMCWSPPLDKMGNSVKGIHFCHDLVSLCNFHNYDNLRHFAKKLDPRREGGDQR
HSFGPLDYESLQQELALKETVWKKVSPESNEDISTTVVYRMESLGEKSHHHHHH
;
_entity_poly.pdbx_strand_id   A,B,C,D
#
# COMPACT_ATOMS: atom_id res chain seq x y z
N LEU A 65 -13.75 -65.53 -19.72
CA LEU A 65 -15.06 -65.45 -20.40
C LEU A 65 -16.04 -66.57 -19.97
N LEU A 66 -15.49 -67.77 -19.77
CA LEU A 66 -16.25 -68.94 -19.32
C LEU A 66 -17.28 -68.68 -18.17
N PRO A 67 -16.97 -68.03 -17.01
CA PRO A 67 -17.95 -68.15 -15.92
C PRO A 67 -19.04 -67.04 -15.85
N SER A 68 -18.92 -65.85 -16.52
CA SER A 68 -19.96 -64.78 -16.48
C SER A 68 -19.87 -63.92 -15.21
N LEU A 69 -20.09 -62.60 -15.39
CA LEU A 69 -19.74 -61.60 -14.39
C LEU A 69 -20.73 -61.65 -13.23
N GLU A 70 -21.99 -61.82 -13.62
CA GLU A 70 -23.10 -61.89 -12.75
C GLU A 70 -23.01 -63.15 -11.89
N ASP A 71 -22.60 -64.27 -12.55
CA ASP A 71 -22.36 -65.55 -11.87
C ASP A 71 -21.25 -65.50 -10.81
N LEU A 72 -20.13 -64.91 -11.21
CA LEU A 72 -19.01 -64.75 -10.31
C LEU A 72 -19.38 -63.94 -9.08
N LEU A 73 -20.11 -62.85 -9.30
CA LEU A 73 -20.56 -62.06 -8.19
C LEU A 73 -21.46 -62.88 -7.25
N PHE A 74 -22.33 -63.70 -7.84
CA PHE A 74 -23.25 -64.56 -7.10
C PHE A 74 -22.52 -65.44 -6.08
N TYR A 75 -21.49 -66.16 -6.53
CA TYR A 75 -20.75 -67.04 -5.64
C TYR A 75 -20.07 -66.27 -4.49
N THR A 76 -19.43 -65.12 -4.83
CA THR A 76 -18.78 -64.28 -3.82
C THR A 76 -19.73 -63.83 -2.70
N ILE A 77 -20.97 -63.43 -3.05
CA ILE A 77 -21.93 -63.06 -2.01
C ILE A 77 -22.50 -64.29 -1.28
N ALA A 78 -22.92 -65.28 -2.06
CA ALA A 78 -23.65 -66.46 -1.55
C ALA A 78 -22.85 -67.32 -0.56
N GLU A 79 -21.56 -67.52 -0.85
CA GLU A 79 -20.68 -68.21 0.10
C GLU A 79 -20.97 -69.71 0.20
N GLY A 80 -21.15 -70.34 -0.97
CA GLY A 80 -21.43 -71.75 -1.06
C GLY A 80 -22.87 -72.17 -0.76
N GLN A 81 -23.65 -71.18 -0.33
CA GLN A 81 -25.06 -71.34 -0.17
C GLN A 81 -25.71 -71.26 -1.54
N GLU A 82 -26.66 -72.16 -1.79
CA GLU A 82 -27.35 -72.21 -3.08
C GLU A 82 -28.16 -70.92 -3.40
N LYS A 83 -28.59 -70.22 -2.34
CA LYS A 83 -29.44 -69.02 -2.40
C LYS A 83 -28.88 -67.86 -1.56
N ILE A 84 -29.05 -66.59 -2.04
CA ILE A 84 -28.71 -65.36 -1.26
C ILE A 84 -30.01 -64.68 -0.72
N PRO A 85 -30.33 -64.62 0.58
CA PRO A 85 -31.38 -63.79 1.15
C PRO A 85 -31.21 -62.29 0.82
N VAL A 86 -32.30 -61.63 0.41
CA VAL A 86 -32.27 -60.22 0.04
C VAL A 86 -31.51 -59.32 1.03
N HIS A 87 -31.90 -59.36 2.33
CA HIS A 87 -31.28 -58.52 3.33
C HIS A 87 -29.74 -58.63 3.40
N LYS A 88 -29.23 -59.81 3.07
CA LYS A 88 -27.81 -60.05 2.99
C LYS A 88 -27.16 -59.26 1.85
N PHE A 89 -27.80 -59.25 0.71
CA PHE A 89 -27.30 -58.50 -0.42
C PHE A 89 -27.29 -56.99 -0.14
N ILE A 90 -28.42 -56.50 0.38
CA ILE A 90 -28.59 -55.12 0.75
C ILE A 90 -27.59 -54.65 1.77
N THR A 91 -27.42 -55.44 2.82
CA THR A 91 -26.44 -55.13 3.84
C THR A 91 -24.99 -55.11 3.32
N ALA A 92 -24.65 -56.10 2.51
CA ALA A 92 -23.36 -56.11 1.85
C ALA A 92 -23.09 -54.88 0.98
N LEU A 93 -24.13 -54.50 0.25
CA LEU A 93 -24.10 -53.38 -0.67
C LEU A 93 -23.93 -52.02 0.02
N LYS A 94 -24.63 -51.87 1.10
CA LYS A 94 -24.59 -50.68 1.86
C LYS A 94 -23.20 -50.43 2.44
N SER A 95 -22.61 -51.47 3.02
CA SER A 95 -21.30 -51.36 3.61
C SER A 95 -20.17 -51.07 2.60
N THR A 96 -20.48 -51.10 1.30
CA THR A 96 -19.58 -50.51 0.34
C THR A 96 -19.58 -48.99 0.44
N GLY A 97 -20.67 -48.44 0.92
CA GLY A 97 -20.84 -47.04 1.01
C GLY A 97 -21.77 -46.51 0.03
N LEU A 98 -22.24 -47.30 -0.91
CA LEU A 98 -23.38 -46.91 -1.68
C LEU A 98 -24.68 -46.86 -0.87
N ARG A 99 -25.55 -46.01 -1.34
CA ARG A 99 -26.89 -45.95 -0.87
C ARG A 99 -27.75 -46.72 -1.85
N THR A 100 -28.74 -47.44 -1.36
CA THR A 100 -29.65 -48.17 -2.23
C THR A 100 -30.35 -47.24 -3.23
N SER A 101 -30.52 -45.98 -2.83
CA SER A 101 -31.13 -45.00 -3.67
C SER A 101 -30.18 -44.38 -4.68
N ASP A 102 -29.03 -45.00 -4.93
CA ASP A 102 -28.12 -44.51 -5.92
C ASP A 102 -28.77 -44.52 -7.31
N PRO A 103 -28.74 -43.41 -8.07
CA PRO A 103 -29.26 -43.29 -9.42
C PRO A 103 -28.73 -44.37 -10.36
N ARG A 104 -27.48 -44.76 -10.21
CA ARG A 104 -26.82 -45.69 -11.09
C ARG A 104 -27.31 -47.10 -10.86
N LEU A 105 -27.71 -47.39 -9.64
CA LEU A 105 -28.26 -48.66 -9.26
C LEU A 105 -29.78 -48.85 -9.51
N LYS A 106 -30.45 -47.98 -10.27
CA LYS A 106 -31.91 -47.94 -10.21
C LYS A 106 -32.63 -49.17 -10.78
N GLU A 107 -32.07 -49.71 -11.88
CA GLU A 107 -32.55 -50.93 -12.50
C GLU A 107 -32.52 -52.14 -11.58
N CYS A 108 -31.45 -52.25 -10.81
CA CYS A 108 -31.31 -53.31 -9.87
C CYS A 108 -32.33 -53.23 -8.76
N MET A 109 -32.54 -52.04 -8.27
CA MET A 109 -33.43 -51.83 -7.16
C MET A 109 -34.90 -51.97 -7.54
N ASP A 110 -35.20 -51.57 -8.77
CA ASP A 110 -36.50 -51.75 -9.38
C ASP A 110 -36.85 -53.24 -9.56
N MET A 111 -35.88 -54.01 -10.07
CA MET A 111 -36.03 -55.43 -10.24
C MET A 111 -36.24 -56.17 -8.93
N LEU A 112 -35.56 -55.74 -7.89
CA LEU A 112 -35.72 -56.35 -6.61
C LEU A 112 -37.09 -56.05 -6.04
N ARG A 113 -37.58 -54.85 -6.28
CA ARG A 113 -38.92 -54.50 -5.88
C ARG A 113 -40.00 -55.37 -6.59
N LEU A 114 -39.79 -55.57 -7.89
CA LEU A 114 -40.58 -56.44 -8.72
C LEU A 114 -40.61 -57.84 -8.14
N THR A 115 -39.46 -58.49 -8.09
CA THR A 115 -39.37 -59.86 -7.67
C THR A 115 -39.86 -60.05 -6.24
N LEU A 116 -39.60 -59.09 -5.38
CA LEU A 116 -40.12 -59.12 -4.03
C LEU A 116 -41.68 -59.15 -3.97
N GLN A 117 -42.33 -59.00 -5.12
CA GLN A 117 -43.78 -59.06 -5.21
C GLN A 117 -44.20 -60.34 -5.88
N THR A 118 -43.44 -60.71 -6.89
CA THR A 118 -43.80 -61.77 -7.78
C THR A 118 -43.35 -63.16 -7.35
N THR A 119 -43.02 -63.40 -6.08
CA THR A 119 -42.34 -64.65 -5.80
C THR A 119 -42.90 -65.41 -4.62
N SER A 120 -42.77 -66.74 -4.82
CA SER A 120 -43.03 -67.76 -3.84
C SER A 120 -42.13 -67.66 -2.60
N ASP A 121 -40.80 -67.75 -2.87
CA ASP A 121 -39.77 -67.79 -1.81
C ASP A 121 -39.50 -66.41 -1.29
N GLY A 122 -40.43 -65.90 -0.45
CA GLY A 122 -40.30 -64.62 0.21
C GLY A 122 -38.94 -64.39 0.77
N VAL A 123 -38.07 -63.68 0.02
CA VAL A 123 -36.80 -63.10 0.48
C VAL A 123 -35.57 -63.77 -0.17
N MET A 124 -35.73 -64.88 -0.89
CA MET A 124 -34.54 -65.67 -1.29
C MET A 124 -34.24 -65.65 -2.78
N LEU A 125 -33.10 -65.13 -3.17
CA LEU A 125 -32.71 -65.09 -4.59
C LEU A 125 -31.81 -66.26 -4.91
N ASP A 126 -32.16 -67.04 -5.93
CA ASP A 126 -31.28 -68.11 -6.42
C ASP A 126 -30.35 -67.54 -7.47
N LYS A 127 -29.61 -68.36 -8.22
CA LYS A 127 -28.62 -67.83 -9.14
C LYS A 127 -29.29 -67.04 -10.26
N ASP A 128 -30.33 -67.63 -10.84
CA ASP A 128 -31.02 -67.06 -11.98
C ASP A 128 -31.74 -65.77 -11.59
N LEU A 129 -32.30 -65.76 -10.39
CA LEU A 129 -33.04 -64.61 -9.90
C LEU A 129 -32.08 -63.39 -9.63
N PHE A 130 -31.03 -63.66 -8.85
CA PHE A 130 -29.96 -62.72 -8.64
C PHE A 130 -29.41 -62.15 -9.95
N LYS A 131 -29.22 -62.99 -10.95
CA LYS A 131 -28.66 -62.51 -12.20
C LYS A 131 -29.57 -61.47 -12.85
N LYS A 132 -30.88 -61.78 -12.89
CA LYS A 132 -31.89 -60.91 -13.48
C LYS A 132 -32.01 -59.53 -12.80
N CYS A 133 -31.89 -59.55 -11.47
CA CYS A 133 -31.81 -58.34 -10.68
C CYS A 133 -30.56 -57.47 -10.98
N VAL A 134 -29.37 -58.08 -11.03
CA VAL A 134 -28.17 -57.32 -11.00
C VAL A 134 -27.59 -57.04 -12.37
N GLN A 135 -28.08 -57.73 -13.41
CA GLN A 135 -27.43 -57.74 -14.73
C GLN A 135 -27.20 -56.34 -15.33
N SER A 136 -28.18 -55.44 -15.09
CA SER A 136 -28.15 -54.09 -15.63
C SER A 136 -27.06 -53.22 -15.03
N ASN A 137 -26.76 -53.49 -13.78
CA ASN A 137 -25.85 -52.66 -13.02
C ASN A 137 -24.56 -53.40 -12.62
N ILE A 138 -24.29 -54.55 -13.27
CA ILE A 138 -23.29 -55.51 -12.80
C ILE A 138 -21.87 -54.96 -12.70
N VAL A 139 -21.54 -53.99 -13.52
CA VAL A 139 -20.19 -53.44 -13.49
C VAL A 139 -19.93 -52.72 -12.19
N LEU A 140 -20.82 -51.80 -11.87
CA LEU A 140 -20.67 -50.98 -10.70
C LEU A 140 -20.83 -51.81 -9.44
N LEU A 141 -21.59 -52.86 -9.53
CA LEU A 141 -21.75 -53.77 -8.44
C LEU A 141 -20.50 -54.64 -8.21
N THR A 142 -19.82 -55.03 -9.28
CA THR A 142 -18.59 -55.75 -9.08
C THR A 142 -17.49 -54.89 -8.51
N GLN A 143 -17.49 -53.62 -8.88
CA GLN A 143 -16.54 -52.65 -8.36
C GLN A 143 -16.69 -52.46 -6.85
N ALA A 144 -17.92 -52.28 -6.42
CA ALA A 144 -18.28 -52.16 -5.02
C ALA A 144 -17.86 -53.36 -4.17
N PHE A 145 -18.24 -54.53 -4.66
CA PHE A 145 -18.07 -55.78 -3.94
C PHE A 145 -16.62 -56.32 -3.96
N ARG A 146 -15.96 -56.20 -5.10
CA ARG A 146 -14.57 -56.58 -5.25
C ARG A 146 -13.60 -55.47 -4.78
N ARG A 147 -14.12 -54.52 -3.99
CA ARG A 147 -13.31 -53.55 -3.26
C ARG A 147 -12.46 -52.64 -4.14
N LYS A 148 -12.96 -52.29 -5.31
CA LYS A 148 -12.17 -51.54 -6.28
C LYS A 148 -12.44 -50.03 -6.27
N PHE A 149 -13.27 -49.60 -5.36
CA PHE A 149 -13.51 -48.19 -5.15
C PHE A 149 -12.33 -47.46 -4.49
N VAL A 150 -12.38 -46.13 -4.55
CA VAL A 150 -11.31 -45.26 -4.11
C VAL A 150 -10.98 -45.43 -2.62
N ILE A 151 -11.99 -45.52 -1.79
CA ILE A 151 -11.78 -45.97 -0.44
C ILE A 151 -12.34 -47.39 -0.32
N PRO A 152 -11.57 -48.47 -0.29
CA PRO A 152 -12.10 -49.80 -0.25
C PRO A 152 -12.75 -50.15 1.11
N ASP A 153 -12.13 -49.79 2.21
CA ASP A 153 -12.67 -50.05 3.51
C ASP A 153 -13.42 -48.84 4.02
N PHE A 154 -14.56 -48.57 3.41
CA PHE A 154 -15.28 -47.38 3.69
C PHE A 154 -15.82 -47.32 5.12
N MET A 155 -16.08 -48.45 5.70
CA MET A 155 -16.69 -48.49 6.99
C MET A 155 -15.75 -48.10 8.11
N SER A 156 -14.49 -48.31 7.86
CA SER A 156 -13.45 -47.92 8.73
C SER A 156 -13.18 -46.44 8.63
N PHE A 157 -13.27 -45.95 7.41
CA PHE A 157 -13.07 -44.58 7.11
C PHE A 157 -14.17 -43.68 7.70
N THR A 158 -15.41 -44.13 7.65
CA THR A 158 -16.52 -43.42 8.26
C THR A 158 -16.45 -43.38 9.79
N SER A 159 -15.91 -44.43 10.37
CA SER A 159 -15.64 -44.48 11.78
C SER A 159 -14.70 -43.34 12.15
N HIS A 160 -13.68 -43.16 11.32
CA HIS A 160 -12.74 -42.09 11.49
C HIS A 160 -13.36 -40.70 11.29
N ILE A 161 -14.24 -40.54 10.32
CA ILE A 161 -14.95 -39.29 10.11
C ILE A 161 -15.76 -38.87 11.34
N ASP A 162 -16.37 -39.88 11.94
CA ASP A 162 -17.20 -39.75 13.12
C ASP A 162 -16.43 -39.21 14.32
N GLU A 163 -15.28 -39.80 14.59
CA GLU A 163 -14.38 -39.33 15.63
C GLU A 163 -13.96 -37.87 15.42
N LEU A 164 -13.62 -37.48 14.17
CA LEU A 164 -13.26 -36.09 13.89
C LEU A 164 -14.44 -35.16 14.07
N TYR A 165 -15.62 -35.61 13.68
CA TYR A 165 -16.84 -34.83 13.82
C TYR A 165 -17.17 -34.55 15.31
N GLU A 166 -17.03 -35.58 16.10
CA GLU A 166 -17.20 -35.49 17.52
C GLU A 166 -16.21 -34.53 18.16
N SER A 167 -14.98 -34.64 17.73
CA SER A 167 -13.93 -33.79 18.21
C SER A 167 -14.14 -32.31 17.85
N ALA A 168 -14.57 -32.04 16.61
CA ALA A 168 -14.87 -30.69 16.18
C ALA A 168 -16.08 -30.08 16.91
N LYS A 169 -17.08 -30.93 17.16
CA LYS A 169 -18.28 -30.65 17.98
C LYS A 169 -17.99 -29.88 19.28
N LYS A 170 -17.03 -30.38 19.99
CA LYS A 170 -16.56 -29.80 21.24
C LYS A 170 -16.11 -28.32 21.14
N GLN A 171 -15.42 -27.95 20.08
CA GLN A 171 -15.13 -26.54 19.74
C GLN A 171 -16.33 -25.59 19.65
N SER A 172 -16.52 -24.73 20.65
CA SER A 172 -17.72 -23.92 20.76
C SER A 172 -17.50 -22.42 20.46
N GLY A 173 -16.33 -22.09 19.95
CA GLY A 173 -16.06 -20.72 19.54
C GLY A 173 -16.93 -20.15 18.45
N GLY A 174 -16.78 -18.85 18.24
CA GLY A 174 -17.33 -18.22 17.09
C GLY A 174 -18.55 -17.48 17.34
N LYS A 175 -18.93 -16.71 16.35
CA LYS A 175 -20.11 -15.91 16.37
C LYS A 175 -20.91 -16.19 15.10
N VAL A 176 -22.20 -16.34 15.22
CA VAL A 176 -23.07 -16.52 14.07
C VAL A 176 -23.24 -15.19 13.33
N ALA A 177 -23.11 -15.21 11.99
CA ALA A 177 -23.30 -14.02 11.19
C ALA A 177 -24.66 -13.38 11.47
N ASP A 178 -24.68 -12.08 11.77
CA ASP A 178 -25.91 -11.40 12.12
C ASP A 178 -26.31 -10.26 11.17
N TYR A 179 -25.54 -10.09 10.10
CA TYR A 179 -25.73 -8.95 9.22
C TYR A 179 -27.04 -8.99 8.46
N ILE A 180 -27.58 -10.19 8.29
CA ILE A 180 -29.00 -10.34 8.02
C ILE A 180 -29.67 -11.27 9.04
N PRO A 181 -31.00 -11.11 9.26
CA PRO A 181 -31.77 -11.90 10.19
C PRO A 181 -31.77 -13.41 9.89
N GLN A 182 -31.72 -13.81 8.63
CA GLN A 182 -31.90 -15.23 8.24
C GLN A 182 -30.70 -16.08 8.68
N LEU A 183 -29.53 -15.43 8.69
CA LEU A 183 -28.30 -16.05 9.10
C LEU A 183 -28.25 -16.12 10.60
N ALA A 184 -28.68 -15.03 11.23
CA ALA A 184 -28.63 -14.91 12.65
C ALA A 184 -29.60 -15.87 13.35
N LYS A 185 -30.53 -16.42 12.56
CA LYS A 185 -31.56 -17.32 13.07
C LYS A 185 -30.99 -18.69 13.43
N PHE A 186 -29.91 -19.08 12.74
CA PHE A 186 -29.37 -20.41 12.90
C PHE A 186 -28.73 -20.64 14.28
N SER A 187 -29.08 -21.79 14.86
CA SER A 187 -28.56 -22.19 16.14
C SER A 187 -27.04 -22.42 16.10
N PRO A 188 -26.25 -21.97 17.13
CA PRO A 188 -24.81 -22.20 17.17
C PRO A 188 -24.45 -23.67 17.12
N ASP A 189 -25.39 -24.52 17.48
CA ASP A 189 -25.10 -25.89 17.85
C ASP A 189 -25.24 -26.84 16.69
N LEU A 190 -25.84 -26.35 15.62
CA LEU A 190 -25.89 -27.08 14.38
C LEU A 190 -24.51 -27.43 13.85
N TRP A 191 -24.31 -28.65 13.44
CA TRP A 191 -23.03 -29.04 12.96
C TRP A 191 -23.14 -30.32 12.13
N GLY A 192 -22.78 -30.25 10.83
CA GLY A 192 -22.94 -31.40 9.99
C GLY A 192 -21.77 -31.64 9.13
N VAL A 193 -21.60 -32.87 8.74
CA VAL A 193 -20.54 -33.21 7.83
C VAL A 193 -21.01 -34.31 6.90
N SER A 194 -20.81 -34.09 5.61
CA SER A 194 -21.17 -35.04 4.60
C SER A 194 -20.02 -35.31 3.72
N VAL A 195 -19.96 -36.57 3.29
CA VAL A 195 -18.90 -37.07 2.46
C VAL A 195 -19.52 -37.71 1.24
N CYS A 196 -18.97 -37.38 0.07
CA CYS A 196 -19.28 -38.05 -1.16
C CYS A 196 -18.00 -38.34 -1.88
N THR A 197 -17.77 -39.61 -2.09
CA THR A 197 -16.64 -40.14 -2.78
C THR A 197 -16.73 -39.95 -4.32
N VAL A 198 -15.63 -40.07 -5.04
CA VAL A 198 -15.71 -40.00 -6.49
C VAL A 198 -16.32 -41.28 -7.13
N ASP A 199 -16.53 -42.30 -6.31
CA ASP A 199 -17.35 -43.44 -6.68
C ASP A 199 -18.77 -43.42 -6.05
N GLY A 200 -19.22 -42.30 -5.55
CA GLY A 200 -20.53 -42.22 -4.96
C GLY A 200 -20.74 -42.80 -3.59
N GLN A 201 -19.69 -43.12 -2.83
CA GLN A 201 -19.83 -43.66 -1.49
C GLN A 201 -20.09 -42.56 -0.50
N ARG A 202 -21.17 -42.69 0.25
CA ARG A 202 -21.71 -41.57 1.00
C ARG A 202 -21.71 -41.78 2.50
N HIS A 203 -21.41 -40.75 3.26
CA HIS A 203 -21.64 -40.80 4.68
C HIS A 203 -21.95 -39.43 5.27
N SER A 204 -22.68 -39.43 6.39
CA SER A 204 -23.10 -38.22 7.04
C SER A 204 -23.12 -38.41 8.53
N THR A 205 -22.84 -37.32 9.23
CA THR A 205 -23.04 -37.23 10.65
C THR A 205 -23.54 -35.85 10.93
N GLY A 206 -24.28 -35.68 12.02
CA GLY A 206 -24.74 -34.40 12.41
C GLY A 206 -25.85 -33.88 11.58
N ASP A 207 -25.96 -32.57 11.54
CA ASP A 207 -27.11 -31.87 10.97
C ASP A 207 -27.05 -31.71 9.43
N THR A 208 -27.03 -32.84 8.75
CA THR A 208 -26.72 -32.91 7.34
C THR A 208 -27.90 -32.64 6.42
N LYS A 209 -29.11 -32.70 6.95
CA LYS A 209 -30.29 -32.56 6.13
C LYS A 209 -30.94 -31.18 6.25
N VAL A 210 -30.36 -30.30 7.07
CA VAL A 210 -30.86 -28.96 7.24
C VAL A 210 -30.46 -28.01 6.07
N PRO A 211 -31.35 -27.19 5.52
CA PRO A 211 -30.89 -26.33 4.46
C PRO A 211 -30.22 -25.06 5.00
N PHE A 212 -29.40 -24.47 4.14
CA PHE A 212 -28.74 -23.22 4.36
C PHE A 212 -28.22 -22.72 3.04
N CYS A 213 -27.84 -21.47 3.02
CA CYS A 213 -27.42 -20.81 1.82
C CYS A 213 -25.99 -21.01 1.58
N LEU A 214 -25.67 -21.15 0.31
CA LEU A 214 -24.32 -21.30 -0.14
C LEU A 214 -23.52 -20.08 0.19
N GLN A 215 -24.13 -18.93 0.05
CA GLN A 215 -23.44 -17.67 0.13
C GLN A 215 -22.22 -17.64 -0.82
N SER A 216 -21.02 -17.35 -0.29
CA SER A 216 -19.81 -17.37 -1.12
C SER A 216 -19.32 -18.78 -1.47
N CYS A 217 -19.94 -19.81 -0.92
CA CYS A 217 -19.70 -21.17 -1.39
C CYS A 217 -20.13 -21.36 -2.85
N VAL A 218 -21.01 -20.50 -3.36
CA VAL A 218 -21.45 -20.52 -4.76
C VAL A 218 -20.41 -19.96 -5.74
N LYS A 219 -19.43 -19.27 -5.24
CA LYS A 219 -18.50 -18.56 -6.06
C LYS A 219 -17.68 -19.51 -6.97
N PRO A 220 -17.08 -20.61 -6.51
CA PRO A 220 -16.37 -21.48 -7.42
C PRO A 220 -17.29 -22.19 -8.39
N LEU A 221 -18.49 -22.47 -7.99
CA LEU A 221 -19.44 -23.12 -8.82
C LEU A 221 -19.81 -22.27 -10.05
N LYS A 222 -20.06 -20.98 -9.85
CA LYS A 222 -20.44 -20.11 -10.96
C LYS A 222 -19.24 -19.73 -11.82
N TYR A 223 -18.08 -19.68 -11.21
CA TYR A 223 -16.84 -19.60 -11.91
C TYR A 223 -16.66 -20.81 -12.81
N ALA A 224 -16.95 -22.00 -12.28
CA ALA A 224 -16.82 -23.23 -13.04
C ALA A 224 -17.69 -23.22 -14.28
N ILE A 225 -18.92 -22.75 -14.11
CA ILE A 225 -19.89 -22.65 -15.14
C ILE A 225 -19.45 -21.67 -16.25
N ALA A 226 -19.00 -20.49 -15.84
CA ALA A 226 -18.45 -19.51 -16.72
C ALA A 226 -17.32 -20.06 -17.60
N VAL A 227 -16.34 -20.72 -17.01
CA VAL A 227 -15.24 -21.34 -17.72
C VAL A 227 -15.66 -22.50 -18.59
N ASN A 228 -16.60 -23.30 -18.11
CA ASN A 228 -17.16 -24.37 -18.90
C ASN A 228 -17.75 -23.85 -20.22
N ASP A 229 -18.50 -22.76 -20.11
CA ASP A 229 -19.27 -22.22 -21.21
C ASP A 229 -18.46 -21.29 -22.11
N LEU A 230 -17.34 -20.76 -21.62
CA LEU A 230 -16.70 -19.67 -22.29
C LEU A 230 -15.19 -19.86 -22.39
N GLY A 231 -14.61 -20.62 -21.47
CA GLY A 231 -13.21 -20.87 -21.59
C GLY A 231 -12.39 -20.03 -20.70
N THR A 232 -11.21 -20.49 -20.36
CA THR A 232 -10.30 -19.80 -19.49
C THR A 232 -9.97 -18.41 -20.03
N GLU A 233 -9.66 -18.36 -21.32
CA GLU A 233 -9.22 -17.16 -22.00
C GLU A 233 -10.25 -16.01 -21.98
N TYR A 234 -11.50 -16.30 -22.31
CA TYR A 234 -12.57 -15.32 -22.21
C TYR A 234 -12.78 -14.84 -20.77
N VAL A 235 -13.03 -15.78 -19.85
CA VAL A 235 -13.25 -15.46 -18.46
C VAL A 235 -12.17 -14.53 -17.88
N HIS A 236 -10.92 -14.93 -18.04
CA HIS A 236 -9.80 -14.25 -17.45
C HIS A 236 -9.41 -12.93 -18.11
N ARG A 237 -10.08 -12.55 -19.19
CA ARG A 237 -10.08 -11.16 -19.63
C ARG A 237 -10.66 -10.20 -18.58
N TYR A 238 -11.66 -10.66 -17.85
CA TYR A 238 -12.40 -9.80 -16.95
C TYR A 238 -12.00 -10.01 -15.50
N VAL A 239 -11.25 -11.07 -15.24
CA VAL A 239 -10.90 -11.41 -13.88
C VAL A 239 -9.57 -12.14 -13.79
N GLY A 240 -8.87 -11.89 -12.69
CA GLY A 240 -7.55 -12.34 -12.39
C GLY A 240 -7.50 -13.77 -11.91
N LYS A 241 -6.32 -14.37 -11.93
CA LYS A 241 -6.17 -15.71 -11.43
C LYS A 241 -5.22 -15.82 -10.22
N GLU A 242 -5.17 -14.83 -9.32
CA GLU A 242 -4.14 -14.87 -8.27
C GLU A 242 -4.64 -14.30 -6.97
N PRO A 243 -4.14 -14.68 -5.78
CA PRO A 243 -4.55 -14.02 -4.54
C PRO A 243 -4.19 -12.52 -4.50
N SER A 244 -5.18 -11.70 -4.15
CA SER A 244 -5.02 -10.27 -3.93
C SER A 244 -3.78 -9.82 -3.10
N GLY A 245 -3.62 -10.43 -1.93
CA GLY A 245 -2.42 -10.23 -1.15
C GLY A 245 -2.72 -9.26 -0.01
N LEU A 251 -12.91 -3.72 -3.28
CA LEU A 251 -11.79 -3.20 -2.45
C LEU A 251 -10.74 -2.50 -3.36
N PHE A 252 -10.00 -3.32 -4.12
CA PHE A 252 -8.96 -2.83 -4.99
C PHE A 252 -9.05 -3.65 -6.24
N LEU A 253 -8.36 -3.18 -7.29
CA LEU A 253 -8.16 -3.93 -8.50
C LEU A 253 -6.68 -4.26 -8.61
N ASN A 254 -6.37 -5.31 -9.37
CA ASN A 254 -4.97 -5.61 -9.68
C ASN A 254 -4.37 -4.63 -10.71
N GLU A 255 -3.11 -4.91 -11.11
CA GLU A 255 -2.34 -4.03 -11.98
C GLU A 255 -3.07 -3.66 -13.29
N ASP A 256 -3.94 -4.59 -13.75
CA ASP A 256 -4.53 -4.51 -15.09
C ASP A 256 -5.96 -4.01 -15.00
N ASP A 257 -6.36 -3.62 -13.77
CA ASP A 257 -7.70 -3.12 -13.48
C ASP A 257 -8.81 -4.20 -13.65
N LYS A 258 -8.36 -5.44 -13.42
CA LYS A 258 -9.25 -6.57 -13.30
C LYS A 258 -9.31 -6.91 -11.84
N PRO A 259 -10.48 -7.30 -11.26
CA PRO A 259 -10.54 -7.85 -9.91
C PRO A 259 -9.59 -9.05 -9.83
N HIS A 260 -9.14 -9.28 -8.61
CA HIS A 260 -7.96 -10.04 -8.37
C HIS A 260 -8.12 -11.53 -8.73
N ASN A 261 -9.36 -12.01 -8.69
CA ASN A 261 -9.67 -13.41 -8.75
C ASN A 261 -11.15 -13.62 -8.49
N PRO A 262 -11.83 -14.58 -9.11
CA PRO A 262 -13.27 -14.86 -8.91
C PRO A 262 -13.68 -15.12 -7.43
N MET A 263 -12.81 -15.62 -6.57
CA MET A 263 -13.18 -15.88 -5.20
C MET A 263 -13.47 -14.65 -4.32
N VAL A 264 -13.04 -13.43 -4.70
CA VAL A 264 -13.41 -12.23 -3.94
C VAL A 264 -14.73 -11.70 -4.47
N ASN A 265 -15.41 -10.82 -3.72
CA ASN A 265 -16.77 -10.35 -4.10
C ASN A 265 -16.79 -9.61 -5.39
N ALA A 266 -15.83 -8.72 -5.57
CA ALA A 266 -15.67 -7.97 -6.79
C ALA A 266 -15.48 -8.85 -8.02
N GLY A 267 -14.67 -9.88 -7.90
CA GLY A 267 -14.47 -10.81 -8.97
C GLY A 267 -15.64 -11.70 -9.25
N ALA A 268 -16.36 -12.05 -8.19
CA ALA A 268 -17.58 -12.81 -8.28
C ALA A 268 -18.69 -12.08 -9.00
N ILE A 269 -18.76 -10.78 -8.79
CA ILE A 269 -19.71 -9.94 -9.46
C ILE A 269 -19.40 -9.83 -10.97
N VAL A 270 -18.13 -9.77 -11.33
CA VAL A 270 -17.75 -9.88 -12.71
C VAL A 270 -18.06 -11.27 -13.31
N VAL A 271 -17.85 -12.33 -12.54
CA VAL A 271 -18.11 -13.67 -13.05
C VAL A 271 -19.60 -13.83 -13.36
N THR A 272 -20.42 -13.29 -12.47
CA THR A 272 -21.84 -13.23 -12.59
C THR A 272 -22.27 -12.60 -13.92
N SER A 273 -21.71 -11.44 -14.24
CA SER A 273 -21.98 -10.82 -15.54
C SER A 273 -21.64 -11.69 -16.78
N LEU A 274 -20.58 -12.48 -16.73
CA LEU A 274 -20.21 -13.34 -17.83
C LEU A 274 -21.26 -14.42 -18.21
N ILE A 275 -22.05 -14.90 -17.26
CA ILE A 275 -22.89 -16.07 -17.44
C ILE A 275 -24.20 -15.75 -18.19
N LYS A 276 -24.54 -16.61 -19.20
CA LYS A 276 -25.74 -16.49 -20.03
C LYS A 276 -26.09 -15.07 -20.36
N GLN A 277 -25.22 -14.42 -21.12
CA GLN A 277 -25.47 -13.06 -21.51
C GLN A 277 -26.59 -12.99 -22.54
N GLY A 278 -27.25 -11.85 -22.56
CA GLY A 278 -28.34 -11.59 -23.45
C GLY A 278 -29.69 -12.20 -23.08
N VAL A 279 -29.87 -12.75 -21.88
CA VAL A 279 -31.18 -13.18 -21.47
C VAL A 279 -31.54 -12.50 -20.17
N ASN A 280 -32.80 -12.60 -19.76
CA ASN A 280 -33.22 -11.93 -18.55
C ASN A 280 -32.78 -12.73 -17.33
N ASN A 281 -32.75 -12.10 -16.15
CA ASN A 281 -32.34 -12.75 -14.90
C ASN A 281 -33.05 -14.06 -14.57
N ALA A 282 -34.34 -14.14 -14.82
CA ALA A 282 -35.11 -15.36 -14.58
C ALA A 282 -34.59 -16.59 -15.33
N GLU A 283 -34.27 -16.37 -16.61
CA GLU A 283 -33.65 -17.37 -17.43
C GLU A 283 -32.23 -17.76 -16.93
N LYS A 284 -31.40 -16.75 -16.69
CA LYS A 284 -30.08 -16.94 -16.12
C LYS A 284 -30.07 -17.74 -14.80
N PHE A 285 -30.98 -17.41 -13.93
CA PHE A 285 -31.11 -18.08 -12.67
C PHE A 285 -31.45 -19.56 -12.83
N ASP A 286 -32.42 -19.84 -13.67
CA ASP A 286 -32.77 -21.19 -14.04
C ASP A 286 -31.61 -21.95 -14.66
N TYR A 287 -30.81 -21.27 -15.45
CA TYR A 287 -29.72 -21.90 -16.13
C TYR A 287 -28.64 -22.32 -15.14
N VAL A 288 -28.38 -21.46 -14.16
CA VAL A 288 -27.47 -21.79 -13.08
C VAL A 288 -28.02 -22.93 -12.21
N MET A 289 -29.31 -22.90 -11.93
CA MET A 289 -29.95 -23.90 -11.10
C MET A 289 -29.86 -25.32 -11.69
N GLN A 290 -30.13 -25.44 -12.98
CA GLN A 290 -30.06 -26.73 -13.66
C GLN A 290 -28.68 -27.33 -13.59
N PHE A 291 -27.70 -26.45 -13.68
CA PHE A 291 -26.31 -26.79 -13.60
C PHE A 291 -25.94 -27.29 -12.20
N LEU A 292 -26.44 -26.61 -11.19
CA LEU A 292 -26.30 -27.02 -9.82
C LEU A 292 -26.99 -28.34 -9.50
N ASN A 293 -28.15 -28.55 -10.11
CA ASN A 293 -28.90 -29.79 -9.99
C ASN A 293 -28.11 -30.98 -10.48
N LYS A 294 -27.52 -30.83 -11.66
CA LYS A 294 -26.64 -31.84 -12.21
C LYS A 294 -25.40 -32.11 -11.34
N MET A 295 -24.75 -31.06 -10.84
CA MET A 295 -23.57 -31.26 -10.00
C MET A 295 -23.88 -32.01 -8.72
N ALA A 296 -25.10 -31.84 -8.25
CA ALA A 296 -25.56 -32.45 -7.04
C ALA A 296 -26.28 -33.77 -7.27
N GLY A 297 -26.29 -34.26 -8.49
CA GLY A 297 -27.04 -35.45 -8.84
C GLY A 297 -28.50 -35.46 -8.48
N ASN A 298 -29.11 -34.30 -8.71
CA ASN A 298 -30.52 -34.02 -8.53
C ASN A 298 -30.95 -34.10 -7.06
N GLU A 299 -30.02 -33.89 -6.18
CA GLU A 299 -30.31 -33.72 -4.79
C GLU A 299 -30.57 -32.25 -4.47
N TYR A 300 -31.12 -31.99 -3.29
CA TYR A 300 -31.63 -30.69 -2.93
C TYR A 300 -30.75 -29.49 -3.39
N VAL A 301 -31.34 -28.63 -4.15
CA VAL A 301 -30.83 -27.31 -4.33
C VAL A 301 -32.08 -26.44 -4.29
N GLY A 302 -31.99 -25.23 -3.83
CA GLY A 302 -33.20 -24.51 -3.64
C GLY A 302 -32.92 -23.12 -3.40
N PHE A 303 -33.85 -22.40 -2.81
CA PHE A 303 -33.74 -20.96 -2.82
C PHE A 303 -34.40 -20.34 -1.61
N SER A 304 -33.75 -19.32 -1.10
CA SER A 304 -34.29 -18.55 -0.02
C SER A 304 -34.54 -17.12 -0.46
N ASN A 305 -35.72 -16.88 -1.03
CA ASN A 305 -36.22 -15.54 -1.25
C ASN A 305 -36.07 -14.60 -0.05
N ALA A 306 -36.26 -15.13 1.14
CA ALA A 306 -36.17 -14.33 2.34
C ALA A 306 -34.75 -13.75 2.54
N THR A 307 -33.77 -14.64 2.48
CA THR A 307 -32.37 -14.29 2.42
C THR A 307 -32.06 -13.32 1.28
N PHE A 308 -32.62 -13.56 0.11
CA PHE A 308 -32.34 -12.73 -1.03
C PHE A 308 -32.77 -11.27 -0.81
N GLN A 309 -33.98 -11.11 -0.29
CA GLN A 309 -34.50 -9.80 0.00
C GLN A 309 -33.62 -9.06 0.99
N SER A 310 -33.17 -9.79 2.00
CA SER A 310 -32.34 -9.22 3.05
C SER A 310 -30.97 -8.81 2.55
N GLU A 311 -30.44 -9.59 1.62
CA GLU A 311 -29.17 -9.30 0.97
C GLU A 311 -29.22 -8.02 0.15
N ARG A 312 -30.30 -7.86 -0.61
CA ARG A 312 -30.41 -6.77 -1.54
C ARG A 312 -30.69 -5.46 -0.83
N GLU A 313 -31.47 -5.54 0.25
CA GLU A 313 -31.70 -4.41 1.11
C GLU A 313 -30.44 -3.84 1.77
N SER A 314 -29.45 -4.66 2.03
CA SER A 314 -28.36 -4.27 2.89
C SER A 314 -26.99 -4.53 2.29
N GLY A 315 -26.89 -4.48 0.98
CA GLY A 315 -25.61 -4.74 0.37
C GLY A 315 -25.02 -3.50 -0.17
N ASP A 316 -24.80 -2.53 0.70
CA ASP A 316 -24.16 -1.29 0.34
C ASP A 316 -22.74 -1.49 -0.08
N ARG A 317 -22.08 -2.42 0.57
CA ARG A 317 -20.80 -2.98 0.14
C ARG A 317 -20.76 -3.34 -1.35
N ASN A 318 -21.70 -4.17 -1.78
CA ASN A 318 -21.71 -4.67 -3.13
C ASN A 318 -22.15 -3.64 -4.15
N PHE A 319 -23.04 -2.77 -3.75
CA PHE A 319 -23.41 -1.63 -4.56
C PHE A 319 -22.26 -0.67 -4.78
N ALA A 320 -21.48 -0.46 -3.73
CA ALA A 320 -20.22 0.22 -3.83
C ALA A 320 -19.30 -0.42 -4.86
N ILE A 321 -19.19 -1.74 -4.82
CA ILE A 321 -18.34 -2.51 -5.72
C ILE A 321 -18.81 -2.42 -7.17
N GLY A 322 -20.10 -2.61 -7.35
CA GLY A 322 -20.71 -2.56 -8.65
C GLY A 322 -20.54 -1.28 -9.37
N TYR A 323 -20.69 -0.20 -8.61
CA TYR A 323 -20.53 1.13 -9.15
C TYR A 323 -19.09 1.40 -9.56
N TYR A 324 -18.18 0.99 -8.69
CA TYR A 324 -16.76 1.02 -8.99
C TYR A 324 -16.37 0.21 -10.26
N LEU A 325 -16.89 -1.02 -10.38
CA LEU A 325 -16.59 -1.87 -11.52
C LEU A 325 -17.14 -1.27 -12.83
N LYS A 326 -18.30 -0.64 -12.72
CA LYS A 326 -18.93 0.06 -13.81
C LYS A 326 -18.10 1.25 -14.30
N GLU A 327 -17.63 2.06 -13.37
CA GLU A 327 -16.72 3.15 -13.64
C GLU A 327 -15.44 2.71 -14.35
N LYS A 328 -14.82 1.65 -13.86
CA LYS A 328 -13.56 1.21 -14.41
C LYS A 328 -13.70 0.29 -15.64
N LYS A 329 -14.93 0.11 -16.15
CA LYS A 329 -15.23 -0.65 -17.35
C LYS A 329 -14.81 -2.12 -17.27
N CYS A 330 -15.22 -2.76 -16.18
CA CYS A 330 -14.78 -4.10 -15.90
C CYS A 330 -15.76 -5.14 -16.39
N PHE A 331 -16.91 -4.71 -16.86
CA PHE A 331 -17.97 -5.64 -17.24
C PHE A 331 -18.00 -5.80 -18.73
N PRO A 332 -18.71 -6.76 -19.29
CA PRO A 332 -18.80 -6.87 -20.72
C PRO A 332 -19.64 -5.73 -21.28
N GLU A 333 -19.41 -5.45 -22.56
CA GLU A 333 -20.17 -4.49 -23.30
C GLU A 333 -21.67 -4.81 -23.22
N GLY A 334 -22.45 -3.81 -22.84
CA GLY A 334 -23.86 -3.95 -22.70
C GLY A 334 -24.32 -4.64 -21.44
N THR A 335 -23.54 -4.54 -20.35
CA THR A 335 -23.96 -5.03 -19.04
C THR A 335 -24.81 -4.00 -18.30
N ASP A 336 -25.96 -4.45 -17.79
CA ASP A 336 -26.72 -3.67 -16.84
C ASP A 336 -26.25 -4.03 -15.43
N MET A 337 -25.45 -3.17 -14.81
CA MET A 337 -24.80 -3.51 -13.57
C MET A 337 -25.77 -3.73 -12.41
N VAL A 338 -26.86 -2.97 -12.37
CA VAL A 338 -27.78 -3.08 -11.26
C VAL A 338 -28.57 -4.41 -11.31
N GLY A 339 -28.89 -4.87 -12.51
CA GLY A 339 -29.46 -6.18 -12.74
C GLY A 339 -28.55 -7.33 -12.46
N ILE A 340 -27.29 -7.14 -12.82
CA ILE A 340 -26.21 -8.02 -12.42
C ILE A 340 -26.10 -8.23 -10.92
N LEU A 341 -26.22 -7.16 -10.13
CA LEU A 341 -26.18 -7.24 -8.68
C LEU A 341 -27.31 -8.07 -8.11
N ASP A 342 -28.49 -7.89 -8.66
CA ASP A 342 -29.67 -8.68 -8.36
C ASP A 342 -29.46 -10.20 -8.53
N PHE A 343 -28.96 -10.57 -9.70
CA PHE A 343 -28.59 -11.92 -10.02
C PHE A 343 -27.51 -12.46 -9.08
N TYR A 344 -26.53 -11.63 -8.74
CA TYR A 344 -25.51 -11.96 -7.76
C TYR A 344 -26.11 -12.33 -6.39
N PHE A 345 -27.03 -11.54 -5.89
CA PHE A 345 -27.63 -11.76 -4.59
C PHE A 345 -28.53 -13.01 -4.60
N GLN A 346 -29.21 -13.25 -5.71
CA GLN A 346 -29.96 -14.47 -5.91
C GLN A 346 -29.09 -15.72 -5.80
N LEU A 347 -27.88 -15.66 -6.35
CA LEU A 347 -26.95 -16.77 -6.29
C LEU A 347 -26.49 -17.05 -4.86
N CYS A 348 -26.18 -16.00 -4.13
CA CYS A 348 -25.79 -16.14 -2.75
C CYS A 348 -26.89 -16.78 -1.90
N SER A 349 -28.11 -16.54 -2.27
CA SER A 349 -29.26 -17.03 -1.56
C SER A 349 -29.74 -18.46 -1.94
N ILE A 350 -28.97 -19.18 -2.75
CA ILE A 350 -29.33 -20.53 -3.12
C ILE A 350 -29.08 -21.48 -1.96
N GLU A 351 -29.97 -22.46 -1.75
CA GLU A 351 -29.86 -23.38 -0.62
C GLU A 351 -29.45 -24.79 -1.02
N VAL A 352 -28.66 -25.39 -0.14
CA VAL A 352 -28.19 -26.75 -0.20
C VAL A 352 -28.39 -27.41 1.17
N THR A 353 -28.02 -28.66 1.26
CA THR A 353 -27.78 -29.26 2.54
C THR A 353 -26.37 -29.81 2.49
N CYS A 354 -25.90 -30.34 3.60
CA CYS A 354 -24.60 -30.94 3.67
C CYS A 354 -24.53 -32.09 2.67
N GLU A 355 -25.49 -32.97 2.71
CA GLU A 355 -25.58 -34.07 1.75
C GLU A 355 -25.56 -33.69 0.26
N SER A 356 -26.33 -32.69 -0.14
CA SER A 356 -26.39 -32.30 -1.54
C SER A 356 -25.11 -31.59 -2.02
N ALA A 357 -24.69 -30.60 -1.28
CA ALA A 357 -23.48 -29.88 -1.52
C ALA A 357 -22.22 -30.76 -1.47
N SER A 358 -22.21 -31.83 -0.70
CA SER A 358 -21.12 -32.80 -0.78
C SER A 358 -20.98 -33.47 -2.17
N VAL A 359 -22.09 -33.75 -2.83
CA VAL A 359 -22.10 -34.32 -4.15
C VAL A 359 -21.55 -33.34 -5.18
N MET A 360 -21.88 -32.06 -4.97
CA MET A 360 -21.36 -30.95 -5.75
C MET A 360 -19.82 -30.89 -5.70
N ALA A 361 -19.29 -31.03 -4.50
CA ALA A 361 -17.89 -31.03 -4.26
C ALA A 361 -17.21 -32.25 -4.89
N ALA A 362 -17.92 -33.37 -4.86
CA ALA A 362 -17.43 -34.62 -5.39
C ALA A 362 -17.35 -34.62 -6.93
N THR A 363 -18.25 -33.90 -7.56
CA THR A 363 -18.16 -33.53 -8.95
C THR A 363 -16.80 -32.89 -9.30
N LEU A 364 -16.43 -31.91 -8.47
CA LEU A 364 -15.22 -31.19 -8.62
C LEU A 364 -14.02 -32.05 -8.33
N ALA A 365 -14.15 -32.96 -7.39
CA ALA A 365 -13.10 -33.95 -7.10
C ALA A 365 -12.96 -35.08 -8.15
N ASN A 366 -13.86 -35.10 -9.15
CA ASN A 366 -13.95 -36.16 -10.09
C ASN A 366 -13.85 -35.70 -11.54
N GLY A 367 -13.20 -34.56 -11.77
CA GLY A 367 -12.83 -34.09 -13.07
C GLY A 367 -13.98 -33.70 -13.92
N GLY A 368 -15.07 -33.49 -13.23
CA GLY A 368 -16.25 -32.88 -13.65
C GLY A 368 -17.31 -33.86 -13.97
N PHE A 369 -17.24 -35.08 -13.46
CA PHE A 369 -18.40 -35.92 -13.58
C PHE A 369 -19.01 -36.05 -12.21
N CYS A 370 -20.26 -36.41 -12.18
CA CYS A 370 -20.96 -36.50 -10.96
C CYS A 370 -20.94 -37.93 -10.54
N PRO A 371 -20.50 -38.20 -9.31
CA PRO A 371 -20.10 -39.53 -8.96
C PRO A 371 -21.32 -40.42 -8.83
N ILE A 372 -22.47 -39.84 -8.57
CA ILE A 372 -23.68 -40.58 -8.34
C ILE A 372 -24.50 -40.77 -9.60
N THR A 373 -24.40 -39.87 -10.58
CA THR A 373 -25.12 -40.06 -11.83
C THR A 373 -24.26 -40.64 -12.98
N GLY A 374 -22.98 -40.35 -12.96
CA GLY A 374 -22.07 -40.67 -14.03
C GLY A 374 -22.02 -39.65 -15.12
N GLU A 375 -22.74 -38.57 -14.93
CA GLU A 375 -22.95 -37.56 -15.92
C GLU A 375 -21.81 -36.57 -15.96
N ARG A 376 -21.34 -36.21 -17.18
CA ARG A 376 -20.38 -35.13 -17.36
C ARG A 376 -21.06 -33.77 -17.20
N VAL A 377 -20.50 -32.95 -16.35
CA VAL A 377 -21.17 -31.75 -15.90
C VAL A 377 -20.32 -30.55 -16.19
N LEU A 378 -19.08 -30.62 -15.79
CA LEU A 378 -18.13 -29.56 -16.04
C LEU A 378 -16.94 -30.03 -16.90
N SER A 379 -16.39 -29.16 -17.75
CA SER A 379 -15.21 -29.49 -18.52
C SER A 379 -14.02 -29.68 -17.61
N PRO A 380 -13.00 -30.46 -17.97
CA PRO A 380 -11.81 -30.64 -17.17
C PRO A 380 -11.10 -29.33 -16.84
N GLU A 381 -11.01 -28.49 -17.85
CA GLU A 381 -10.49 -27.15 -17.74
C GLU A 381 -11.19 -26.30 -16.64
N ALA A 382 -12.51 -26.29 -16.67
CA ALA A 382 -13.32 -25.67 -15.65
C ALA A 382 -12.99 -26.09 -14.25
N VAL A 383 -12.97 -27.37 -14.01
CA VAL A 383 -12.74 -27.94 -12.72
C VAL A 383 -11.34 -27.63 -12.20
N ARG A 384 -10.35 -27.81 -13.06
CA ARG A 384 -8.97 -27.53 -12.71
C ARG A 384 -8.77 -26.09 -12.30
N ASN A 385 -9.29 -25.18 -13.09
CA ASN A 385 -9.18 -23.76 -12.81
C ASN A 385 -9.85 -23.42 -11.45
N THR A 386 -11.00 -23.98 -11.24
CA THR A 386 -11.75 -23.78 -10.05
C THR A 386 -11.05 -24.32 -8.79
N LEU A 387 -10.44 -25.50 -8.87
CA LEU A 387 -9.63 -26.07 -7.82
C LEU A 387 -8.35 -25.26 -7.50
N SER A 388 -7.77 -24.70 -8.53
CA SER A 388 -6.59 -23.85 -8.44
C SER A 388 -6.88 -22.60 -7.60
N LEU A 389 -8.02 -21.97 -7.88
CA LEU A 389 -8.45 -20.77 -7.21
C LEU A 389 -9.03 -21.01 -5.80
N MET A 390 -9.72 -22.14 -5.60
CA MET A 390 -10.11 -22.56 -4.26
C MET A 390 -8.88 -22.81 -3.35
N HIS A 391 -7.83 -23.39 -3.92
CA HIS A 391 -6.55 -23.59 -3.23
C HIS A 391 -6.02 -22.31 -2.61
N SER A 392 -5.80 -21.31 -3.46
CA SER A 392 -5.08 -20.13 -3.10
C SER A 392 -5.98 -19.00 -2.52
N CYS A 393 -7.24 -18.96 -2.89
CA CYS A 393 -8.05 -17.82 -2.51
C CYS A 393 -9.37 -18.21 -1.84
N GLY A 394 -9.48 -19.40 -1.30
CA GLY A 394 -10.77 -19.88 -1.00
C GLY A 394 -11.30 -19.66 0.37
N MET A 395 -10.51 -19.17 1.29
CA MET A 395 -10.92 -19.13 2.68
C MET A 395 -10.67 -17.77 3.28
N TYR A 396 -11.10 -16.75 2.54
CA TYR A 396 -10.73 -15.36 2.76
C TYR A 396 -9.29 -15.10 3.22
N ASP A 397 -9.07 -14.42 4.32
CA ASP A 397 -7.72 -14.06 4.76
C ASP A 397 -6.96 -15.19 5.49
N PHE A 398 -7.60 -16.34 5.66
CA PHE A 398 -6.92 -17.52 6.12
C PHE A 398 -6.47 -18.41 4.97
N SER A 399 -6.60 -17.94 3.75
CA SER A 399 -6.34 -18.75 2.57
C SER A 399 -4.93 -19.33 2.48
N GLY A 400 -3.96 -18.49 2.79
CA GLY A 400 -2.58 -18.87 2.78
C GLY A 400 -2.23 -19.83 3.85
N GLN A 401 -2.70 -19.61 5.06
CA GLN A 401 -2.50 -20.52 6.16
C GLN A 401 -3.15 -21.87 5.89
N PHE A 402 -4.30 -21.82 5.23
CA PHE A 402 -5.10 -22.98 5.01
C PHE A 402 -4.42 -23.84 4.02
N ALA A 403 -3.91 -23.20 2.98
CA ALA A 403 -3.19 -23.88 1.95
C ALA A 403 -1.91 -24.53 2.43
N PHE A 404 -1.16 -23.82 3.23
CA PHE A 404 -0.05 -24.40 3.93
C PHE A 404 -0.40 -25.58 4.89
N HIS A 405 -1.38 -25.44 5.77
CA HIS A 405 -1.65 -26.46 6.80
C HIS A 405 -2.55 -27.62 6.35
N VAL A 406 -3.62 -27.30 5.68
CA VAL A 406 -4.52 -28.30 5.13
C VAL A 406 -4.11 -28.78 3.72
N GLY A 407 -3.87 -27.80 2.85
CA GLY A 407 -3.51 -28.11 1.50
C GLY A 407 -4.60 -28.77 0.68
N LEU A 408 -5.84 -28.38 0.91
CA LEU A 408 -6.97 -28.84 0.14
C LEU A 408 -7.65 -27.68 -0.54
N PRO A 409 -8.27 -27.78 -1.71
CA PRO A 409 -9.07 -26.68 -2.20
C PRO A 409 -10.38 -26.60 -1.38
N ALA A 410 -10.72 -25.41 -0.93
CA ALA A 410 -11.88 -25.23 -0.12
C ALA A 410 -12.45 -23.82 -0.24
N LYS A 411 -13.76 -23.73 -0.20
CA LYS A 411 -14.47 -22.47 -0.17
C LYS A 411 -15.30 -22.35 1.09
N SER A 412 -15.26 -21.21 1.74
CA SER A 412 -16.19 -20.96 2.83
C SER A 412 -17.17 -19.85 2.48
N GLY A 413 -18.22 -19.81 3.30
CA GLY A 413 -19.32 -18.93 3.23
C GLY A 413 -19.75 -18.55 4.61
N VAL A 414 -20.55 -17.51 4.65
CA VAL A 414 -20.84 -16.78 5.86
C VAL A 414 -21.95 -17.46 6.68
N ALA A 415 -22.64 -18.41 6.05
CA ALA A 415 -23.56 -19.25 6.75
C ALA A 415 -22.90 -20.38 7.54
N GLY A 416 -21.58 -20.47 7.53
CA GLY A 416 -20.88 -21.57 8.12
C GLY A 416 -20.52 -22.77 7.25
N GLY A 417 -20.82 -22.74 5.97
CA GLY A 417 -20.40 -23.78 5.05
C GLY A 417 -18.93 -23.80 4.75
N ILE A 418 -18.28 -24.96 4.68
CA ILE A 418 -17.04 -25.09 3.96
C ILE A 418 -17.15 -26.24 2.99
N LEU A 419 -16.98 -25.90 1.72
CA LEU A 419 -17.03 -26.86 0.66
C LEU A 419 -15.62 -27.33 0.40
N LEU A 420 -15.37 -28.61 0.57
CA LEU A 420 -14.03 -29.12 0.61
C LEU A 420 -13.79 -30.21 -0.42
N VAL A 421 -12.71 -30.13 -1.15
CA VAL A 421 -12.46 -31.13 -2.16
C VAL A 421 -11.15 -31.82 -1.85
N VAL A 422 -11.14 -33.13 -2.00
CA VAL A 422 -9.93 -33.86 -1.95
C VAL A 422 -9.82 -34.50 -3.30
N PRO A 423 -9.00 -34.00 -4.22
CA PRO A 423 -8.93 -34.43 -5.59
C PRO A 423 -8.76 -35.91 -5.67
N ASN A 424 -9.56 -36.53 -6.51
CA ASN A 424 -9.45 -37.93 -6.81
C ASN A 424 -9.97 -38.84 -5.73
N VAL A 425 -10.58 -38.25 -4.67
CA VAL A 425 -10.96 -39.01 -3.50
C VAL A 425 -12.38 -38.68 -3.03
N MET A 426 -12.70 -37.44 -2.77
CA MET A 426 -14.05 -37.15 -2.37
C MET A 426 -14.34 -35.67 -2.28
N GLY A 427 -15.60 -35.40 -2.04
CA GLY A 427 -16.12 -34.12 -1.77
C GLY A 427 -16.78 -34.07 -0.45
N MET A 428 -16.74 -32.92 0.13
CA MET A 428 -17.24 -32.75 1.43
C MET A 428 -17.96 -31.46 1.53
N MET A 429 -18.95 -31.47 2.43
CA MET A 429 -19.51 -30.27 2.91
C MET A 429 -19.66 -30.30 4.46
N CYS A 430 -19.10 -29.26 5.06
CA CYS A 430 -19.02 -29.07 6.48
C CYS A 430 -19.85 -27.88 6.81
N TRP A 431 -20.68 -27.97 7.83
CA TRP A 431 -21.50 -26.83 8.16
C TRP A 431 -21.64 -26.64 9.62
N SER A 432 -21.26 -25.46 10.07
CA SER A 432 -21.67 -25.02 11.36
C SER A 432 -21.75 -23.51 11.35
N PRO A 433 -22.75 -22.86 11.98
CA PRO A 433 -22.88 -21.45 11.72
C PRO A 433 -21.90 -20.56 12.50
N PRO A 434 -21.29 -20.83 13.66
CA PRO A 434 -20.42 -19.85 14.23
C PRO A 434 -19.14 -19.66 13.41
N LEU A 435 -18.77 -18.40 13.21
CA LEU A 435 -17.60 -18.07 12.43
C LEU A 435 -16.59 -17.44 13.34
N ASP A 436 -15.34 -17.64 13.00
CA ASP A 436 -14.27 -16.94 13.61
C ASP A 436 -14.11 -15.59 12.97
N LYS A 437 -13.09 -14.84 13.37
CA LYS A 437 -12.99 -13.48 12.94
C LYS A 437 -12.38 -13.34 11.54
N MET A 438 -12.02 -14.46 10.91
CA MET A 438 -11.73 -14.50 9.49
C MET A 438 -12.98 -14.80 8.66
N GLY A 439 -14.07 -15.13 9.31
CA GLY A 439 -15.31 -15.45 8.68
C GLY A 439 -15.53 -16.88 8.32
N ASN A 440 -14.72 -17.81 8.83
CA ASN A 440 -14.89 -19.22 8.53
C ASN A 440 -15.41 -19.97 9.72
N SER A 441 -16.25 -20.95 9.45
CA SER A 441 -16.77 -21.85 10.45
C SER A 441 -15.68 -22.45 11.32
N VAL A 442 -15.82 -22.28 12.63
CA VAL A 442 -14.81 -22.71 13.56
C VAL A 442 -14.68 -24.23 13.57
N LYS A 443 -15.82 -24.90 13.58
CA LYS A 443 -15.84 -26.34 13.58
C LYS A 443 -15.37 -26.93 12.29
N GLY A 444 -15.69 -26.25 11.20
CA GLY A 444 -15.15 -26.51 9.92
C GLY A 444 -13.67 -26.48 9.85
N ILE A 445 -13.09 -25.38 10.30
CA ILE A 445 -11.66 -25.21 10.33
C ILE A 445 -10.96 -26.23 11.22
N HIS A 446 -11.53 -26.49 12.38
CA HIS A 446 -11.01 -27.51 13.24
C HIS A 446 -11.05 -28.93 12.60
N PHE A 447 -12.18 -29.26 12.01
CA PHE A 447 -12.36 -30.49 11.31
C PHE A 447 -11.38 -30.67 10.13
N CYS A 448 -11.18 -29.64 9.34
CA CYS A 448 -10.25 -29.68 8.24
C CYS A 448 -8.79 -29.96 8.69
N HIS A 449 -8.33 -29.27 9.73
CA HIS A 449 -7.02 -29.51 10.29
C HIS A 449 -6.82 -30.94 10.81
N ASP A 450 -7.84 -31.47 11.50
CA ASP A 450 -7.83 -32.81 12.01
C ASP A 450 -7.79 -33.87 10.90
N LEU A 451 -8.59 -33.65 9.86
CA LEU A 451 -8.64 -34.53 8.71
C LEU A 451 -7.28 -34.74 8.05
N VAL A 452 -6.58 -33.62 7.83
CA VAL A 452 -5.25 -33.60 7.29
C VAL A 452 -4.22 -34.29 8.18
N SER A 453 -4.37 -34.13 9.49
CA SER A 453 -3.43 -34.69 10.42
C SER A 453 -3.60 -36.19 10.51
N LEU A 454 -4.84 -36.62 10.42
CA LEU A 454 -5.13 -38.03 10.32
C LEU A 454 -4.73 -38.71 9.01
N CYS A 455 -4.84 -38.03 7.87
CA CYS A 455 -4.65 -38.75 6.63
C CYS A 455 -3.84 -37.96 5.65
N ASN A 456 -3.47 -38.67 4.63
CA ASN A 456 -2.44 -38.29 3.70
C ASN A 456 -2.95 -37.48 2.53
N PHE A 457 -4.17 -37.04 2.71
CA PHE A 457 -4.87 -36.15 1.84
C PHE A 457 -4.23 -34.80 1.54
N HIS A 458 -3.34 -34.22 2.39
CA HIS A 458 -2.74 -32.90 2.05
C HIS A 458 -2.30 -32.85 0.60
N ASN A 459 -2.24 -31.66 0.05
CA ASN A 459 -1.76 -31.53 -1.34
C ASN A 459 -0.38 -32.18 -1.62
N TYR A 460 0.58 -31.83 -0.79
CA TYR A 460 1.96 -32.20 -0.89
C TYR A 460 2.39 -33.27 0.13
N ASP A 461 1.43 -33.93 0.73
CA ASP A 461 1.62 -35.29 1.22
C ASP A 461 2.03 -36.29 0.11
N ASN A 462 3.09 -37.00 0.37
CA ASN A 462 3.58 -38.13 -0.41
C ASN A 462 2.68 -39.38 -0.36
N LEU A 463 2.20 -39.86 -1.51
CA LEU A 463 1.45 -41.11 -1.59
C LEU A 463 2.25 -42.34 -1.09
N ARG A 464 3.52 -42.43 -1.44
CA ARG A 464 4.32 -43.55 -0.98
C ARG A 464 4.90 -43.47 0.47
N HIS A 465 5.45 -42.31 0.87
CA HIS A 465 5.98 -42.11 2.22
C HIS A 465 5.27 -40.99 3.03
N PHE A 466 4.49 -41.41 3.99
CA PHE A 466 3.78 -40.54 4.91
C PHE A 466 4.05 -41.01 6.33
N ALA A 467 4.65 -40.17 7.15
CA ALA A 467 5.31 -40.74 8.30
C ALA A 467 4.36 -41.47 9.25
N LYS A 468 3.39 -40.80 9.79
CA LYS A 468 2.40 -41.51 10.54
C LYS A 468 1.12 -40.90 10.21
N LYS A 469 0.48 -41.52 9.30
CA LYS A 469 -0.72 -41.05 8.77
C LYS A 469 -1.31 -42.22 8.10
N LEU A 470 -2.57 -42.07 7.83
CA LEU A 470 -3.40 -43.13 7.41
C LEU A 470 -3.83 -42.85 6.01
N ASP A 471 -3.99 -43.91 5.24
CA ASP A 471 -4.35 -43.76 3.90
C ASP A 471 -5.49 -44.68 3.62
N PRO A 472 -6.68 -44.04 3.57
CA PRO A 472 -7.94 -44.57 3.10
C PRO A 472 -7.85 -45.29 1.75
N ARG A 473 -7.15 -44.80 0.73
CA ARG A 473 -7.10 -45.49 -0.56
C ARG A 473 -6.46 -46.87 -0.47
N ARG A 474 -5.57 -46.99 0.49
CA ARG A 474 -4.78 -48.18 0.74
C ARG A 474 -5.52 -49.32 1.39
N GLU A 475 -5.43 -50.48 0.74
CA GLU A 475 -6.14 -51.67 1.18
C GLU A 475 -5.71 -52.14 2.56
N GLY A 476 -4.64 -51.54 3.10
CA GLY A 476 -4.24 -51.54 4.51
C GLY A 476 -3.93 -52.81 5.27
N PRO B 67 -9.69 71.57 7.80
CA PRO B 67 -9.65 70.68 9.00
C PRO B 67 -10.66 69.52 8.79
N SER B 68 -11.82 69.78 8.15
CA SER B 68 -12.78 68.74 7.84
C SER B 68 -12.21 67.74 6.84
N LEU B 69 -12.59 66.47 7.01
CA LEU B 69 -12.13 65.38 6.17
C LEU B 69 -12.49 65.57 4.71
N GLU B 70 -13.74 65.90 4.49
CA GLU B 70 -14.26 66.16 3.18
C GLU B 70 -13.50 67.30 2.54
N ASP B 71 -13.26 68.38 3.31
CA ASP B 71 -12.46 69.51 2.87
C ASP B 71 -11.02 69.13 2.48
N LEU B 72 -10.34 68.34 3.35
CA LEU B 72 -8.97 67.94 3.07
C LEU B 72 -8.84 67.17 1.76
N LEU B 73 -9.77 66.24 1.58
CA LEU B 73 -9.85 65.44 0.38
C LEU B 73 -10.18 66.29 -0.84
N PHE B 74 -11.11 67.22 -0.66
CA PHE B 74 -11.45 68.17 -1.70
C PHE B 74 -10.23 68.94 -2.25
N TYR B 75 -9.37 69.40 -1.35
CA TYR B 75 -8.24 70.26 -1.73
C TYR B 75 -7.17 69.48 -2.50
N THR B 76 -6.82 68.28 -1.93
CA THR B 76 -5.95 67.30 -2.59
C THR B 76 -6.42 66.96 -4.01
N ILE B 77 -7.70 66.61 -4.16
CA ILE B 77 -8.21 66.34 -5.51
C ILE B 77 -8.29 67.61 -6.38
N ALA B 78 -8.62 68.75 -5.73
CA ALA B 78 -8.88 70.01 -6.45
C ALA B 78 -7.70 70.53 -7.24
N GLU B 79 -6.48 70.25 -6.72
CA GLU B 79 -5.24 70.74 -7.31
C GLU B 79 -5.17 72.27 -7.28
N GLY B 80 -5.84 72.87 -6.30
CA GLY B 80 -5.78 74.33 -6.29
C GLY B 80 -6.82 75.05 -7.14
N GLN B 81 -7.51 74.34 -8.06
CA GLN B 81 -8.68 74.89 -8.75
C GLN B 81 -9.79 75.18 -7.73
N GLU B 82 -10.90 75.71 -8.22
CA GLU B 82 -12.01 76.08 -7.32
C GLU B 82 -13.11 74.99 -7.43
N LYS B 83 -13.12 74.36 -8.61
CA LYS B 83 -14.10 73.37 -8.96
C LYS B 83 -13.44 72.07 -9.49
N ILE B 84 -14.01 70.92 -9.12
CA ILE B 84 -13.55 69.65 -9.62
C ILE B 84 -14.52 69.19 -10.70
N PRO B 85 -14.17 69.02 -11.99
CA PRO B 85 -15.06 68.42 -12.97
C PRO B 85 -15.40 67.00 -12.50
N VAL B 86 -16.67 66.60 -12.63
CA VAL B 86 -17.09 65.28 -12.24
C VAL B 86 -16.19 64.14 -12.83
N HIS B 87 -15.75 64.28 -14.08
CA HIS B 87 -14.91 63.28 -14.71
C HIS B 87 -13.52 63.19 -14.10
N LYS B 88 -13.03 64.31 -13.58
CA LYS B 88 -11.77 64.35 -12.88
C LYS B 88 -11.79 63.52 -11.60
N PHE B 89 -12.87 63.63 -10.84
CA PHE B 89 -13.04 62.81 -9.65
C PHE B 89 -13.23 61.32 -9.99
N ILE B 90 -14.05 61.00 -10.98
CA ILE B 90 -14.27 59.63 -11.38
C ILE B 90 -12.99 58.93 -11.79
N THR B 91 -12.19 59.63 -12.59
CA THR B 91 -10.95 59.12 -13.07
C THR B 91 -9.99 58.83 -11.92
N ALA B 92 -9.79 59.82 -11.06
CA ALA B 92 -8.97 59.68 -9.88
C ALA B 92 -9.38 58.47 -9.01
N LEU B 93 -10.68 58.33 -8.81
CA LEU B 93 -11.25 57.25 -8.07
C LEU B 93 -10.94 55.90 -8.74
N LYS B 94 -11.19 55.83 -10.03
CA LYS B 94 -10.94 54.63 -10.78
C LYS B 94 -9.48 54.16 -10.69
N SER B 95 -8.55 55.08 -10.60
CA SER B 95 -7.17 54.71 -10.60
C SER B 95 -6.68 54.25 -9.22
N THR B 96 -7.55 54.30 -8.21
CA THR B 96 -7.23 53.60 -6.99
C THR B 96 -7.55 52.12 -7.08
N GLY B 97 -8.23 51.74 -8.15
CA GLY B 97 -8.66 50.39 -8.37
C GLY B 97 -10.06 50.10 -7.95
N LEU B 98 -10.71 51.00 -7.25
CA LEU B 98 -12.13 50.83 -6.96
C LEU B 98 -12.96 50.99 -8.21
N ARG B 99 -14.07 50.25 -8.31
CA ARG B 99 -15.02 50.52 -9.35
C ARG B 99 -16.14 51.44 -8.83
N THR B 100 -16.82 52.11 -9.74
CA THR B 100 -17.88 53.03 -9.32
C THR B 100 -19.16 52.31 -8.90
N SER B 101 -19.21 51.01 -9.14
CA SER B 101 -20.34 50.20 -8.76
C SER B 101 -20.10 49.43 -7.47
N ASP B 102 -19.05 49.82 -6.76
CA ASP B 102 -18.75 49.31 -5.46
C ASP B 102 -19.91 49.53 -4.49
N PRO B 103 -20.49 48.49 -3.88
CA PRO B 103 -21.54 48.59 -2.91
C PRO B 103 -21.31 49.65 -1.82
N ARG B 104 -20.07 49.84 -1.41
CA ARG B 104 -19.76 50.77 -0.35
C ARG B 104 -19.76 52.24 -0.80
N LEU B 105 -19.83 52.46 -2.09
CA LEU B 105 -19.81 53.79 -2.65
C LEU B 105 -21.16 54.19 -3.19
N LYS B 106 -22.21 53.44 -2.84
CA LYS B 106 -23.54 53.65 -3.40
C LYS B 106 -24.12 55.04 -3.10
N GLU B 107 -24.03 55.48 -1.85
CA GLU B 107 -24.48 56.80 -1.47
C GLU B 107 -23.88 57.93 -2.32
N CYS B 108 -22.57 57.89 -2.45
CA CYS B 108 -21.82 58.85 -3.22
C CYS B 108 -22.21 58.86 -4.69
N MET B 109 -22.36 57.70 -5.27
CA MET B 109 -22.74 57.63 -6.66
C MET B 109 -24.20 58.03 -6.90
N ASP B 110 -25.05 57.73 -5.93
CA ASP B 110 -26.44 58.17 -5.93
C ASP B 110 -26.54 59.70 -5.89
N MET B 111 -25.68 60.30 -5.06
CA MET B 111 -25.59 61.73 -4.93
C MET B 111 -25.11 62.40 -6.18
N LEU B 112 -24.14 61.79 -6.82
CA LEU B 112 -23.62 62.31 -8.06
C LEU B 112 -24.67 62.24 -9.14
N ARG B 113 -25.42 61.16 -9.13
CA ARG B 113 -26.51 61.01 -10.09
C ARG B 113 -27.59 62.13 -9.94
N LEU B 114 -27.97 62.41 -8.69
CA LEU B 114 -28.79 63.57 -8.30
C LEU B 114 -28.27 64.90 -8.84
N THR B 115 -27.05 65.26 -8.49
CA THR B 115 -26.54 66.55 -8.89
C THR B 115 -26.28 66.62 -10.43
N LEU B 116 -26.14 65.46 -11.07
CA LEU B 116 -26.11 65.38 -12.53
C LEU B 116 -27.49 65.65 -13.20
N GLN B 117 -28.62 65.24 -12.56
CA GLN B 117 -29.97 65.56 -13.09
C GLN B 117 -30.19 67.09 -13.32
N THR B 118 -29.71 67.92 -12.34
CA THR B 118 -29.61 69.39 -12.50
C THR B 118 -28.78 69.83 -13.75
N VAL B 123 -21.76 69.92 -14.18
CA VAL B 123 -20.66 68.96 -14.16
C VAL B 123 -19.62 69.33 -13.10
N MET B 124 -19.44 70.60 -12.86
CA MET B 124 -18.41 71.07 -11.99
C MET B 124 -18.88 71.10 -10.54
N LEU B 125 -18.08 70.55 -9.64
CA LEU B 125 -18.46 70.38 -8.25
C LEU B 125 -17.64 71.32 -7.40
N ASP B 126 -18.27 72.25 -6.71
CA ASP B 126 -17.53 73.08 -5.80
C ASP B 126 -17.37 72.38 -4.46
N LYS B 127 -16.62 72.99 -3.58
CA LYS B 127 -16.29 72.43 -2.28
C LYS B 127 -17.51 71.90 -1.50
N ASP B 128 -18.63 72.61 -1.63
CA ASP B 128 -19.83 72.36 -0.83
C ASP B 128 -20.68 71.22 -1.45
N LEU B 129 -20.73 71.22 -2.78
CA LEU B 129 -21.43 70.22 -3.54
C LEU B 129 -20.73 68.84 -3.49
N PHE B 130 -19.40 68.88 -3.64
CA PHE B 130 -18.56 67.75 -3.41
C PHE B 130 -18.74 67.16 -2.01
N LYS B 131 -18.77 68.02 -1.00
CA LYS B 131 -18.83 67.56 0.38
C LYS B 131 -20.14 66.81 0.61
N LYS B 132 -21.18 67.34 -0.02
CA LYS B 132 -22.48 66.74 -0.02
C LYS B 132 -22.52 65.37 -0.73
N CYS B 133 -21.83 65.24 -1.87
CA CYS B 133 -21.73 63.95 -2.54
C CYS B 133 -20.92 62.87 -1.78
N VAL B 134 -19.83 63.26 -1.14
CA VAL B 134 -18.88 62.28 -0.67
C VAL B 134 -18.92 62.06 0.84
N GLN B 135 -19.75 62.76 1.58
CA GLN B 135 -19.61 62.71 3.03
C GLN B 135 -19.92 61.33 3.64
N SER B 136 -20.89 60.63 3.03
CA SER B 136 -21.33 59.33 3.51
C SER B 136 -20.27 58.25 3.37
N ASN B 137 -19.33 58.47 2.48
CA ASN B 137 -18.36 57.44 2.13
C ASN B 137 -16.94 58.00 2.24
N ILE B 138 -16.78 59.01 3.09
CA ILE B 138 -15.54 59.78 3.23
C ILE B 138 -14.33 58.96 3.73
N VAL B 139 -14.55 58.09 4.69
CA VAL B 139 -13.52 57.23 5.22
C VAL B 139 -12.88 56.37 4.12
N LEU B 140 -13.72 55.66 3.38
CA LEU B 140 -13.28 54.80 2.32
C LEU B 140 -12.56 55.59 1.20
N LEU B 141 -13.16 56.69 0.79
CA LEU B 141 -12.60 57.52 -0.24
C LEU B 141 -11.23 58.12 0.16
N THR B 142 -11.09 58.51 1.41
CA THR B 142 -9.85 59.02 1.89
C THR B 142 -8.77 57.98 1.84
N GLN B 143 -9.11 56.79 2.29
CA GLN B 143 -8.21 55.67 2.28
C GLN B 143 -7.67 55.39 0.88
N ALA B 144 -8.55 55.49 -0.08
CA ALA B 144 -8.21 55.30 -1.46
C ALA B 144 -7.23 56.37 -1.96
N PHE B 145 -7.55 57.62 -1.68
CA PHE B 145 -6.85 58.77 -2.19
C PHE B 145 -5.54 59.11 -1.43
N ARG B 146 -5.47 58.71 -0.16
CA ARG B 146 -4.30 58.81 0.70
C ARG B 146 -3.23 57.79 0.34
N ARG B 147 -3.68 56.60 -0.06
CA ARG B 147 -2.87 55.53 -0.64
C ARG B 147 -2.67 54.48 0.36
N LYS B 148 -3.73 54.22 1.07
CA LYS B 148 -3.68 53.38 2.21
C LYS B 148 -4.19 51.98 1.91
N PHE B 149 -4.50 51.72 0.64
CA PHE B 149 -4.94 50.41 0.26
C PHE B 149 -3.75 49.45 0.14
N VAL B 150 -4.07 48.18 0.22
CA VAL B 150 -3.10 47.15 0.42
C VAL B 150 -2.04 47.14 -0.65
N ILE B 151 -2.47 47.43 -1.89
CA ILE B 151 -1.58 47.79 -2.97
C ILE B 151 -1.80 49.27 -3.32
N PRO B 152 -0.89 50.21 -2.95
CA PRO B 152 -1.06 51.63 -3.22
C PRO B 152 -0.95 51.96 -4.69
N ASP B 153 0.02 51.44 -5.44
CA ASP B 153 0.14 51.76 -6.85
C ASP B 153 -0.51 50.66 -7.71
N PHE B 154 -1.83 50.64 -7.71
CA PHE B 154 -2.61 49.60 -8.32
C PHE B 154 -2.51 49.57 -9.86
N MET B 155 -2.28 50.72 -10.50
CA MET B 155 -2.12 50.79 -11.95
C MET B 155 -0.88 50.06 -12.43
N SER B 156 0.19 50.24 -11.70
CA SER B 156 1.42 49.54 -11.97
C SER B 156 1.25 48.03 -11.82
N PHE B 157 0.54 47.65 -10.79
CA PHE B 157 0.28 46.28 -10.46
C PHE B 157 -0.56 45.59 -11.52
N THR B 158 -1.56 46.29 -12.01
CA THR B 158 -2.42 45.76 -13.03
C THR B 158 -1.69 45.62 -14.37
N SER B 159 -0.72 46.49 -14.62
CA SER B 159 0.16 46.38 -15.76
C SER B 159 0.96 45.07 -15.73
N HIS B 160 1.48 44.76 -14.55
CA HIS B 160 2.14 43.51 -14.31
C HIS B 160 1.23 42.28 -14.46
N ILE B 161 0.02 42.36 -13.93
CA ILE B 161 -0.96 41.31 -14.10
C ILE B 161 -1.29 41.07 -15.56
N ASP B 162 -1.33 42.14 -16.32
CA ASP B 162 -1.58 42.06 -17.74
C ASP B 162 -0.49 41.29 -18.49
N GLU B 163 0.75 41.57 -18.16
CA GLU B 163 1.88 40.84 -18.68
C GLU B 163 1.83 39.37 -18.38
N LEU B 164 1.50 39.03 -17.12
CA LEU B 164 1.44 37.64 -16.71
C LEU B 164 0.33 36.92 -17.42
N TYR B 165 -0.77 37.60 -17.62
CA TYR B 165 -1.89 37.05 -18.39
C TYR B 165 -1.48 36.73 -19.84
N GLU B 166 -0.85 37.70 -20.50
CA GLU B 166 -0.42 37.60 -21.88
C GLU B 166 0.56 36.45 -22.04
N SER B 167 1.44 36.34 -21.07
CA SER B 167 2.47 35.36 -21.07
C SER B 167 1.87 33.95 -20.93
N ALA B 168 0.89 33.80 -20.06
CA ALA B 168 0.23 32.52 -19.93
C ALA B 168 -0.63 32.17 -21.15
N LYS B 169 -1.20 33.19 -21.80
CA LYS B 169 -1.99 33.01 -23.00
C LYS B 169 -1.32 32.17 -24.10
N LYS B 170 -0.01 32.33 -24.21
CA LYS B 170 0.79 31.67 -25.22
C LYS B 170 0.79 30.14 -25.06
N GLN B 171 0.66 29.68 -23.80
CA GLN B 171 0.62 28.28 -23.45
C GLN B 171 -0.65 27.56 -23.94
N SER B 172 -0.56 26.94 -25.09
CA SER B 172 -1.70 26.33 -25.75
C SER B 172 -1.92 24.84 -25.43
N GLY B 173 -1.02 24.24 -24.62
CA GLY B 173 -1.11 22.84 -24.20
C GLY B 173 -2.39 22.47 -23.46
N GLY B 174 -2.64 21.19 -23.17
CA GLY B 174 -3.78 20.89 -22.37
C GLY B 174 -4.94 20.30 -23.10
N LYS B 175 -5.77 19.51 -22.41
CA LYS B 175 -6.99 18.99 -23.01
C LYS B 175 -8.21 19.53 -22.25
N VAL B 176 -9.24 19.96 -22.95
CA VAL B 176 -10.47 20.33 -22.29
C VAL B 176 -11.19 19.09 -21.80
N ALA B 177 -11.74 19.15 -20.58
CA ALA B 177 -12.46 18.05 -19.99
C ALA B 177 -13.70 17.66 -20.79
N ASP B 178 -13.75 16.39 -21.20
CA ASP B 178 -14.74 15.95 -22.13
C ASP B 178 -15.70 14.94 -21.53
N TYR B 179 -15.55 14.64 -20.24
CA TYR B 179 -16.39 13.62 -19.64
C TYR B 179 -17.87 13.94 -19.63
N ILE B 180 -18.22 15.23 -19.68
CA ILE B 180 -19.57 15.60 -20.01
C ILE B 180 -19.57 16.66 -21.10
N PRO B 181 -20.65 16.73 -21.92
CA PRO B 181 -20.80 17.65 -23.04
C PRO B 181 -20.59 19.10 -22.63
N GLN B 182 -21.10 19.49 -21.50
CA GLN B 182 -21.12 20.87 -21.10
C GLN B 182 -19.71 21.43 -20.99
N LEU B 183 -18.82 20.62 -20.40
CA LEU B 183 -17.42 20.97 -20.25
C LEU B 183 -16.71 20.91 -21.58
N ALA B 184 -16.99 19.84 -22.35
CA ALA B 184 -16.35 19.64 -23.63
C ALA B 184 -16.66 20.75 -24.65
N LYS B 185 -17.79 21.43 -24.46
CA LYS B 185 -18.24 22.47 -25.37
C LYS B 185 -17.42 23.78 -25.28
N PHE B 186 -16.69 23.99 -24.19
CA PHE B 186 -15.99 25.27 -23.99
C PHE B 186 -14.75 25.31 -24.84
N SER B 187 -14.45 26.50 -25.38
CA SER B 187 -13.34 26.65 -26.31
C SER B 187 -12.01 26.57 -25.57
N PRO B 188 -10.92 26.14 -26.24
CA PRO B 188 -9.63 26.12 -25.56
C PRO B 188 -9.03 27.51 -25.41
N ASP B 189 -9.60 28.50 -26.06
CA ASP B 189 -8.95 29.79 -26.17
C ASP B 189 -9.42 30.77 -25.10
N LEU B 190 -10.43 30.35 -24.36
CA LEU B 190 -10.95 31.11 -23.24
C LEU B 190 -9.97 31.19 -22.09
N TRP B 191 -9.62 32.39 -21.71
CA TRP B 191 -8.67 32.62 -20.70
C TRP B 191 -9.00 33.90 -19.96
N GLY B 192 -9.30 33.80 -18.67
CA GLY B 192 -9.56 34.98 -17.90
C GLY B 192 -8.88 34.98 -16.60
N VAL B 193 -8.61 36.18 -16.11
CA VAL B 193 -8.02 36.36 -14.82
C VAL B 193 -8.62 37.59 -14.19
N SER B 194 -9.04 37.45 -12.93
CA SER B 194 -9.63 38.52 -12.17
C SER B 194 -9.03 38.63 -10.78
N VAL B 195 -8.79 39.87 -10.37
CA VAL B 195 -8.20 40.18 -9.10
C VAL B 195 -9.22 41.00 -8.32
N CYS B 196 -9.43 40.62 -7.05
CA CYS B 196 -10.08 41.46 -6.10
C CYS B 196 -9.21 41.55 -4.87
N THR B 197 -8.87 42.75 -4.53
CA THR B 197 -8.06 43.03 -3.40
C THR B 197 -8.87 42.97 -2.09
N VAL B 198 -8.20 42.78 -0.97
CA VAL B 198 -8.89 42.78 0.31
C VAL B 198 -9.45 44.16 0.67
N ASP B 199 -9.01 45.20 -0.03
CA ASP B 199 -9.62 46.52 0.03
C ASP B 199 -10.63 46.75 -1.08
N GLY B 200 -10.87 45.77 -1.90
CA GLY B 200 -11.80 45.90 -2.96
C GLY B 200 -11.29 46.46 -4.25
N GLN B 201 -10.01 46.62 -4.46
CA GLN B 201 -9.47 47.01 -5.75
C GLN B 201 -9.60 45.90 -6.79
N ARG B 202 -10.20 46.23 -7.93
CA ARG B 202 -10.61 45.23 -8.89
C ARG B 202 -9.95 45.41 -10.28
N HIS B 203 -9.41 44.31 -10.84
CA HIS B 203 -8.86 44.28 -12.19
C HIS B 203 -9.18 42.98 -12.92
N SER B 204 -9.28 43.05 -14.25
CA SER B 204 -9.63 41.91 -15.06
C SER B 204 -8.90 41.96 -16.42
N THR B 205 -8.51 40.79 -16.93
CA THR B 205 -8.08 40.66 -18.31
C THR B 205 -8.65 39.38 -18.85
N GLY B 206 -8.93 39.36 -20.14
CA GLY B 206 -9.51 38.21 -20.76
C GLY B 206 -10.98 38.01 -20.48
N ASP B 207 -11.38 36.76 -20.55
CA ASP B 207 -12.76 36.37 -20.54
C ASP B 207 -13.30 36.23 -19.10
N THR B 208 -13.50 37.38 -18.48
CA THR B 208 -13.74 37.44 -17.08
C THR B 208 -15.23 37.46 -16.74
N LYS B 209 -16.05 37.50 -17.76
CA LYS B 209 -17.48 37.69 -17.62
C LYS B 209 -18.28 36.49 -18.08
N VAL B 210 -17.63 35.56 -18.74
CA VAL B 210 -18.27 34.32 -19.18
C VAL B 210 -18.65 33.44 -17.98
N PRO B 211 -19.80 32.78 -17.84
CA PRO B 211 -19.94 31.90 -16.71
C PRO B 211 -19.38 30.49 -16.99
N PHE B 212 -19.02 29.82 -15.92
CA PHE B 212 -18.61 28.46 -15.95
C PHE B 212 -18.78 27.90 -14.55
N CYS B 213 -18.74 26.60 -14.46
CA CYS B 213 -19.08 25.91 -13.24
C CYS B 213 -17.89 25.81 -12.36
N LEU B 214 -18.14 25.87 -11.07
CA LEU B 214 -17.09 25.79 -10.12
C LEU B 214 -16.51 24.40 -10.09
N GLN B 215 -17.33 23.38 -10.26
CA GLN B 215 -16.87 22.04 -10.01
C GLN B 215 -16.20 21.94 -8.64
N SER B 216 -15.04 21.32 -8.58
CA SER B 216 -14.28 21.12 -7.34
C SER B 216 -13.87 22.42 -6.63
N CYS B 217 -13.64 23.50 -7.38
CA CYS B 217 -13.49 24.83 -6.79
C CYS B 217 -14.50 25.17 -5.64
N VAL B 218 -15.68 24.49 -5.61
CA VAL B 218 -16.72 24.69 -4.61
C VAL B 218 -16.44 24.02 -3.27
N LYS B 219 -15.49 23.11 -3.28
CA LYS B 219 -15.13 22.33 -2.14
C LYS B 219 -14.65 23.17 -0.97
N PRO B 220 -13.73 24.15 -1.07
CA PRO B 220 -13.38 24.97 0.06
C PRO B 220 -14.56 25.78 0.61
N LEU B 221 -15.44 26.22 -0.28
CA LEU B 221 -16.48 27.15 0.05
C LEU B 221 -17.54 26.51 0.93
N LYS B 222 -17.89 25.28 0.62
CA LYS B 222 -18.89 24.57 1.36
C LYS B 222 -18.31 23.99 2.65
N TYR B 223 -17.03 23.63 2.60
CA TYR B 223 -16.26 23.35 3.78
C TYR B 223 -16.24 24.56 4.74
N ALA B 224 -16.11 25.76 4.19
CA ALA B 224 -16.13 26.99 4.97
C ALA B 224 -17.47 27.19 5.67
N ILE B 225 -18.52 26.95 4.91
CA ILE B 225 -19.88 27.04 5.36
C ILE B 225 -20.14 26.10 6.54
N ALA B 226 -19.72 24.85 6.40
CA ALA B 226 -19.94 23.84 7.38
C ALA B 226 -19.27 24.20 8.72
N VAL B 227 -17.99 24.62 8.64
CA VAL B 227 -17.22 25.08 9.78
C VAL B 227 -17.76 26.35 10.37
N ASN B 228 -18.19 27.27 9.53
CA ASN B 228 -18.88 28.47 9.96
C ASN B 228 -20.06 28.18 10.92
N ASP B 229 -20.82 27.17 10.53
CA ASP B 229 -22.11 26.89 11.10
C ASP B 229 -22.04 25.91 12.29
N LEU B 230 -21.01 25.06 12.32
CA LEU B 230 -20.93 23.92 13.18
C LEU B 230 -19.63 23.88 14.01
N GLY B 231 -18.63 24.65 13.60
CA GLY B 231 -17.32 24.59 14.23
C GLY B 231 -16.38 23.52 13.73
N THR B 232 -15.12 23.67 14.02
CA THR B 232 -14.07 22.73 13.62
C THR B 232 -14.28 21.30 14.13
N GLU B 233 -14.64 21.21 15.37
CA GLU B 233 -14.72 19.97 16.08
C GLU B 233 -15.78 19.07 15.49
N TYR B 234 -16.99 19.60 15.31
CA TYR B 234 -18.04 18.82 14.70
C TYR B 234 -17.72 18.36 13.28
N VAL B 235 -17.20 19.24 12.46
CA VAL B 235 -16.88 18.91 11.09
C VAL B 235 -15.82 17.80 11.00
N HIS B 236 -14.79 17.93 11.82
CA HIS B 236 -13.67 17.06 11.79
C HIS B 236 -13.90 15.74 12.52
N ARG B 237 -15.05 15.58 13.20
CA ARG B 237 -15.57 14.26 13.49
C ARG B 237 -15.81 13.39 12.22
N TYR B 238 -16.10 14.04 11.11
CA TYR B 238 -16.58 13.34 9.95
C TYR B 238 -15.55 13.33 8.81
N VAL B 239 -14.58 14.21 8.84
CA VAL B 239 -13.63 14.29 7.78
C VAL B 239 -12.30 14.71 8.35
N GLY B 240 -11.22 14.34 7.69
CA GLY B 240 -9.92 14.61 8.19
C GLY B 240 -9.40 15.95 7.75
N LYS B 241 -8.12 16.16 7.97
CA LYS B 241 -7.54 17.46 7.82
C LYS B 241 -6.11 17.41 7.36
N GLU B 242 -5.71 16.26 6.86
CA GLU B 242 -4.37 16.05 6.39
C GLU B 242 -4.37 15.68 4.91
N PRO B 243 -3.34 15.93 4.09
CA PRO B 243 -3.19 15.41 2.73
C PRO B 243 -3.16 13.87 2.70
N SER B 244 -3.60 13.24 1.61
CA SER B 244 -3.57 11.76 1.52
C SER B 244 -2.18 11.12 1.52
N LEU B 251 -10.68 6.65 -3.14
CA LEU B 251 -11.98 6.23 -2.60
C LEU B 251 -11.74 5.75 -1.15
N PHE B 252 -10.62 5.00 -0.96
CA PHE B 252 -10.02 4.66 0.35
C PHE B 252 -10.11 5.77 1.45
N LEU B 253 -9.96 5.34 2.72
CA LEU B 253 -10.20 6.20 3.86
C LEU B 253 -8.97 6.23 4.79
N ASN B 254 -8.85 7.30 5.59
CA ASN B 254 -7.79 7.41 6.58
C ASN B 254 -7.90 6.38 7.72
N GLU B 255 -6.82 6.32 8.50
CA GLU B 255 -6.66 5.49 9.70
C GLU B 255 -7.99 5.26 10.51
N ASP B 256 -8.77 6.35 10.66
CA ASP B 256 -9.88 6.39 11.61
C ASP B 256 -11.22 6.18 10.89
N ASP B 257 -11.14 5.81 9.60
CA ASP B 257 -12.30 5.62 8.74
C ASP B 257 -13.07 6.93 8.46
N LYS B 258 -12.33 8.03 8.38
CA LYS B 258 -12.86 9.24 7.79
C LYS B 258 -12.24 9.40 6.40
N PRO B 259 -12.87 10.11 5.43
CA PRO B 259 -12.16 10.54 4.24
C PRO B 259 -11.08 11.50 4.71
N HIS B 260 -10.10 11.74 3.86
CA HIS B 260 -8.80 12.22 4.31
C HIS B 260 -8.83 13.69 4.67
N ASN B 261 -9.81 14.38 4.08
CA ASN B 261 -9.84 15.80 3.98
C ASN B 261 -10.97 16.21 3.04
N PRO B 262 -11.65 17.36 3.24
CA PRO B 262 -12.76 17.82 2.45
C PRO B 262 -12.37 18.20 0.99
N MET B 263 -11.12 18.20 0.61
CA MET B 263 -10.76 18.57 -0.72
C MET B 263 -10.82 17.43 -1.70
N VAL B 264 -10.91 16.19 -1.22
CA VAL B 264 -11.16 15.09 -2.13
C VAL B 264 -12.65 14.82 -2.22
N ASN B 265 -13.05 14.07 -3.25
CA ASN B 265 -14.45 13.76 -3.53
C ASN B 265 -15.17 13.08 -2.38
N ALA B 266 -14.54 12.09 -1.78
CA ALA B 266 -15.07 11.43 -0.60
C ALA B 266 -15.37 12.37 0.56
N GLY B 267 -14.47 13.31 0.82
CA GLY B 267 -14.57 14.20 1.92
C GLY B 267 -15.51 15.32 1.68
N ALA B 268 -15.55 15.75 0.43
CA ALA B 268 -16.48 16.73 -0.05
C ALA B 268 -17.91 16.27 0.10
N ILE B 269 -18.14 14.98 -0.17
CA ILE B 269 -19.45 14.36 -0.11
C ILE B 269 -19.93 14.26 1.35
N VAL B 270 -19.03 13.86 2.24
CA VAL B 270 -19.26 13.96 3.65
C VAL B 270 -19.55 15.41 4.12
N VAL B 271 -18.81 16.38 3.61
CA VAL B 271 -19.02 17.77 3.98
C VAL B 271 -20.41 18.25 3.51
N THR B 272 -20.76 17.84 2.30
CA THR B 272 -22.08 18.01 1.73
C THR B 272 -23.20 17.54 2.68
N SER B 273 -23.07 16.33 3.23
CA SER B 273 -24.06 15.82 4.19
C SER B 273 -24.24 16.68 5.46
N LEU B 274 -23.15 17.22 6.00
CA LEU B 274 -23.19 18.12 7.15
C LEU B 274 -24.07 19.41 7.05
N ILE B 275 -24.16 20.01 5.87
CA ILE B 275 -24.74 21.34 5.70
C ILE B 275 -26.26 21.35 5.76
N LYS B 276 -26.82 22.09 6.72
CA LYS B 276 -28.26 22.29 6.88
C LYS B 276 -29.02 20.97 6.89
N GLN B 277 -28.87 20.25 7.99
CA GLN B 277 -29.51 19.00 8.15
C GLN B 277 -30.95 19.16 8.60
N GLY B 278 -31.83 18.34 8.06
CA GLY B 278 -33.18 18.31 8.50
C GLY B 278 -34.08 19.22 7.74
N VAL B 279 -33.64 19.67 6.55
CA VAL B 279 -34.47 20.36 5.60
C VAL B 279 -34.21 19.74 4.27
N ASN B 280 -35.08 19.96 3.30
CA ASN B 280 -34.95 19.30 2.01
C ASN B 280 -33.88 19.92 1.11
N ASN B 281 -33.50 19.19 0.10
CA ASN B 281 -32.53 19.64 -0.91
C ASN B 281 -32.76 21.02 -1.47
N ALA B 282 -33.98 21.35 -1.82
CA ALA B 282 -34.27 22.67 -2.38
C ALA B 282 -33.89 23.83 -1.42
N GLU B 283 -34.33 23.68 -0.18
CA GLU B 283 -33.98 24.54 0.91
C GLU B 283 -32.46 24.66 1.17
N LYS B 284 -31.80 23.51 1.27
CA LYS B 284 -30.35 23.43 1.39
C LYS B 284 -29.60 24.18 0.27
N PHE B 285 -30.05 23.97 -0.94
CA PHE B 285 -29.45 24.60 -2.08
C PHE B 285 -29.61 26.12 -2.06
N ASP B 286 -30.81 26.59 -1.70
CA ASP B 286 -31.08 28.00 -1.51
C ASP B 286 -30.20 28.66 -0.44
N TYR B 287 -30.01 27.98 0.69
CA TYR B 287 -29.09 28.39 1.73
C TYR B 287 -27.62 28.58 1.23
N VAL B 288 -27.11 27.59 0.50
CA VAL B 288 -25.76 27.66 -0.04
C VAL B 288 -25.60 28.81 -1.04
N MET B 289 -26.61 29.00 -1.89
CA MET B 289 -26.63 30.11 -2.81
C MET B 289 -26.61 31.48 -2.14
N GLN B 290 -27.40 31.68 -1.07
CA GLN B 290 -27.39 32.93 -0.32
C GLN B 290 -26.01 33.25 0.24
N PHE B 291 -25.38 32.21 0.77
CA PHE B 291 -24.06 32.28 1.36
C PHE B 291 -23.00 32.63 0.30
N LEU B 292 -23.07 31.97 -0.84
CA LEU B 292 -22.21 32.26 -1.97
C LEU B 292 -22.36 33.69 -2.48
N ASN B 293 -23.59 34.18 -2.47
CA ASN B 293 -23.89 35.57 -2.79
C ASN B 293 -23.17 36.54 -1.86
N LYS B 294 -23.23 36.30 -0.55
CA LYS B 294 -22.53 37.14 0.40
C LYS B 294 -21.03 37.15 0.18
N MET B 295 -20.46 35.98 -0.08
CA MET B 295 -19.04 35.84 -0.37
C MET B 295 -18.58 36.60 -1.64
N ALA B 296 -19.45 36.57 -2.66
CA ALA B 296 -19.20 37.25 -3.91
C ALA B 296 -19.65 38.74 -3.92
N GLY B 297 -20.23 39.23 -2.82
CA GLY B 297 -20.74 40.58 -2.74
C GLY B 297 -21.80 40.88 -3.76
N ASN B 298 -22.67 39.92 -3.89
CA ASN B 298 -23.84 39.95 -4.74
C ASN B 298 -23.50 40.10 -6.23
N GLU B 299 -22.37 39.55 -6.62
CA GLU B 299 -22.08 39.39 -8.02
C GLU B 299 -22.44 38.01 -8.50
N TYR B 300 -22.21 37.75 -9.79
CA TYR B 300 -22.81 36.62 -10.49
C TYR B 300 -22.56 35.27 -9.80
N VAL B 301 -23.64 34.71 -9.25
CA VAL B 301 -23.72 33.31 -8.94
C VAL B 301 -24.97 32.71 -9.58
N GLY B 302 -24.80 31.63 -10.33
CA GLY B 302 -25.82 30.96 -11.10
C GLY B 302 -25.77 29.47 -11.00
N PHE B 303 -26.68 28.79 -11.69
CA PHE B 303 -26.82 27.34 -11.65
C PHE B 303 -26.94 26.76 -13.07
N SER B 304 -26.23 25.68 -13.35
CA SER B 304 -26.36 24.96 -14.62
C SER B 304 -27.06 23.61 -14.47
N ASN B 305 -28.37 23.61 -14.61
CA ASN B 305 -29.17 22.39 -14.70
C ASN B 305 -28.61 21.31 -15.69
N ALA B 306 -28.11 21.75 -16.84
CA ALA B 306 -27.60 20.82 -17.81
C ALA B 306 -26.41 20.03 -17.29
N THR B 307 -25.44 20.76 -16.76
CA THR B 307 -24.31 20.25 -16.04
C THR B 307 -24.75 19.31 -14.92
N PHE B 308 -25.75 19.73 -14.17
CA PHE B 308 -26.26 18.93 -13.11
C PHE B 308 -26.80 17.59 -13.60
N GLN B 309 -27.55 17.61 -14.69
CA GLN B 309 -28.15 16.40 -15.21
C GLN B 309 -27.10 15.39 -15.70
N SER B 310 -26.11 15.90 -16.43
CA SER B 310 -25.05 15.12 -16.97
C SER B 310 -24.15 14.54 -15.90
N GLU B 311 -23.95 15.30 -14.84
CA GLU B 311 -23.18 14.87 -13.70
C GLU B 311 -23.83 13.73 -12.99
N ARG B 312 -25.12 13.82 -12.79
CA ARG B 312 -25.81 12.79 -12.07
C ARG B 312 -25.92 11.53 -12.95
N GLU B 313 -26.13 11.73 -14.29
CA GLU B 313 -26.16 10.65 -15.28
C GLU B 313 -24.87 9.80 -15.28
N SER B 314 -23.76 10.42 -14.94
CA SER B 314 -22.51 9.82 -15.27
C SER B 314 -21.54 9.76 -14.11
N GLY B 315 -22.05 9.72 -12.89
CA GLY B 315 -21.13 9.73 -11.80
C GLY B 315 -21.13 8.49 -11.05
N ASP B 316 -20.76 7.42 -11.73
CA ASP B 316 -20.61 6.10 -11.15
C ASP B 316 -19.54 6.10 -10.08
N ARG B 317 -18.51 6.87 -10.36
CA ARG B 317 -17.50 7.16 -9.38
C ARG B 317 -18.07 7.65 -8.05
N ASN B 318 -18.90 8.67 -8.08
CA ASN B 318 -19.40 9.26 -6.85
C ASN B 318 -20.46 8.41 -6.17
N PHE B 319 -21.23 7.66 -6.98
CA PHE B 319 -22.12 6.60 -6.49
C PHE B 319 -21.37 5.47 -5.74
N ALA B 320 -20.25 5.05 -6.29
CA ALA B 320 -19.34 4.13 -5.63
C ALA B 320 -18.98 4.60 -4.24
N ILE B 321 -18.54 5.86 -4.19
CA ILE B 321 -18.08 6.51 -2.97
C ILE B 321 -19.19 6.64 -1.93
N GLY B 322 -20.38 7.00 -2.36
CA GLY B 322 -21.49 7.14 -1.49
C GLY B 322 -21.96 5.88 -0.82
N TYR B 323 -22.08 4.83 -1.63
CA TYR B 323 -22.34 3.50 -1.13
C TYR B 323 -21.26 3.01 -0.15
N TYR B 324 -20.01 3.26 -0.47
CA TYR B 324 -18.92 2.97 0.43
C TYR B 324 -18.95 3.75 1.78
N LEU B 325 -19.22 5.06 1.72
CA LEU B 325 -19.31 5.89 2.89
C LEU B 325 -20.48 5.43 3.75
N LYS B 326 -21.57 5.04 3.08
CA LYS B 326 -22.74 4.48 3.73
C LYS B 326 -22.43 3.19 4.49
N GLU B 327 -21.90 2.22 3.78
CA GLU B 327 -21.37 0.98 4.35
C GLU B 327 -20.47 1.20 5.58
N LYS B 328 -19.55 2.18 5.47
CA LYS B 328 -18.58 2.46 6.52
C LYS B 328 -19.08 3.44 7.57
N LYS B 329 -20.37 3.82 7.50
CA LYS B 329 -21.04 4.65 8.50
C LYS B 329 -20.43 6.07 8.67
N CYS B 330 -19.96 6.59 7.54
CA CYS B 330 -19.31 7.88 7.42
C CYS B 330 -20.25 9.09 7.59
N PHE B 331 -21.48 8.99 7.13
CA PHE B 331 -22.41 10.09 7.24
C PHE B 331 -22.91 10.35 8.68
N PRO B 332 -23.52 11.52 9.01
CA PRO B 332 -24.24 11.71 10.27
C PRO B 332 -25.57 10.96 10.26
N GLU B 333 -26.01 10.53 11.45
CA GLU B 333 -27.26 9.79 11.64
C GLU B 333 -28.45 10.43 10.91
N GLY B 334 -29.24 9.57 10.26
CA GLY B 334 -30.32 9.97 9.41
C GLY B 334 -30.02 10.67 8.09
N THR B 335 -28.85 10.39 7.51
CA THR B 335 -28.58 10.80 6.14
C THR B 335 -29.24 9.86 5.10
N ASP B 336 -29.97 10.46 4.17
CA ASP B 336 -30.32 9.84 2.92
C ASP B 336 -29.16 10.06 1.93
N MET B 337 -28.35 9.05 1.67
CA MET B 337 -27.14 9.24 0.88
C MET B 337 -27.39 9.63 -0.58
N VAL B 338 -28.37 9.01 -1.20
CA VAL B 338 -28.68 9.24 -2.61
C VAL B 338 -29.08 10.71 -2.82
N GLY B 339 -29.87 11.22 -1.88
CA GLY B 339 -30.21 12.62 -1.80
C GLY B 339 -29.07 13.59 -1.63
N ILE B 340 -28.06 13.20 -0.85
CA ILE B 340 -26.85 13.96 -0.65
C ILE B 340 -25.99 14.00 -1.91
N LEU B 341 -25.95 12.91 -2.66
CA LEU B 341 -25.25 12.88 -3.92
C LEU B 341 -25.87 13.85 -4.90
N ASP B 342 -27.19 13.90 -4.88
CA ASP B 342 -27.96 14.84 -5.71
C ASP B 342 -27.65 16.33 -5.43
N PHE B 343 -27.66 16.70 -4.15
CA PHE B 343 -27.15 17.95 -3.65
C PHE B 343 -25.69 18.21 -4.07
N TYR B 344 -24.81 17.22 -3.86
CA TYR B 344 -23.43 17.30 -4.25
C TYR B 344 -23.24 17.67 -5.72
N PHE B 345 -23.99 17.05 -6.61
CA PHE B 345 -23.91 17.37 -8.01
C PHE B 345 -24.43 18.77 -8.30
N GLN B 346 -25.52 19.20 -7.64
CA GLN B 346 -25.97 20.57 -7.81
C GLN B 346 -24.94 21.62 -7.38
N LEU B 347 -24.18 21.30 -6.34
CA LEU B 347 -23.14 22.14 -5.83
C LEU B 347 -21.99 22.31 -6.80
N CYS B 348 -21.63 21.21 -7.45
CA CYS B 348 -20.59 21.21 -8.47
C CYS B 348 -20.99 22.03 -9.68
N SER B 349 -22.27 22.12 -9.90
CA SER B 349 -22.79 22.69 -11.10
C SER B 349 -23.19 24.14 -10.92
N ILE B 350 -22.75 24.77 -9.84
CA ILE B 350 -22.97 26.18 -9.65
C ILE B 350 -22.03 26.95 -10.58
N GLU B 351 -22.45 28.13 -11.00
CA GLU B 351 -21.73 28.92 -11.96
C GLU B 351 -21.31 30.24 -11.38
N VAL B 352 -20.12 30.65 -11.76
CA VAL B 352 -19.53 31.89 -11.40
C VAL B 352 -18.97 32.54 -12.68
N THR B 353 -18.42 33.71 -12.54
CA THR B 353 -17.47 34.19 -13.50
C THR B 353 -16.16 34.40 -12.76
N CYS B 354 -15.14 34.75 -13.50
CA CYS B 354 -13.88 35.16 -12.93
C CYS B 354 -14.05 36.28 -11.94
N GLU B 355 -14.79 37.29 -12.35
CA GLU B 355 -15.03 38.45 -11.57
C GLU B 355 -15.72 38.18 -10.24
N SER B 356 -16.79 37.39 -10.28
CA SER B 356 -17.53 37.06 -9.10
C SER B 356 -16.74 36.13 -8.19
N ALA B 357 -16.11 35.12 -8.77
CA ALA B 357 -15.30 34.18 -8.02
C ALA B 357 -14.05 34.80 -7.35
N SER B 358 -13.45 35.82 -7.96
CA SER B 358 -12.38 36.58 -7.34
C SER B 358 -12.82 37.29 -6.05
N VAL B 359 -14.03 37.82 -6.03
CA VAL B 359 -14.57 38.38 -4.81
C VAL B 359 -14.67 37.34 -3.66
N MET B 360 -15.14 36.13 -4.02
CA MET B 360 -15.21 35.00 -3.12
C MET B 360 -13.86 34.65 -2.53
N ALA B 361 -12.86 34.60 -3.38
CA ALA B 361 -11.51 34.38 -2.98
C ALA B 361 -10.97 35.48 -2.05
N ALA B 362 -11.39 36.71 -2.32
CA ALA B 362 -11.00 37.89 -1.59
C ALA B 362 -11.61 37.92 -0.18
N THR B 363 -12.79 37.37 -0.06
CA THR B 363 -13.41 37.11 1.17
C THR B 363 -12.55 36.21 2.09
N LEU B 364 -12.05 35.12 1.50
CA LEU B 364 -11.11 34.22 2.14
C LEU B 364 -9.78 34.88 2.53
N ALA B 365 -9.22 35.61 1.58
CA ALA B 365 -8.06 36.45 1.76
C ALA B 365 -8.24 37.54 2.86
N ASN B 366 -9.44 38.07 2.98
CA ASN B 366 -9.77 39.11 3.91
C ASN B 366 -10.22 38.65 5.31
N GLY B 367 -10.19 37.37 5.60
CA GLY B 367 -10.48 36.95 6.94
C GLY B 367 -11.92 36.68 7.23
N GLY B 368 -12.72 36.60 6.19
CA GLY B 368 -14.09 36.30 6.24
C GLY B 368 -14.94 37.47 6.01
N PHE B 369 -14.37 38.63 5.90
CA PHE B 369 -15.10 39.80 5.47
C PHE B 369 -15.07 39.98 3.94
N CYS B 370 -16.23 40.19 3.36
CA CYS B 370 -16.32 40.52 1.97
C CYS B 370 -15.77 41.90 1.66
N PRO B 371 -14.72 42.08 0.89
CA PRO B 371 -14.04 43.33 0.73
C PRO B 371 -14.87 44.41 0.02
N ILE B 372 -15.98 44.09 -0.62
CA ILE B 372 -16.75 45.02 -1.40
C ILE B 372 -18.00 45.43 -0.66
N THR B 373 -18.77 44.52 -0.11
CA THR B 373 -19.81 44.87 0.85
C THR B 373 -19.36 45.39 2.27
N GLY B 374 -18.23 44.91 2.75
CA GLY B 374 -17.84 45.03 4.14
C GLY B 374 -18.49 44.06 5.16
N GLU B 375 -19.34 43.13 4.72
CA GLU B 375 -20.00 42.14 5.58
C GLU B 375 -19.06 41.07 6.11
N ARG B 376 -19.25 40.70 7.40
CA ARG B 376 -18.74 39.44 7.91
C ARG B 376 -19.58 38.28 7.37
N VAL B 377 -18.92 37.38 6.64
CA VAL B 377 -19.58 36.33 5.90
C VAL B 377 -19.21 34.97 6.49
N LEU B 378 -17.95 34.81 6.82
CA LEU B 378 -17.40 33.59 7.37
C LEU B 378 -16.64 33.89 8.66
N SER B 379 -16.69 32.98 9.63
CA SER B 379 -15.95 33.11 10.88
C SER B 379 -14.42 33.02 10.70
N PRO B 380 -13.51 33.62 11.50
CA PRO B 380 -12.07 33.54 11.34
C PRO B 380 -11.54 32.07 11.35
N GLU B 381 -12.15 31.26 12.23
CA GLU B 381 -12.00 29.83 12.24
C GLU B 381 -12.29 29.10 10.89
N ALA B 382 -13.42 29.41 10.28
CA ALA B 382 -13.76 28.87 8.98
C ALA B 382 -12.75 29.18 7.89
N VAL B 383 -12.35 30.41 7.81
CA VAL B 383 -11.42 30.88 6.84
C VAL B 383 -10.01 30.29 7.02
N ARG B 384 -9.53 30.23 8.24
CA ARG B 384 -8.23 29.67 8.52
C ARG B 384 -8.11 28.18 8.14
N ASN B 385 -9.11 27.40 8.50
CA ASN B 385 -9.18 25.99 8.22
C ASN B 385 -9.18 25.70 6.71
N THR B 386 -9.97 26.47 6.02
CA THR B 386 -10.16 26.39 4.60
C THR B 386 -8.88 26.66 3.83
N LEU B 387 -8.16 27.70 4.26
CA LEU B 387 -6.90 28.10 3.67
C LEU B 387 -5.81 27.06 3.91
N SER B 388 -5.82 26.51 5.14
CA SER B 388 -4.97 25.38 5.52
C SER B 388 -5.13 24.20 4.59
N LEU B 389 -6.38 23.79 4.32
CA LEU B 389 -6.68 22.66 3.46
C LEU B 389 -6.46 22.93 1.96
N MET B 390 -6.77 24.13 1.50
CA MET B 390 -6.38 24.59 0.17
C MET B 390 -4.86 24.54 -0.09
N HIS B 391 -4.09 24.75 0.97
CA HIS B 391 -2.65 24.71 0.93
C HIS B 391 -2.14 23.33 0.50
N SER B 392 -2.50 22.34 1.29
CA SER B 392 -1.92 21.05 1.19
C SER B 392 -2.67 20.08 0.24
N CYS B 393 -3.96 20.32 0.00
CA CYS B 393 -4.77 19.37 -0.73
C CYS B 393 -5.55 20.01 -1.87
N GLY B 394 -5.15 21.18 -2.31
CA GLY B 394 -6.02 21.91 -3.18
C GLY B 394 -5.89 21.71 -4.65
N MET B 395 -4.90 21.03 -5.12
CA MET B 395 -4.64 21.00 -6.53
C MET B 395 -4.39 19.57 -6.98
N TYR B 396 -5.24 18.66 -6.50
CA TYR B 396 -5.12 17.23 -6.74
C TYR B 396 -3.70 16.69 -6.59
N ASP B 397 -3.16 15.98 -7.59
CA ASP B 397 -1.86 15.30 -7.36
C ASP B 397 -0.68 16.27 -7.36
N PHE B 398 -0.94 17.49 -7.84
CA PHE B 398 0.02 18.55 -7.88
C PHE B 398 0.05 19.43 -6.59
N SER B 399 -0.75 19.09 -5.58
CA SER B 399 -0.79 19.85 -4.32
C SER B 399 0.56 20.20 -3.67
N GLY B 400 1.38 19.18 -3.44
CA GLY B 400 2.65 19.26 -2.77
C GLY B 400 3.66 20.06 -3.51
N GLN B 401 3.72 19.83 -4.83
CA GLN B 401 4.58 20.58 -5.72
C GLN B 401 4.15 22.02 -5.81
N PHE B 402 2.85 22.24 -5.81
CA PHE B 402 2.30 23.55 -5.88
C PHE B 402 2.57 24.34 -4.60
N ALA B 403 2.45 23.66 -3.47
CA ALA B 403 2.75 24.24 -2.18
C ALA B 403 4.20 24.62 -2.08
N PHE B 404 5.08 23.76 -2.57
CA PHE B 404 6.48 24.04 -2.54
C PHE B 404 6.84 25.23 -3.47
N HIS B 405 6.53 25.14 -4.75
CA HIS B 405 6.88 26.20 -5.67
C HIS B 405 6.03 27.45 -5.60
N VAL B 406 4.71 27.33 -5.45
CA VAL B 406 3.84 28.50 -5.47
C VAL B 406 3.58 29.07 -4.11
N GLY B 407 3.23 28.18 -3.18
CA GLY B 407 3.08 28.53 -1.82
C GLY B 407 1.90 29.37 -1.52
N LEU B 408 0.82 29.23 -2.28
CA LEU B 408 -0.38 30.01 -2.05
C LEU B 408 -1.56 29.08 -1.84
N PRO B 409 -2.59 29.33 -1.03
CA PRO B 409 -3.65 28.36 -0.96
C PRO B 409 -4.49 28.48 -2.24
N ALA B 410 -4.91 27.37 -2.81
CA ALA B 410 -5.66 27.46 -4.03
C ALA B 410 -6.44 26.21 -4.29
N LYS B 411 -7.38 26.28 -5.20
CA LYS B 411 -8.16 25.14 -5.52
C LYS B 411 -8.53 25.16 -6.96
N SER B 412 -8.63 24.01 -7.56
CA SER B 412 -8.98 23.98 -8.95
C SER B 412 -10.11 23.06 -9.18
N GLY B 413 -10.54 23.07 -10.40
CA GLY B 413 -11.61 22.31 -10.82
C GLY B 413 -11.50 22.07 -12.26
N VAL B 414 -12.40 21.22 -12.71
CA VAL B 414 -12.25 20.49 -13.93
C VAL B 414 -12.69 21.31 -15.17
N ALA B 415 -13.48 22.37 -14.94
CA ALA B 415 -13.69 23.36 -15.96
C ALA B 415 -12.52 24.34 -16.14
N GLY B 416 -11.36 24.09 -15.57
CA GLY B 416 -10.31 25.04 -15.62
C GLY B 416 -10.29 26.24 -14.68
N GLY B 417 -11.15 26.34 -13.68
CA GLY B 417 -11.00 27.37 -12.68
C GLY B 417 -9.84 27.11 -11.74
N ILE B 418 -9.08 28.13 -11.33
CA ILE B 418 -8.34 28.04 -10.11
C ILE B 418 -8.70 29.24 -9.26
N LEU B 419 -8.97 29.00 -8.03
CA LEU B 419 -9.33 30.01 -7.12
C LEU B 419 -8.19 30.15 -6.18
N LEU B 420 -7.66 31.34 -6.12
CA LEU B 420 -6.39 31.53 -5.53
C LEU B 420 -6.47 32.62 -4.50
N VAL B 421 -5.85 32.39 -3.37
CA VAL B 421 -5.88 33.32 -2.31
C VAL B 421 -4.47 33.71 -1.99
N VAL B 422 -4.24 34.98 -1.86
CA VAL B 422 -3.00 35.48 -1.37
C VAL B 422 -3.36 36.16 -0.08
N PRO B 423 -3.24 35.49 1.05
CA PRO B 423 -3.76 35.97 2.32
C PRO B 423 -3.35 37.40 2.61
N ASN B 424 -4.31 38.19 3.06
CA ASN B 424 -4.14 39.57 3.44
C ASN B 424 -3.80 40.50 2.26
N VAL B 425 -4.04 40.04 1.02
CA VAL B 425 -3.68 40.81 -0.14
C VAL B 425 -4.77 40.75 -1.19
N MET B 426 -5.08 39.57 -1.69
CA MET B 426 -6.13 39.49 -2.66
C MET B 426 -6.67 38.08 -2.86
N GLY B 427 -7.79 38.02 -3.53
CA GLY B 427 -8.39 36.88 -4.11
C GLY B 427 -8.31 36.93 -5.57
N MET B 428 -8.16 35.80 -6.18
CA MET B 428 -8.00 35.66 -7.61
C MET B 428 -8.87 34.55 -8.16
N MET B 429 -9.48 34.78 -9.34
CA MET B 429 -9.89 33.66 -10.15
C MET B 429 -9.22 33.66 -11.52
N CYS B 430 -8.80 32.48 -11.93
CA CYS B 430 -8.17 32.25 -13.19
C CYS B 430 -8.99 31.21 -13.86
N TRP B 431 -9.28 31.39 -15.13
CA TRP B 431 -9.99 30.36 -15.84
C TRP B 431 -9.47 30.16 -17.24
N SER B 432 -9.24 28.89 -17.53
CA SER B 432 -8.95 28.45 -18.84
C SER B 432 -9.29 26.98 -18.96
N PRO B 433 -10.15 26.55 -19.88
CA PRO B 433 -10.56 25.17 -19.95
C PRO B 433 -9.44 24.13 -20.18
N PRO B 434 -8.40 24.21 -21.01
CA PRO B 434 -7.55 23.02 -21.14
C PRO B 434 -6.78 22.65 -19.86
N LEU B 435 -6.74 21.36 -19.52
CA LEU B 435 -6.05 20.91 -18.35
C LEU B 435 -4.85 20.03 -18.66
N ASP B 436 -3.98 19.94 -17.69
CA ASP B 436 -2.87 19.05 -17.68
C ASP B 436 -3.25 17.72 -17.06
N LYS B 437 -2.38 16.74 -17.20
CA LYS B 437 -2.75 15.41 -16.81
C LYS B 437 -2.96 15.25 -15.29
N MET B 438 -2.54 16.25 -14.51
CA MET B 438 -2.85 16.35 -13.09
C MET B 438 -4.29 16.71 -12.74
N GLY B 439 -5.00 17.26 -13.75
CA GLY B 439 -6.33 17.83 -13.70
C GLY B 439 -6.47 19.37 -13.58
N ASN B 440 -5.42 20.13 -13.81
CA ASN B 440 -5.46 21.56 -13.56
C ASN B 440 -5.23 22.36 -14.83
N SER B 441 -5.74 23.56 -14.84
CA SER B 441 -5.62 24.43 -15.94
C SER B 441 -4.19 24.72 -16.23
N VAL B 442 -3.85 24.62 -17.50
CA VAL B 442 -2.51 24.77 -17.97
C VAL B 442 -2.08 26.19 -17.74
N LYS B 443 -2.87 27.11 -18.26
CA LYS B 443 -2.55 28.50 -18.19
C LYS B 443 -2.65 29.02 -16.81
N GLY B 444 -3.59 28.51 -16.06
CA GLY B 444 -3.76 28.91 -14.68
C GLY B 444 -2.58 28.61 -13.84
N ILE B 445 -2.01 27.42 -14.06
CA ILE B 445 -0.84 26.95 -13.35
C ILE B 445 0.37 27.77 -13.76
N HIS B 446 0.51 27.97 -15.06
CA HIS B 446 1.60 28.75 -15.58
C HIS B 446 1.57 30.18 -15.04
N PHE B 447 0.38 30.75 -15.01
CA PHE B 447 0.14 32.04 -14.44
C PHE B 447 0.53 32.14 -12.93
N CYS B 448 0.14 31.15 -12.13
CA CYS B 448 0.44 31.18 -10.71
C CYS B 448 1.95 31.09 -10.40
N HIS B 449 2.66 30.30 -11.17
CA HIS B 449 4.10 30.24 -11.06
C HIS B 449 4.77 31.58 -11.36
N ASP B 450 4.32 32.21 -12.42
CA ASP B 450 4.80 33.51 -12.83
C ASP B 450 4.57 34.59 -11.81
N LEU B 451 3.39 34.57 -11.21
CA LEU B 451 3.03 35.50 -10.18
C LEU B 451 4.00 35.48 -9.01
N VAL B 452 4.24 34.28 -8.51
CA VAL B 452 5.12 34.05 -7.41
C VAL B 452 6.59 34.33 -7.72
N SER B 453 7.01 34.06 -8.94
CA SER B 453 8.31 34.51 -9.43
C SER B 453 8.48 36.01 -9.28
N LEU B 454 7.53 36.73 -9.82
CA LEU B 454 7.55 38.16 -9.82
C LEU B 454 7.37 38.80 -8.42
N CYS B 455 6.49 38.24 -7.60
CA CYS B 455 6.05 38.90 -6.40
C CYS B 455 6.28 38.06 -5.16
N ASN B 456 6.60 38.76 -4.09
CA ASN B 456 6.94 38.19 -2.81
C ASN B 456 5.86 37.36 -2.11
N PHE B 457 4.64 37.51 -2.51
CA PHE B 457 3.50 36.60 -2.26
C PHE B 457 3.66 35.11 -1.82
N HIS B 458 4.75 34.36 -2.15
CA HIS B 458 4.96 33.02 -1.58
C HIS B 458 4.80 33.04 -0.06
N ASN B 459 4.21 32.02 0.49
CA ASN B 459 4.02 31.94 1.92
C ASN B 459 5.29 32.10 2.79
N TYR B 460 6.36 31.44 2.40
CA TYR B 460 7.65 31.55 3.06
C TYR B 460 8.64 32.47 2.32
N ASP B 461 8.20 33.65 2.05
CA ASP B 461 8.95 34.66 1.37
C ASP B 461 9.01 35.82 2.30
N ASN B 462 10.18 36.14 2.80
CA ASN B 462 10.29 37.18 3.81
C ASN B 462 9.71 38.55 3.36
N LEU B 463 9.05 39.27 4.29
CA LEU B 463 8.58 40.64 4.05
C LEU B 463 9.68 41.70 3.91
N ARG B 464 10.67 41.61 4.79
CA ARG B 464 11.95 42.31 4.69
C ARG B 464 12.92 41.39 3.98
N HIS B 465 13.60 41.81 2.95
CA HIS B 465 14.52 40.88 2.26
C HIS B 465 13.83 39.69 1.53
N PHE B 466 13.19 40.10 0.46
CA PHE B 466 12.97 39.32 -0.75
C PHE B 466 14.24 39.40 -1.57
N ALA B 467 14.48 38.58 -2.57
CA ALA B 467 15.77 38.74 -3.19
C ALA B 467 15.72 39.66 -4.36
N LYS B 468 15.13 39.19 -5.40
CA LYS B 468 14.95 39.96 -6.57
C LYS B 468 13.55 39.70 -6.96
N LYS B 469 12.71 40.68 -6.78
CA LYS B 469 11.30 40.48 -6.75
C LYS B 469 10.68 41.73 -6.16
N LEU B 470 9.45 41.93 -6.63
CA LEU B 470 8.65 43.06 -6.36
C LEU B 470 7.77 42.80 -5.17
N ASP B 471 7.53 43.85 -4.38
CA ASP B 471 6.51 43.84 -3.37
C ASP B 471 5.47 44.90 -3.68
N PRO B 472 4.31 44.60 -4.30
CA PRO B 472 3.26 45.58 -4.56
C PRO B 472 2.63 46.25 -3.31
N ARG B 473 3.05 45.99 -2.08
CA ARG B 473 2.41 46.61 -0.94
C ARG B 473 3.27 47.76 -0.47
N ARG B 474 4.33 47.98 -1.24
CA ARG B 474 5.35 48.98 -1.04
C ARG B 474 5.38 49.91 -2.24
N GLU B 475 5.46 51.20 -1.97
CA GLU B 475 5.19 52.22 -2.99
C GLU B 475 6.21 52.19 -4.16
N GLY B 476 7.46 51.83 -3.88
CA GLY B 476 8.42 51.59 -4.97
C GLY B 476 9.67 52.39 -4.71
N LEU C 66 7.76 -70.78 -3.90
CA LEU C 66 8.74 -71.86 -4.18
C LEU C 66 9.76 -71.51 -5.30
N PRO C 67 9.47 -71.53 -6.65
CA PRO C 67 10.48 -71.38 -7.75
C PRO C 67 11.11 -69.98 -7.72
N SER C 68 12.44 -69.87 -7.81
CA SER C 68 13.16 -68.67 -7.34
C SER C 68 12.81 -67.39 -8.14
N LEU C 69 13.10 -66.24 -7.50
CA LEU C 69 12.77 -64.92 -8.02
C LEU C 69 13.78 -64.52 -9.08
N GLU C 70 15.03 -64.82 -8.74
CA GLU C 70 16.13 -64.82 -9.67
C GLU C 70 15.87 -65.77 -10.85
N ASP C 71 15.33 -66.97 -10.58
CA ASP C 71 14.94 -67.90 -11.64
C ASP C 71 13.89 -67.30 -12.58
N LEU C 72 12.81 -66.82 -11.97
CA LEU C 72 11.75 -66.13 -12.68
C LEU C 72 12.25 -65.04 -13.65
N LEU C 73 13.08 -64.14 -13.14
CA LEU C 73 13.60 -63.04 -13.94
C LEU C 73 14.51 -63.52 -15.06
N PHE C 74 15.26 -64.59 -14.80
CA PHE C 74 16.13 -65.16 -15.81
C PHE C 74 15.36 -65.59 -17.05
N TYR C 75 14.29 -66.37 -16.85
CA TYR C 75 13.51 -66.89 -17.97
C TYR C 75 12.83 -65.80 -18.80
N THR C 76 12.39 -64.73 -18.10
CA THR C 76 11.72 -63.62 -18.74
C THR C 76 12.68 -62.89 -19.65
N ILE C 77 13.91 -62.68 -19.17
CA ILE C 77 14.94 -62.03 -19.99
C ILE C 77 15.50 -63.01 -21.06
N ALA C 78 15.54 -64.30 -20.75
CA ALA C 78 16.15 -65.31 -21.63
C ALA C 78 15.41 -65.54 -22.95
N GLU C 79 14.09 -65.67 -22.84
CA GLU C 79 13.19 -65.83 -23.98
C GLU C 79 13.35 -67.23 -24.54
N GLY C 80 13.32 -68.20 -23.62
CA GLY C 80 13.48 -69.59 -23.94
C GLY C 80 14.88 -70.04 -24.32
N GLN C 81 15.76 -69.11 -24.73
CA GLN C 81 17.19 -69.39 -24.89
C GLN C 81 17.86 -69.73 -23.57
N GLU C 82 18.70 -70.77 -23.58
CA GLU C 82 19.23 -71.34 -22.33
C GLU C 82 20.31 -70.46 -21.65
N LYS C 83 20.71 -69.39 -22.33
CA LYS C 83 21.72 -68.45 -21.81
C LYS C 83 21.46 -67.03 -22.32
N ILE C 84 21.77 -66.03 -21.47
CA ILE C 84 21.61 -64.62 -21.82
C ILE C 84 23.00 -64.01 -22.01
N PRO C 85 23.41 -63.33 -23.10
CA PRO C 85 24.65 -62.55 -23.09
C PRO C 85 24.55 -61.32 -22.16
N VAL C 86 25.68 -60.84 -21.64
CA VAL C 86 25.69 -59.70 -20.75
C VAL C 86 25.07 -58.45 -21.39
N HIS C 87 25.53 -58.09 -22.60
CA HIS C 87 25.09 -56.88 -23.28
C HIS C 87 23.57 -56.80 -23.44
N LYS C 88 22.95 -57.96 -23.61
CA LYS C 88 21.51 -58.04 -23.71
C LYS C 88 20.81 -57.62 -22.43
N PHE C 89 21.38 -58.01 -21.30
CA PHE C 89 20.83 -57.70 -20.01
C PHE C 89 21.05 -56.23 -19.70
N ILE C 90 22.20 -55.71 -20.09
CA ILE C 90 22.52 -54.32 -19.90
C ILE C 90 21.59 -53.40 -20.69
N THR C 91 21.31 -53.79 -21.92
CA THR C 91 20.38 -53.08 -22.74
C THR C 91 18.94 -53.15 -22.21
N ALA C 92 18.52 -54.33 -21.80
CA ALA C 92 17.22 -54.51 -21.15
C ALA C 92 17.06 -53.59 -19.94
N LEU C 93 18.09 -53.57 -19.10
CA LEU C 93 18.13 -52.77 -17.91
C LEU C 93 18.05 -51.25 -18.20
N LYS C 94 18.76 -50.82 -19.21
CA LYS C 94 18.73 -49.45 -19.57
C LYS C 94 17.36 -49.01 -20.04
N SER C 95 16.70 -49.82 -20.84
CA SER C 95 15.39 -49.46 -21.31
C SER C 95 14.26 -49.39 -20.22
N THR C 96 14.52 -49.88 -19.00
CA THR C 96 13.71 -49.50 -17.85
C THR C 96 13.96 -48.08 -17.34
N GLY C 97 15.10 -47.50 -17.71
CA GLY C 97 15.43 -46.18 -17.30
C GLY C 97 16.43 -46.11 -16.19
N LEU C 98 16.77 -47.23 -15.57
CA LEU C 98 17.87 -47.21 -14.66
C LEU C 98 19.19 -47.05 -15.38
N ARG C 99 20.13 -46.49 -14.64
CA ARG C 99 21.47 -46.37 -15.08
C ARG C 99 22.32 -47.44 -14.41
N THR C 100 23.26 -48.00 -15.13
CA THR C 100 24.12 -49.05 -14.63
C THR C 100 24.98 -48.58 -13.47
N SER C 101 25.10 -47.26 -13.30
CA SER C 101 25.85 -46.69 -12.22
C SER C 101 25.01 -46.31 -11.00
N ASP C 102 23.71 -46.64 -11.06
CA ASP C 102 22.78 -46.49 -9.95
C ASP C 102 23.34 -47.07 -8.63
N PRO C 103 23.47 -46.33 -7.54
CA PRO C 103 23.99 -46.82 -6.26
C PRO C 103 23.37 -48.13 -5.79
N ARG C 104 22.08 -48.29 -6.00
CA ARG C 104 21.35 -49.44 -5.51
C ARG C 104 21.65 -50.71 -6.29
N LEU C 105 22.33 -50.56 -7.44
CA LEU C 105 22.69 -51.67 -8.27
C LEU C 105 24.16 -52.00 -8.23
N LYS C 106 24.86 -51.46 -7.26
CA LYS C 106 26.29 -51.59 -7.20
C LYS C 106 26.80 -53.04 -6.98
N GLU C 107 26.20 -53.80 -6.10
CA GLU C 107 26.57 -55.19 -5.92
C GLU C 107 26.51 -55.97 -7.25
N CYS C 108 25.40 -55.83 -7.93
CA CYS C 108 25.18 -56.48 -9.17
C CYS C 108 26.20 -56.07 -10.23
N MET C 109 26.53 -54.81 -10.30
CA MET C 109 27.54 -54.39 -11.21
C MET C 109 28.93 -54.87 -10.85
N ASP C 110 29.22 -54.92 -9.55
CA ASP C 110 30.46 -55.47 -9.07
C ASP C 110 30.62 -56.96 -9.43
N MET C 111 29.53 -57.71 -9.30
CA MET C 111 29.51 -59.12 -9.68
C MET C 111 29.76 -59.33 -11.15
N LEU C 112 29.15 -58.50 -11.97
CA LEU C 112 29.34 -58.57 -13.40
C LEU C 112 30.79 -58.27 -13.72
N ARG C 113 31.34 -57.27 -13.08
CA ARG C 113 32.73 -56.93 -13.22
C ARG C 113 33.68 -58.13 -12.87
N LEU C 114 33.38 -58.82 -11.78
CA LEU C 114 34.07 -60.04 -11.38
C LEU C 114 34.01 -61.13 -12.46
N THR C 115 32.79 -61.58 -12.78
CA THR C 115 32.59 -62.71 -13.66
C THR C 115 33.03 -62.38 -15.11
N LEU C 116 32.93 -61.11 -15.47
CA LEU C 116 33.43 -60.57 -16.74
C LEU C 116 34.98 -60.58 -16.85
N GLN C 117 35.62 -61.38 -15.97
CA GLN C 117 37.03 -61.76 -16.11
C GLN C 117 36.99 -63.32 -16.22
N VAL C 123 31.31 -64.04 -21.74
CA VAL C 123 30.23 -63.09 -22.00
C VAL C 123 28.84 -63.66 -21.64
N MET C 124 28.69 -64.96 -21.75
CA MET C 124 27.39 -65.59 -21.60
C MET C 124 27.11 -66.00 -20.16
N LEU C 125 25.89 -65.78 -19.72
CA LEU C 125 25.48 -66.02 -18.35
C LEU C 125 24.39 -67.10 -18.30
N ASP C 126 24.66 -68.23 -17.65
CA ASP C 126 23.61 -69.22 -17.40
C ASP C 126 22.84 -68.88 -16.16
N LYS C 127 21.65 -69.46 -16.01
CA LYS C 127 20.80 -69.33 -14.84
C LYS C 127 21.58 -69.11 -13.53
N ASP C 128 22.64 -69.91 -13.35
CA ASP C 128 23.29 -70.00 -12.07
C ASP C 128 24.24 -68.83 -11.82
N LEU C 129 24.88 -68.43 -12.92
CA LEU C 129 25.79 -67.32 -12.97
C LEU C 129 25.03 -65.99 -12.85
N PHE C 130 23.94 -65.89 -13.60
CA PHE C 130 23.01 -64.79 -13.52
C PHE C 130 22.50 -64.58 -12.10
N LYS C 131 22.05 -65.66 -11.49
CA LYS C 131 21.49 -65.62 -10.14
C LYS C 131 22.51 -65.07 -9.15
N LYS C 132 23.75 -65.39 -9.38
CA LYS C 132 24.85 -64.94 -8.56
C LYS C 132 25.09 -63.45 -8.76
N CYS C 133 24.98 -62.98 -9.99
CA CYS C 133 25.10 -61.57 -10.25
C CYS C 133 23.92 -60.69 -9.70
N VAL C 134 22.68 -61.17 -9.80
CA VAL C 134 21.55 -60.30 -9.54
C VAL C 134 20.91 -60.52 -8.16
N GLN C 135 21.35 -61.52 -7.40
CA GLN C 135 20.57 -61.92 -6.22
C GLN C 135 20.46 -60.82 -5.16
N SER C 136 21.54 -60.08 -5.04
CA SER C 136 21.66 -59.03 -4.07
C SER C 136 20.71 -57.85 -4.32
N ASN C 137 20.35 -57.66 -5.57
CA ASN C 137 19.57 -56.52 -5.98
C ASN C 137 18.30 -56.99 -6.70
N ILE C 138 17.86 -58.20 -6.36
CA ILE C 138 16.77 -58.87 -7.07
C ILE C 138 15.43 -58.12 -7.00
N VAL C 139 15.14 -57.51 -5.87
CA VAL C 139 13.90 -56.80 -5.71
C VAL C 139 13.80 -55.63 -6.68
N LEU C 140 14.84 -54.81 -6.73
CA LEU C 140 14.82 -53.61 -7.53
C LEU C 140 14.84 -53.93 -9.03
N LEU C 141 15.56 -54.98 -9.37
CA LEU C 141 15.54 -55.49 -10.72
C LEU C 141 14.20 -56.07 -11.14
N THR C 142 13.52 -56.77 -10.24
CA THR C 142 12.25 -57.35 -10.64
C THR C 142 11.18 -56.29 -10.83
N GLN C 143 11.26 -55.23 -10.05
CA GLN C 143 10.41 -54.08 -10.22
C GLN C 143 10.62 -53.41 -11.59
N ALA C 144 11.89 -53.17 -11.92
CA ALA C 144 12.24 -52.55 -13.19
C ALA C 144 11.70 -53.32 -14.39
N PHE C 145 11.97 -54.61 -14.36
CA PHE C 145 11.67 -55.52 -15.43
C PHE C 145 10.19 -55.85 -15.54
N ARG C 146 9.55 -56.05 -14.39
CA ARG C 146 8.13 -56.35 -14.34
C ARG C 146 7.23 -55.10 -14.48
N ARG C 147 7.85 -53.97 -14.87
CA ARG C 147 7.18 -52.76 -15.30
C ARG C 147 6.37 -52.05 -14.21
N LYS C 148 6.88 -52.14 -12.98
CA LYS C 148 6.21 -51.63 -11.82
C LYS C 148 6.73 -50.25 -11.39
N PHE C 149 7.61 -49.67 -12.17
CA PHE C 149 8.06 -48.32 -11.89
C PHE C 149 7.01 -47.29 -12.32
N VAL C 150 7.15 -46.10 -11.76
CA VAL C 150 6.16 -45.07 -11.73
C VAL C 150 5.72 -44.68 -13.13
N ILE C 151 6.71 -44.48 -14.00
CA ILE C 151 6.47 -44.49 -15.44
C ILE C 151 6.92 -45.87 -16.00
N PRO C 152 6.11 -46.73 -16.65
CA PRO C 152 6.52 -48.07 -17.06
C PRO C 152 7.08 -48.00 -18.48
N ASP C 153 6.44 -47.29 -19.40
CA ASP C 153 7.01 -47.09 -20.71
C ASP C 153 7.83 -45.81 -20.73
N PHE C 154 8.97 -45.88 -20.04
CA PHE C 154 9.86 -44.77 -19.89
C PHE C 154 10.52 -44.35 -21.19
N MET C 155 10.71 -45.26 -22.13
CA MET C 155 11.30 -44.89 -23.42
C MET C 155 10.40 -43.97 -24.21
N SER C 156 9.11 -44.23 -24.11
CA SER C 156 8.10 -43.44 -24.75
C SER C 156 8.09 -42.03 -24.14
N PHE C 157 8.14 -42.01 -22.81
CA PHE C 157 8.21 -40.79 -22.04
C PHE C 157 9.41 -39.89 -22.39
N THR C 158 10.59 -40.49 -22.53
CA THR C 158 11.78 -39.76 -22.84
C THR C 158 11.78 -39.21 -24.28
N SER C 159 11.15 -39.95 -25.18
CA SER C 159 10.90 -39.46 -26.51
C SER C 159 10.06 -38.16 -26.47
N HIS C 160 9.06 -38.13 -25.60
CA HIS C 160 8.29 -36.92 -25.34
C HIS C 160 9.08 -35.81 -24.63
N ILE C 161 9.92 -36.14 -23.67
CA ILE C 161 10.78 -35.12 -23.11
C ILE C 161 11.66 -34.44 -24.16
N ASP C 162 12.09 -35.23 -25.13
CA ASP C 162 13.04 -34.78 -26.12
C ASP C 162 12.39 -33.81 -27.10
N GLU C 163 11.19 -34.15 -27.53
CA GLU C 163 10.34 -33.24 -28.27
C GLU C 163 10.09 -31.93 -27.57
N LEU C 164 9.76 -31.99 -26.27
CA LEU C 164 9.51 -30.80 -25.50
C LEU C 164 10.79 -29.98 -25.40
N TYR C 165 11.89 -30.65 -25.22
CA TYR C 165 13.18 -30.00 -25.13
C TYR C 165 13.49 -29.23 -26.43
N GLU C 166 13.20 -29.88 -27.58
CA GLU C 166 13.40 -29.27 -28.87
C GLU C 166 12.50 -28.07 -29.08
N SER C 167 11.25 -28.21 -28.67
CA SER C 167 10.29 -27.18 -28.87
C SER C 167 10.63 -25.92 -28.08
N ALA C 168 11.18 -26.11 -26.89
CA ALA C 168 11.58 -24.99 -26.04
C ALA C 168 12.93 -24.44 -26.44
N LYS C 169 13.69 -25.24 -27.15
CA LYS C 169 14.97 -24.82 -27.71
C LYS C 169 14.87 -23.57 -28.56
N LYS C 170 13.90 -23.62 -29.48
CA LYS C 170 13.73 -22.61 -30.54
C LYS C 170 13.35 -21.23 -29.98
N GLN C 171 12.69 -21.24 -28.82
CA GLN C 171 12.45 -20.03 -28.02
C GLN C 171 13.75 -19.33 -27.58
N SER C 172 14.32 -18.44 -28.40
CA SER C 172 15.62 -17.85 -28.08
C SER C 172 15.58 -16.51 -27.33
N GLY C 173 14.37 -16.05 -26.92
CA GLY C 173 14.18 -14.81 -26.19
C GLY C 173 14.97 -14.67 -24.91
N GLY C 174 14.82 -13.56 -24.16
CA GLY C 174 15.40 -13.47 -22.84
C GLY C 174 16.74 -12.88 -22.79
N LYS C 175 17.17 -12.49 -21.60
CA LYS C 175 18.48 -11.91 -21.39
C LYS C 175 19.20 -12.64 -20.26
N VAL C 176 20.51 -12.83 -20.40
CA VAL C 176 21.30 -13.47 -19.38
C VAL C 176 21.62 -12.48 -18.30
N ALA C 177 21.47 -12.90 -17.05
CA ALA C 177 21.70 -12.01 -15.94
C ALA C 177 23.14 -11.53 -15.96
N ASP C 178 23.40 -10.30 -15.50
CA ASP C 178 24.71 -9.74 -15.73
C ASP C 178 25.18 -8.93 -14.56
N TYR C 179 24.61 -9.15 -13.41
CA TYR C 179 24.92 -8.29 -12.30
C TYR C 179 26.23 -8.64 -11.66
N ILE C 180 26.61 -9.91 -11.82
CA ILE C 180 27.97 -10.31 -11.60
C ILE C 180 28.56 -10.92 -12.88
N PRO C 181 29.85 -10.70 -13.19
CA PRO C 181 30.56 -11.24 -14.35
C PRO C 181 30.33 -12.74 -14.57
N GLN C 182 30.33 -13.52 -13.49
CA GLN C 182 30.25 -14.97 -13.53
C GLN C 182 28.96 -15.48 -14.17
N LEU C 183 27.91 -14.68 -14.08
CA LEU C 183 26.63 -15.06 -14.62
C LEU C 183 26.56 -14.65 -16.07
N ALA C 184 27.15 -13.48 -16.33
CA ALA C 184 27.16 -12.89 -17.64
C ALA C 184 27.97 -13.70 -18.68
N LYS C 185 28.92 -14.52 -18.19
CA LYS C 185 29.75 -15.37 -19.06
C LYS C 185 28.94 -16.44 -19.85
N PHE C 186 27.90 -16.99 -19.24
CA PHE C 186 27.26 -18.17 -19.80
C PHE C 186 26.62 -17.87 -21.15
N SER C 187 26.82 -18.79 -22.11
CA SER C 187 26.21 -18.71 -23.42
C SER C 187 24.67 -18.74 -23.35
N PRO C 188 23.96 -17.95 -24.16
CA PRO C 188 22.51 -18.01 -24.23
C PRO C 188 21.98 -19.32 -24.79
N ASP C 189 22.84 -20.16 -25.34
CA ASP C 189 22.40 -21.27 -26.14
C ASP C 189 22.40 -22.58 -25.36
N LEU C 190 23.09 -22.57 -24.23
CA LEU C 190 22.99 -23.64 -23.22
C LEU C 190 21.55 -23.93 -22.77
N TRP C 191 21.24 -25.19 -22.66
CA TRP C 191 19.93 -25.61 -22.36
C TRP C 191 19.97 -27.08 -22.04
N GLY C 192 19.61 -27.43 -20.81
CA GLY C 192 19.60 -28.77 -20.39
C GLY C 192 18.40 -29.07 -19.58
N VAL C 193 17.99 -30.32 -19.68
CA VAL C 193 16.86 -30.82 -18.97
C VAL C 193 17.17 -32.21 -18.48
N SER C 194 17.09 -32.37 -17.15
CA SER C 194 17.24 -33.66 -16.52
C SER C 194 16.01 -34.09 -15.76
N VAL C 195 15.68 -35.37 -15.91
CA VAL C 195 14.62 -36.00 -15.21
C VAL C 195 15.18 -37.05 -14.28
N CYS C 196 14.69 -37.07 -13.04
CA CYS C 196 14.86 -38.23 -12.20
C CYS C 196 13.50 -38.60 -11.60
N THR C 197 13.17 -39.84 -11.78
CA THR C 197 11.98 -40.43 -11.25
C THR C 197 12.11 -40.85 -9.74
N VAL C 198 11.00 -41.02 -9.06
CA VAL C 198 11.00 -41.47 -7.67
C VAL C 198 11.51 -42.94 -7.54
N ASP C 199 11.39 -43.69 -8.65
CA ASP C 199 12.01 -44.99 -8.80
C ASP C 199 13.45 -44.96 -9.33
N GLY C 200 14.01 -43.79 -9.48
CA GLY C 200 15.36 -43.66 -9.94
C GLY C 200 15.57 -43.76 -11.46
N GLN C 201 14.53 -43.75 -12.28
CA GLN C 201 14.69 -43.72 -13.73
C GLN C 201 15.20 -42.36 -14.20
N ARG C 202 16.29 -42.35 -14.94
CA ARG C 202 16.92 -41.10 -15.32
C ARG C 202 16.84 -40.80 -16.82
N HIS C 203 16.83 -39.53 -17.17
CA HIS C 203 16.98 -39.15 -18.56
C HIS C 203 17.44 -37.72 -18.70
N SER C 204 18.11 -37.42 -19.79
CA SER C 204 18.67 -36.11 -19.98
C SER C 204 18.65 -35.74 -21.45
N THR C 205 18.44 -34.45 -21.73
CA THR C 205 18.74 -33.92 -23.04
C THR C 205 19.47 -32.59 -22.87
N GLY C 206 20.33 -32.27 -23.81
CA GLY C 206 21.04 -31.03 -23.75
C GLY C 206 22.18 -30.99 -22.81
N ASP C 207 22.52 -29.79 -22.38
CA ASP C 207 23.73 -29.48 -21.64
C ASP C 207 23.59 -29.77 -20.12
N THR C 208 23.42 -31.04 -19.79
CA THR C 208 23.01 -31.45 -18.49
C THR C 208 24.14 -31.74 -17.52
N LYS C 209 25.39 -31.66 -17.96
CA LYS C 209 26.50 -31.91 -17.07
C LYS C 209 27.41 -30.72 -16.97
N VAL C 210 26.85 -29.56 -16.86
CA VAL C 210 27.58 -28.33 -16.83
C VAL C 210 27.31 -27.62 -15.54
N PRO C 211 28.28 -27.41 -14.67
CA PRO C 211 27.97 -26.76 -13.43
C PRO C 211 27.45 -25.30 -13.61
N PHE C 212 26.36 -24.97 -12.92
CA PHE C 212 25.97 -23.62 -12.65
C PHE C 212 25.50 -23.52 -11.20
N CYS C 213 25.32 -22.32 -10.72
CA CYS C 213 24.94 -22.10 -9.35
C CYS C 213 23.47 -22.12 -9.21
N LEU C 214 23.03 -22.69 -8.09
CA LEU C 214 21.66 -22.78 -7.80
C LEU C 214 21.08 -21.42 -7.59
N GLN C 215 21.87 -20.51 -7.01
CA GLN C 215 21.35 -19.22 -6.65
C GLN C 215 20.10 -19.39 -5.79
N SER C 216 18.94 -18.85 -6.17
CA SER C 216 17.77 -18.91 -5.27
C SER C 216 17.06 -20.24 -5.35
N CYS C 217 17.47 -21.10 -6.27
CA CYS C 217 17.03 -22.48 -6.24
C CYS C 217 17.45 -23.19 -4.93
N VAL C 218 18.42 -22.64 -4.21
CA VAL C 218 18.87 -23.20 -2.96
C VAL C 218 17.92 -22.92 -1.77
N LYS C 219 17.06 -21.94 -1.95
CA LYS C 219 16.13 -21.52 -0.94
C LYS C 219 15.19 -22.64 -0.45
N PRO C 220 14.49 -23.46 -1.27
CA PRO C 220 13.70 -24.56 -0.82
C PRO C 220 14.55 -25.61 -0.09
N LEU C 221 15.74 -25.87 -0.58
CA LEU C 221 16.60 -26.86 -0.01
C LEU C 221 17.01 -26.53 1.44
N LYS C 222 17.39 -25.30 1.69
CA LYS C 222 17.85 -24.91 2.99
C LYS C 222 16.71 -24.69 3.97
N TYR C 223 15.55 -24.27 3.46
CA TYR C 223 14.33 -24.30 4.21
C TYR C 223 13.96 -25.72 4.64
N ALA C 224 14.16 -26.68 3.75
CA ALA C 224 13.93 -28.10 4.02
C ALA C 224 14.79 -28.60 5.14
N ILE C 225 16.05 -28.19 5.13
CA ILE C 225 17.03 -28.51 6.14
C ILE C 225 16.63 -27.94 7.51
N ALA C 226 16.16 -26.72 7.53
CA ALA C 226 15.82 -26.04 8.72
C ALA C 226 14.63 -26.69 9.45
N VAL C 227 13.58 -26.97 8.68
CA VAL C 227 12.40 -27.66 9.14
C VAL C 227 12.67 -29.09 9.57
N ASN C 228 13.50 -29.81 8.79
CA ASN C 228 13.96 -31.13 9.16
C ASN C 228 14.59 -31.16 10.55
N ASP C 229 15.42 -30.17 10.83
CA ASP C 229 16.23 -30.15 12.02
C ASP C 229 15.53 -29.48 13.22
N LEU C 230 14.46 -28.72 13.00
CA LEU C 230 14.00 -27.79 13.99
C LEU C 230 12.47 -27.81 14.12
N GLY C 231 11.80 -28.43 13.19
CA GLY C 231 10.36 -28.50 13.17
C GLY C 231 9.74 -27.32 12.55
N THR C 232 8.48 -27.43 12.17
CA THR C 232 7.72 -26.36 11.54
C THR C 232 7.54 -25.17 12.44
N GLU C 233 7.33 -25.48 13.71
CA GLU C 233 6.89 -24.55 14.68
C GLU C 233 7.99 -23.58 15.02
N TYR C 234 9.21 -24.07 15.10
CA TYR C 234 10.36 -23.22 15.35
C TYR C 234 10.66 -22.32 14.17
N VAL C 235 10.78 -22.91 13.00
CA VAL C 235 11.12 -22.21 11.81
C VAL C 235 10.17 -21.02 11.59
N HIS C 236 8.87 -21.30 11.70
CA HIS C 236 7.88 -20.33 11.39
C HIS C 236 7.65 -19.23 12.44
N ARG C 237 8.22 -19.37 13.65
CA ARG C 237 8.38 -18.22 14.54
C ARG C 237 9.11 -17.03 13.90
N TYR C 238 9.91 -17.33 12.88
CA TYR C 238 10.89 -16.42 12.36
C TYR C 238 10.55 -15.99 10.93
N VAL C 239 9.92 -16.87 10.20
CA VAL C 239 9.55 -16.58 8.85
C VAL C 239 8.13 -17.01 8.58
N GLY C 240 7.42 -16.24 7.80
CA GLY C 240 6.07 -16.54 7.42
C GLY C 240 5.92 -17.65 6.40
N LYS C 241 4.67 -17.95 6.08
CA LYS C 241 4.33 -19.05 5.23
C LYS C 241 3.41 -18.71 4.07
N GLU C 242 3.36 -17.45 3.62
CA GLU C 242 2.40 -17.08 2.58
C GLU C 242 3.01 -16.18 1.50
N PRO C 243 2.45 -16.03 0.32
CA PRO C 243 2.94 -15.09 -0.69
C PRO C 243 2.66 -13.66 -0.25
N SER C 244 3.32 -12.69 -0.90
CA SER C 244 3.31 -11.29 -0.46
C SER C 244 2.06 -10.41 -0.67
N LEU C 251 11.97 -5.00 0.78
CA LEU C 251 12.61 -5.49 2.03
C LEU C 251 11.60 -5.68 3.18
N PHE C 252 10.32 -5.30 2.93
CA PHE C 252 9.31 -5.20 3.99
C PHE C 252 8.83 -6.57 4.55
N LEU C 253 8.01 -6.47 5.62
CA LEU C 253 7.68 -7.57 6.47
C LEU C 253 6.17 -7.75 6.53
N ASN C 254 5.73 -8.95 6.88
CA ASN C 254 4.33 -9.23 7.09
C ASN C 254 3.76 -8.49 8.31
N GLU C 255 2.46 -8.66 8.57
CA GLU C 255 1.78 -8.05 9.73
C GLU C 255 2.56 -8.22 11.06
N ASP C 256 3.17 -9.40 11.21
CA ASP C 256 3.71 -9.84 12.47
C ASP C 256 5.21 -9.57 12.54
N ASP C 257 5.72 -8.86 11.50
CA ASP C 257 7.13 -8.45 11.42
C ASP C 257 8.10 -9.61 11.17
N LYS C 258 7.54 -10.69 10.60
CA LYS C 258 8.31 -11.77 10.04
C LYS C 258 8.46 -11.50 8.55
N PRO C 259 9.52 -11.89 7.83
CA PRO C 259 9.52 -11.88 6.38
C PRO C 259 8.43 -12.84 5.90
N HIS C 260 8.01 -12.64 4.65
CA HIS C 260 6.73 -13.13 4.20
C HIS C 260 6.72 -14.64 4.08
N ASN C 261 7.86 -15.16 3.60
CA ASN C 261 8.00 -16.52 3.23
C ASN C 261 9.49 -16.83 2.97
N PRO C 262 10.01 -18.04 3.20
CA PRO C 262 11.40 -18.41 3.00
C PRO C 262 11.84 -18.26 1.52
N MET C 263 10.92 -18.22 0.58
CA MET C 263 11.24 -18.07 -0.82
C MET C 263 11.79 -16.69 -1.23
N VAL C 264 11.34 -15.60 -0.60
CA VAL C 264 11.92 -14.28 -0.84
C VAL C 264 13.25 -14.10 -0.12
N ASN C 265 14.11 -13.22 -0.62
CA ASN C 265 15.43 -12.96 -0.04
C ASN C 265 15.46 -12.67 1.47
N ALA C 266 14.54 -11.84 1.96
CA ALA C 266 14.46 -11.51 3.37
C ALA C 266 14.25 -12.73 4.27
N GLY C 267 13.34 -13.61 3.84
CA GLY C 267 13.01 -14.81 4.55
C GLY C 267 14.07 -15.86 4.45
N ALA C 268 14.74 -15.88 3.30
CA ALA C 268 15.85 -16.76 3.04
C ALA C 268 17.03 -16.47 3.94
N ILE C 269 17.26 -15.19 4.17
CA ILE C 269 18.29 -14.72 5.06
C ILE C 269 17.99 -15.11 6.52
N VAL C 270 16.75 -15.00 6.93
CA VAL C 270 16.34 -15.49 8.23
C VAL C 270 16.48 -17.03 8.37
N VAL C 271 16.14 -17.77 7.30
CA VAL C 271 16.27 -19.21 7.28
C VAL C 271 17.74 -19.63 7.41
N THR C 272 18.58 -18.89 6.74
CA THR C 272 20.02 -19.03 6.88
C THR C 272 20.49 -18.89 8.35
N SER C 273 20.03 -17.89 9.07
CA SER C 273 20.41 -17.75 10.48
C SER C 273 19.96 -18.93 11.40
N LEU C 274 18.81 -19.53 11.10
CA LEU C 274 18.35 -20.70 11.81
C LEU C 274 19.22 -22.00 11.79
N ILE C 275 20.03 -22.19 10.75
CA ILE C 275 20.69 -23.48 10.53
C ILE C 275 21.97 -23.62 11.35
N LYS C 276 22.10 -24.73 12.07
CA LYS C 276 23.31 -25.08 12.81
C LYS C 276 23.90 -23.91 13.58
N GLN C 277 23.15 -23.47 14.57
CA GLN C 277 23.59 -22.38 15.38
C GLN C 277 24.64 -22.86 16.39
N GLY C 278 25.49 -21.94 16.82
CA GLY C 278 26.58 -22.22 17.69
C GLY C 278 27.86 -22.81 17.11
N VAL C 279 27.99 -22.89 15.78
CA VAL C 279 29.25 -23.28 15.16
C VAL C 279 29.62 -22.28 14.13
N ASN C 280 30.91 -22.20 13.80
CA ASN C 280 31.40 -21.22 12.87
C ASN C 280 30.91 -21.49 11.45
N ASN C 281 31.05 -20.50 10.59
CA ASN C 281 30.58 -20.56 9.22
C ASN C 281 31.08 -21.74 8.43
N ALA C 282 32.29 -22.14 8.67
CA ALA C 282 32.94 -23.19 7.93
C ALA C 282 32.31 -24.54 8.18
N GLU C 283 32.00 -24.78 9.45
CA GLU C 283 31.24 -25.92 9.89
C GLU C 283 29.81 -25.96 9.31
N LYS C 284 29.11 -24.83 9.32
CA LYS C 284 27.75 -24.76 8.82
C LYS C 284 27.70 -25.10 7.33
N PHE C 285 28.63 -24.54 6.59
CA PHE C 285 28.73 -24.76 5.17
C PHE C 285 29.04 -26.23 4.80
N ASP C 286 29.89 -26.87 5.61
CA ASP C 286 30.16 -28.30 5.53
C ASP C 286 28.91 -29.17 5.79
N TYR C 287 28.16 -28.81 6.82
CA TYR C 287 26.93 -29.46 7.14
C TYR C 287 25.89 -29.35 6.03
N VAL C 288 25.72 -28.16 5.46
CA VAL C 288 24.77 -27.97 4.38
C VAL C 288 25.18 -28.74 3.11
N MET C 289 26.46 -28.72 2.81
CA MET C 289 27.00 -29.48 1.72
C MET C 289 26.81 -31.00 1.87
N GLN C 290 26.99 -31.54 3.09
CA GLN C 290 26.72 -32.93 3.36
C GLN C 290 25.28 -33.31 3.07
N PHE C 291 24.38 -32.43 3.51
CA PHE C 291 22.95 -32.59 3.33
C PHE C 291 22.57 -32.56 1.87
N LEU C 292 23.20 -31.66 1.14
CA LEU C 292 23.01 -31.51 -0.30
C LEU C 292 23.51 -32.72 -1.09
N ASN C 293 24.63 -33.27 -0.65
CA ASN C 293 25.13 -34.57 -1.14
C ASN C 293 24.07 -35.67 -1.05
N LYS C 294 23.52 -35.86 0.16
CA LYS C 294 22.48 -36.86 0.39
C LYS C 294 21.26 -36.64 -0.48
N MET C 295 20.82 -35.38 -0.60
CA MET C 295 19.69 -35.04 -1.44
C MET C 295 19.93 -35.40 -2.92
N ALA C 296 21.15 -35.15 -3.38
CA ALA C 296 21.52 -35.48 -4.74
C ALA C 296 22.07 -36.91 -4.91
N GLY C 297 21.90 -37.78 -3.90
CA GLY C 297 22.48 -39.11 -3.92
C GLY C 297 23.91 -39.22 -4.42
N ASN C 298 24.70 -38.27 -3.92
CA ASN C 298 26.12 -38.16 -4.14
C ASN C 298 26.50 -37.86 -5.57
N GLU C 299 25.65 -37.20 -6.32
CA GLU C 299 26.10 -36.67 -7.57
C GLU C 299 26.56 -35.23 -7.42
N TYR C 300 26.80 -34.51 -8.53
CA TYR C 300 27.64 -33.31 -8.44
C TYR C 300 27.08 -32.21 -7.51
N VAL C 301 27.89 -31.83 -6.53
CA VAL C 301 27.70 -30.61 -5.83
C VAL C 301 29.07 -30.01 -5.55
N GLY C 302 29.19 -28.73 -5.89
CA GLY C 302 30.39 -27.95 -5.82
C GLY C 302 30.14 -26.57 -5.33
N PHE C 303 31.21 -25.80 -5.22
CA PHE C 303 31.21 -24.43 -4.79
C PHE C 303 32.00 -23.50 -5.76
N SER C 304 31.38 -22.40 -6.14
CA SER C 304 32.06 -21.34 -6.87
C SER C 304 32.48 -20.19 -5.94
N ASN C 305 33.72 -20.21 -5.49
CA ASN C 305 34.34 -19.05 -4.83
C ASN C 305 34.23 -17.72 -5.62
N ALA C 306 34.40 -17.79 -6.93
CA ALA C 306 34.30 -16.62 -7.77
C ALA C 306 32.95 -15.92 -7.66
N THR C 307 31.89 -16.70 -7.87
CA THR C 307 30.52 -16.29 -7.65
C THR C 307 30.30 -15.70 -6.26
N PHE C 308 30.85 -16.37 -5.27
CA PHE C 308 30.75 -15.93 -3.90
C PHE C 308 31.36 -14.54 -3.71
N GLN C 309 32.57 -14.35 -4.21
CA GLN C 309 33.26 -13.09 -4.07
C GLN C 309 32.52 -11.89 -4.74
N SER C 310 32.04 -12.11 -5.95
CA SER C 310 31.28 -11.11 -6.65
C SER C 310 29.97 -10.78 -5.96
N GLU C 311 29.26 -11.82 -5.48
CA GLU C 311 28.02 -11.69 -4.73
C GLU C 311 28.17 -10.84 -3.50
N ARG C 312 29.20 -11.14 -2.75
CA ARG C 312 29.41 -10.43 -1.55
C ARG C 312 29.78 -8.95 -1.81
N GLU C 313 30.62 -8.71 -2.85
CA GLU C 313 31.03 -7.35 -3.25
C GLU C 313 29.86 -6.41 -3.58
N SER C 314 28.76 -6.99 -4.05
CA SER C 314 27.77 -6.21 -4.72
C SER C 314 26.35 -6.51 -4.25
N GLY C 315 26.24 -7.00 -3.01
CA GLY C 315 24.94 -7.29 -2.48
C GLY C 315 24.47 -6.26 -1.53
N ASP C 316 24.50 -4.98 -1.93
CA ASP C 316 23.96 -3.85 -1.18
C ASP C 316 22.52 -4.01 -0.82
N ARG C 317 21.77 -4.56 -1.76
CA ARG C 317 20.43 -5.06 -1.53
C ARG C 317 20.33 -5.96 -0.29
N ASN C 318 21.14 -7.02 -0.22
CA ASN C 318 21.07 -7.96 0.89
C ASN C 318 21.67 -7.41 2.18
N PHE C 319 22.60 -6.50 2.07
CA PHE C 319 23.08 -5.73 3.24
C PHE C 319 22.00 -4.84 3.83
N ALA C 320 21.22 -4.25 2.96
CA ALA C 320 20.07 -3.46 3.33
C ALA C 320 19.08 -4.27 4.15
N ILE C 321 18.79 -5.47 3.66
CA ILE C 321 17.83 -6.35 4.27
C ILE C 321 18.33 -6.84 5.60
N GLY C 322 19.60 -7.14 5.68
CA GLY C 322 20.13 -7.62 6.88
C GLY C 322 20.18 -6.66 8.02
N TYR C 323 20.54 -5.43 7.73
CA TYR C 323 20.49 -4.37 8.69
C TYR C 323 19.05 -4.09 9.14
N TYR C 324 18.15 -4.03 8.18
CA TYR C 324 16.74 -3.93 8.47
C TYR C 324 16.18 -5.08 9.37
N LEU C 325 16.59 -6.33 9.10
CA LEU C 325 16.20 -7.49 9.88
C LEU C 325 16.75 -7.40 11.30
N LYS C 326 18.01 -6.92 11.41
CA LYS C 326 18.67 -6.71 12.67
C LYS C 326 17.95 -5.69 13.56
N GLU C 327 17.61 -4.56 12.96
CA GLU C 327 16.84 -3.50 13.60
C GLU C 327 15.49 -4.01 14.11
N LYS C 328 14.81 -4.80 13.27
CA LYS C 328 13.48 -5.29 13.61
C LYS C 328 13.49 -6.56 14.47
N LYS C 329 14.68 -6.99 14.87
CA LYS C 329 14.93 -8.13 15.74
C LYS C 329 14.45 -9.50 15.18
N CYS C 330 14.57 -9.64 13.87
CA CYS C 330 14.04 -10.79 13.15
C CYS C 330 14.88 -12.09 13.28
N PHE C 331 16.10 -11.97 13.76
CA PHE C 331 16.99 -13.08 13.85
C PHE C 331 16.92 -13.72 15.24
N PRO C 332 17.20 -15.02 15.48
CA PRO C 332 17.40 -15.55 16.81
C PRO C 332 18.55 -14.85 17.58
N GLU C 333 18.37 -14.73 18.91
CA GLU C 333 19.33 -14.15 19.84
C GLU C 333 20.74 -14.68 19.66
N GLY C 334 21.70 -13.77 19.67
CA GLY C 334 23.08 -14.03 19.35
C GLY C 334 23.43 -14.39 17.93
N THR C 335 22.63 -13.95 16.95
CA THR C 335 23.07 -13.97 15.56
C THR C 335 24.10 -12.86 15.27
N ASP C 336 25.17 -13.21 14.55
CA ASP C 336 26.04 -12.23 13.93
C ASP C 336 25.57 -11.99 12.53
N MET C 337 24.83 -10.93 12.29
CA MET C 337 24.13 -10.80 11.02
C MET C 337 25.06 -10.69 9.80
N VAL C 338 26.24 -10.11 9.98
CA VAL C 338 27.16 -9.93 8.90
C VAL C 338 27.77 -11.26 8.47
N GLY C 339 28.09 -12.10 9.43
CA GLY C 339 28.45 -13.46 9.13
C GLY C 339 27.38 -14.36 8.52
N ILE C 340 26.12 -14.13 8.91
CA ILE C 340 24.98 -14.75 8.28
C ILE C 340 24.83 -14.37 6.82
N LEU C 341 25.09 -13.12 6.49
CA LEU C 341 25.02 -12.70 5.10
C LEU C 341 26.08 -13.38 4.27
N ASP C 342 27.22 -13.56 4.87
CA ASP C 342 28.34 -14.27 4.30
C ASP C 342 28.03 -15.73 3.91
N PHE C 343 27.52 -16.49 4.86
CA PHE C 343 26.95 -17.79 4.63
C PHE C 343 25.84 -17.78 3.54
N TYR C 344 24.94 -16.81 3.61
CA TYR C 344 23.90 -16.70 2.63
C TYR C 344 24.47 -16.60 1.19
N PHE C 345 25.50 -15.78 1.00
CA PHE C 345 26.11 -15.70 -0.31
C PHE C 345 26.88 -16.97 -0.71
N GLN C 346 27.35 -17.73 0.25
CA GLN C 346 28.00 -19.01 -0.01
C GLN C 346 27.02 -20.07 -0.49
N LEU C 347 25.82 -20.04 0.07
CA LEU C 347 24.76 -20.94 -0.29
C LEU C 347 24.30 -20.72 -1.72
N CYS C 348 24.15 -19.45 -2.07
CA CYS C 348 23.77 -19.04 -3.43
C CYS C 348 24.79 -19.45 -4.50
N SER C 349 26.03 -19.53 -4.07
CA SER C 349 27.15 -19.87 -4.92
C SER C 349 27.43 -21.38 -5.09
N ILE C 350 26.58 -22.24 -4.53
CA ILE C 350 26.74 -23.67 -4.64
C ILE C 350 26.38 -24.12 -6.03
N GLU C 351 27.12 -25.10 -6.55
CA GLU C 351 27.05 -25.54 -7.94
C GLU C 351 26.50 -26.97 -8.11
N VAL C 352 25.62 -27.09 -9.08
CA VAL C 352 24.95 -28.29 -9.49
C VAL C 352 25.07 -28.47 -11.03
N THR C 353 24.91 -29.68 -11.48
CA THR C 353 24.53 -29.91 -12.85
C THR C 353 23.02 -30.05 -12.93
N CYS C 354 22.47 -30.17 -14.12
CA CYS C 354 21.08 -30.50 -14.23
C CYS C 354 20.81 -31.87 -13.66
N GLU C 355 21.69 -32.79 -13.98
CA GLU C 355 21.59 -34.14 -13.49
C GLU C 355 21.57 -34.26 -11.98
N SER C 356 22.50 -33.63 -11.29
CA SER C 356 22.53 -33.74 -9.86
C SER C 356 21.32 -33.06 -9.16
N ALA C 357 20.94 -31.88 -9.65
CA ALA C 357 19.80 -31.14 -9.16
C ALA C 357 18.44 -31.86 -9.37
N SER C 358 18.29 -32.57 -10.49
CA SER C 358 17.14 -33.42 -10.74
C SER C 358 16.93 -34.52 -9.65
N VAL C 359 18.01 -35.12 -9.18
CA VAL C 359 17.97 -36.01 -8.06
C VAL C 359 17.47 -35.34 -6.76
N MET C 360 17.98 -34.13 -6.51
CA MET C 360 17.53 -33.30 -5.40
C MET C 360 16.03 -33.05 -5.46
N ALA C 361 15.56 -32.72 -6.63
CA ALA C 361 14.17 -32.51 -6.85
C ALA C 361 13.34 -33.78 -6.71
N ALA C 362 13.94 -34.93 -6.98
CA ALA C 362 13.31 -36.22 -6.85
C ALA C 362 13.20 -36.68 -5.38
N THR C 363 14.09 -36.19 -4.56
CA THR C 363 14.06 -36.38 -3.16
C THR C 363 12.80 -35.77 -2.57
N LEU C 364 12.53 -34.55 -3.05
CA LEU C 364 11.34 -33.80 -2.71
C LEU C 364 10.06 -34.40 -3.31
N ALA C 365 10.16 -34.86 -4.53
CA ALA C 365 9.09 -35.62 -5.17
C ALA C 365 8.77 -36.97 -4.48
N ASN C 366 9.80 -37.62 -3.97
CA ASN C 366 9.69 -38.90 -3.33
C ASN C 366 9.58 -38.82 -1.78
N GLY C 367 9.04 -37.72 -1.25
CA GLY C 367 8.72 -37.67 0.13
C GLY C 367 9.87 -37.62 1.11
N GLY C 368 11.05 -37.31 0.64
CA GLY C 368 12.22 -37.13 1.41
C GLY C 368 13.13 -38.26 1.37
N PHE C 369 12.83 -39.27 0.61
CA PHE C 369 13.80 -40.30 0.33
C PHE C 369 14.46 -40.07 -1.01
N CYS C 370 15.78 -40.27 -1.04
CA CYS C 370 16.52 -40.16 -2.26
C CYS C 370 16.26 -41.37 -3.14
N PRO C 371 15.80 -41.16 -4.35
CA PRO C 371 15.30 -42.25 -5.14
C PRO C 371 16.45 -43.11 -5.67
N ILE C 372 17.69 -42.73 -5.51
CA ILE C 372 18.77 -43.46 -6.10
C ILE C 372 19.62 -44.13 -5.05
N THR C 373 19.54 -43.68 -3.81
CA THR C 373 20.19 -44.37 -2.72
C THR C 373 19.19 -45.15 -1.77
N GLY C 374 17.93 -44.74 -1.80
CA GLY C 374 16.84 -45.20 -0.93
C GLY C 374 16.92 -44.74 0.50
N GLU C 375 17.76 -43.75 0.69
CA GLU C 375 18.04 -43.18 1.98
C GLU C 375 17.04 -42.10 2.29
N ARG C 376 16.52 -42.10 3.53
CA ARG C 376 15.73 -41.01 4.05
C ARG C 376 16.61 -39.81 4.32
N VAL C 377 16.29 -38.69 3.70
CA VAL C 377 17.14 -37.54 3.73
C VAL C 377 16.45 -36.41 4.47
N LEU C 378 15.16 -36.23 4.21
CA LEU C 378 14.37 -35.19 4.78
C LEU C 378 13.14 -35.77 5.39
N SER C 379 12.58 -35.12 6.40
CA SER C 379 11.36 -35.57 7.04
C SER C 379 10.15 -35.25 6.17
N PRO C 380 8.99 -35.93 6.30
CA PRO C 380 7.82 -35.68 5.48
C PRO C 380 7.27 -34.25 5.70
N GLU C 381 7.34 -33.80 6.96
CA GLU C 381 7.10 -32.42 7.31
C GLU C 381 7.98 -31.36 6.56
N ALA C 382 9.28 -31.59 6.47
CA ALA C 382 10.18 -30.78 5.68
C ALA C 382 9.76 -30.68 4.22
N VAL C 383 9.52 -31.80 3.62
CA VAL C 383 9.23 -31.92 2.25
C VAL C 383 7.88 -31.32 1.89
N ARG C 384 6.86 -31.58 2.70
CA ARG C 384 5.54 -31.03 2.47
C ARG C 384 5.49 -29.50 2.52
N ASN C 385 6.09 -28.96 3.57
CA ASN C 385 6.20 -27.54 3.77
C ASN C 385 6.93 -26.84 2.59
N THR C 386 7.99 -27.45 2.13
CA THR C 386 8.81 -26.95 1.05
C THR C 386 8.08 -26.91 -0.32
N LEU C 387 7.35 -27.97 -0.62
CA LEU C 387 6.53 -28.04 -1.78
C LEU C 387 5.36 -27.03 -1.76
N SER C 388 4.82 -26.79 -0.57
CA SER C 388 3.74 -25.84 -0.40
C SER C 388 4.19 -24.44 -0.77
N LEU C 389 5.37 -24.07 -0.26
CA LEU C 389 5.95 -22.77 -0.46
C LEU C 389 6.51 -22.57 -1.88
N MET C 390 7.00 -23.66 -2.50
CA MET C 390 7.30 -23.70 -3.91
C MET C 390 6.11 -23.38 -4.80
N HIS C 391 5.01 -24.08 -4.57
CA HIS C 391 3.73 -23.84 -5.26
C HIS C 391 3.36 -22.34 -5.40
N SER C 392 3.33 -21.67 -4.26
CA SER C 392 2.80 -20.36 -4.17
C SER C 392 3.85 -19.24 -4.32
N CYS C 393 5.09 -19.46 -3.92
CA CYS C 393 6.04 -18.37 -3.89
C CYS C 393 7.31 -18.69 -4.68
N GLY C 394 7.27 -19.68 -5.53
CA GLY C 394 8.53 -20.16 -6.06
C GLY C 394 9.10 -19.53 -7.30
N MET C 395 8.38 -18.66 -7.96
CA MET C 395 8.76 -18.20 -9.29
C MET C 395 8.63 -16.69 -9.37
N TYR C 396 9.03 -16.00 -8.30
CA TYR C 396 8.92 -14.55 -8.16
C TYR C 396 7.51 -14.06 -8.46
N ASP C 397 7.39 -12.88 -9.01
CA ASP C 397 6.11 -12.30 -9.39
C ASP C 397 5.26 -13.23 -10.29
N PHE C 398 5.95 -14.04 -11.12
CA PHE C 398 5.31 -15.06 -11.94
C PHE C 398 4.60 -16.20 -11.17
N SER C 399 5.07 -16.53 -9.96
CA SER C 399 4.44 -17.50 -9.02
C SER C 399 2.93 -17.87 -9.18
N GLY C 400 2.08 -16.84 -9.23
CA GLY C 400 0.64 -16.93 -9.22
C GLY C 400 0.13 -17.51 -10.48
N GLN C 401 0.68 -16.94 -11.55
CA GLN C 401 0.37 -17.38 -12.88
C GLN C 401 0.85 -18.79 -13.12
N PHE C 402 1.97 -19.10 -12.47
CA PHE C 402 2.61 -20.38 -12.60
C PHE C 402 1.81 -21.46 -11.92
N ALA C 403 1.38 -21.19 -10.71
CA ALA C 403 0.54 -22.08 -9.95
C ALA C 403 -0.75 -22.37 -10.68
N PHE C 404 -1.33 -21.33 -11.26
CA PHE C 404 -2.56 -21.46 -11.99
C PHE C 404 -2.40 -22.27 -13.31
N HIS C 405 -1.45 -21.94 -14.18
CA HIS C 405 -1.33 -22.65 -15.45
C HIS C 405 -0.52 -23.95 -15.40
N VAL C 406 0.55 -23.97 -14.63
CA VAL C 406 1.43 -25.11 -14.57
C VAL C 406 1.07 -26.03 -13.43
N GLY C 407 0.83 -25.43 -12.27
CA GLY C 407 0.44 -26.15 -11.13
C GLY C 407 1.38 -27.14 -10.64
N LEU C 408 2.65 -26.84 -10.68
CA LEU C 408 3.65 -27.70 -10.15
C LEU C 408 4.49 -26.92 -9.15
N PRO C 409 5.05 -27.51 -8.06
CA PRO C 409 5.90 -26.75 -7.16
C PRO C 409 7.25 -26.57 -7.85
N ALA C 410 7.74 -25.35 -7.94
CA ALA C 410 8.97 -25.08 -8.62
C ALA C 410 9.69 -23.86 -8.04
N LYS C 411 11.00 -23.91 -8.05
CA LYS C 411 11.84 -22.79 -7.65
C LYS C 411 12.76 -22.35 -8.77
N SER C 412 12.77 -21.09 -9.09
CA SER C 412 13.70 -20.55 -10.08
C SER C 412 14.84 -19.79 -9.45
N GLY C 413 15.88 -19.65 -10.25
CA GLY C 413 17.13 -19.07 -9.91
C GLY C 413 17.59 -18.16 -11.01
N VAL C 414 18.44 -17.20 -10.66
CA VAL C 414 18.86 -16.16 -11.56
C VAL C 414 19.81 -16.67 -12.66
N ALA C 415 20.49 -17.78 -12.37
CA ALA C 415 21.36 -18.43 -13.30
C ALA C 415 20.63 -19.23 -14.36
N GLY C 416 19.30 -19.18 -14.39
CA GLY C 416 18.56 -19.99 -15.32
C GLY C 416 18.05 -21.31 -14.81
N GLY C 417 18.35 -21.66 -13.57
CA GLY C 417 17.83 -22.86 -12.95
C GLY C 417 16.33 -22.84 -12.76
N ILE C 418 15.61 -23.88 -13.08
CA ILE C 418 14.33 -24.10 -12.46
C ILE C 418 14.32 -25.50 -11.90
N LEU C 419 14.14 -25.59 -10.60
CA LEU C 419 13.99 -26.83 -9.94
C LEU C 419 12.53 -27.19 -9.91
N LEU C 420 12.17 -28.31 -10.51
CA LEU C 420 10.78 -28.63 -10.68
C LEU C 420 10.41 -29.95 -10.04
N VAL C 421 9.31 -29.99 -9.35
CA VAL C 421 8.90 -31.20 -8.69
C VAL C 421 7.55 -31.58 -9.21
N VAL C 422 7.39 -32.83 -9.56
CA VAL C 422 6.10 -33.38 -9.87
C VAL C 422 5.87 -34.41 -8.82
N PRO C 423 5.17 -34.10 -7.74
CA PRO C 423 5.04 -35.00 -6.60
C PRO C 423 4.59 -36.40 -7.01
N ASN C 424 5.20 -37.36 -6.33
CA ASN C 424 4.93 -38.77 -6.48
C ASN C 424 5.26 -39.31 -7.87
N VAL C 425 6.05 -38.56 -8.63
CA VAL C 425 6.34 -38.91 -10.00
C VAL C 425 7.78 -38.61 -10.33
N MET C 426 8.22 -37.35 -10.29
CA MET C 426 9.61 -37.09 -10.61
C MET C 426 10.15 -35.73 -10.16
N GLY C 427 11.46 -35.59 -10.32
CA GLY C 427 12.17 -34.36 -10.17
C GLY C 427 12.81 -33.95 -11.45
N MET C 428 12.93 -32.66 -11.65
CA MET C 428 13.50 -32.12 -12.82
C MET C 428 14.41 -30.95 -12.53
N MET C 429 15.45 -30.81 -13.33
CA MET C 429 16.14 -29.54 -13.42
C MET C 429 16.20 -29.07 -14.86
N CYS C 430 15.76 -27.85 -15.04
CA CYS C 430 15.77 -27.19 -16.29
C CYS C 430 16.75 -26.10 -16.16
N TRP C 431 17.57 -25.91 -17.17
CA TRP C 431 18.51 -24.85 -17.12
C TRP C 431 18.75 -24.26 -18.49
N SER C 432 18.54 -22.98 -18.55
CA SER C 432 19.02 -22.22 -19.66
C SER C 432 19.32 -20.82 -19.15
N PRO C 433 20.34 -20.08 -19.58
CA PRO C 433 20.66 -18.84 -18.85
C PRO C 433 19.78 -17.65 -19.27
N PRO C 434 19.26 -17.39 -20.45
CA PRO C 434 18.41 -16.21 -20.62
C PRO C 434 17.11 -16.24 -19.74
N LEU C 435 16.84 -15.08 -19.12
CA LEU C 435 15.72 -14.87 -18.23
C LEU C 435 14.69 -14.00 -18.92
N ASP C 436 13.42 -14.14 -18.56
CA ASP C 436 12.47 -13.13 -18.91
C ASP C 436 12.51 -12.00 -17.87
N LYS C 437 11.52 -11.11 -17.91
CA LYS C 437 11.58 -9.91 -17.12
C LYS C 437 10.99 -10.10 -15.72
N MET C 438 10.49 -11.30 -15.47
CA MET C 438 10.20 -11.70 -14.13
C MET C 438 11.44 -12.34 -13.48
N GLY C 439 12.49 -12.57 -14.26
CA GLY C 439 13.70 -13.23 -13.81
C GLY C 439 13.76 -14.75 -13.96
N ASN C 440 12.88 -15.33 -14.73
CA ASN C 440 12.79 -16.76 -14.87
C ASN C 440 13.24 -17.18 -16.25
N SER C 441 13.87 -18.34 -16.34
CA SER C 441 14.36 -18.86 -17.57
C SER C 441 13.25 -19.00 -18.58
N VAL C 442 13.48 -18.38 -19.73
CA VAL C 442 12.55 -18.39 -20.83
C VAL C 442 12.21 -19.81 -21.22
N LYS C 443 13.23 -20.62 -21.46
CA LYS C 443 12.98 -21.94 -22.00
C LYS C 443 12.45 -22.89 -20.95
N GLY C 444 12.91 -22.71 -19.72
CA GLY C 444 12.33 -23.42 -18.61
C GLY C 444 10.86 -23.24 -18.44
N ILE C 445 10.41 -21.99 -18.56
CA ILE C 445 9.02 -21.68 -18.53
C ILE C 445 8.27 -22.23 -19.73
N HIS C 446 8.85 -22.11 -20.91
CA HIS C 446 8.22 -22.63 -22.07
C HIS C 446 8.07 -24.15 -22.02
N PHE C 447 9.15 -24.80 -21.62
CA PHE C 447 9.14 -26.23 -21.37
C PHE C 447 8.16 -26.69 -20.26
N CYS C 448 8.09 -25.97 -19.13
CA CYS C 448 7.16 -26.32 -18.07
C CYS C 448 5.69 -26.23 -18.50
N HIS C 449 5.31 -25.18 -19.21
CA HIS C 449 3.97 -25.07 -19.71
C HIS C 449 3.60 -26.20 -20.71
N ASP C 450 4.52 -26.49 -21.61
CA ASP C 450 4.41 -27.58 -22.54
C ASP C 450 4.22 -28.98 -21.87
N LEU C 451 5.03 -29.28 -20.87
CA LEU C 451 4.93 -30.50 -20.07
C LEU C 451 3.51 -30.77 -19.49
N VAL C 452 2.95 -29.73 -18.90
CA VAL C 452 1.60 -29.71 -18.36
C VAL C 452 0.47 -29.80 -19.40
N SER C 453 0.70 -29.29 -20.59
CA SER C 453 -0.23 -29.43 -21.70
C SER C 453 -0.32 -30.84 -22.17
N LEU C 454 0.84 -31.45 -22.25
CA LEU C 454 0.97 -32.82 -22.68
C LEU C 454 0.45 -33.81 -21.65
N CYS C 455 0.90 -33.67 -20.41
CA CYS C 455 0.66 -34.68 -19.41
C CYS C 455 -0.13 -34.16 -18.23
N ASN C 456 -0.96 -35.05 -17.67
CA ASN C 456 -1.82 -34.73 -16.53
C ASN C 456 -1.09 -34.54 -15.19
N PHE C 457 0.12 -34.07 -15.23
CA PHE C 457 0.90 -33.64 -14.11
C PHE C 457 0.38 -32.44 -13.31
N HIS C 458 -0.40 -31.50 -13.91
CA HIS C 458 -0.92 -30.36 -13.12
C HIS C 458 -1.54 -30.85 -11.84
N ASN C 459 -1.32 -30.08 -10.80
CA ASN C 459 -1.74 -30.40 -9.47
C ASN C 459 -3.26 -30.69 -9.33
N TYR C 460 -4.06 -29.94 -10.06
CA TYR C 460 -5.50 -30.11 -10.07
C TYR C 460 -6.00 -30.74 -11.38
N ASP C 461 -5.16 -31.49 -12.05
CA ASP C 461 -5.66 -32.46 -13.01
C ASP C 461 -6.22 -33.67 -12.27
N ASN C 462 -7.21 -34.30 -12.90
CA ASN C 462 -7.82 -35.48 -12.36
C ASN C 462 -7.16 -36.76 -12.89
N LEU C 463 -6.79 -37.65 -12.00
CA LEU C 463 -6.20 -38.92 -12.33
C LEU C 463 -7.10 -39.84 -13.19
N ARG C 464 -8.39 -39.90 -12.87
CA ARG C 464 -9.35 -40.68 -13.65
C ARG C 464 -9.79 -40.11 -15.04
N HIS C 465 -10.11 -38.81 -15.12
CA HIS C 465 -10.62 -38.24 -16.36
C HIS C 465 -9.89 -36.93 -16.70
N PHE C 466 -9.30 -36.92 -17.88
CA PHE C 466 -8.49 -35.83 -18.38
C PHE C 466 -8.49 -35.86 -19.91
N ALA C 467 -8.52 -34.68 -20.51
CA ALA C 467 -9.15 -34.62 -21.82
C ALA C 467 -8.40 -35.32 -22.95
N LYS C 468 -7.33 -34.72 -23.41
CA LYS C 468 -6.60 -35.26 -24.52
C LYS C 468 -5.21 -35.60 -24.03
N LYS C 469 -5.03 -35.26 -22.75
CA LYS C 469 -3.78 -35.34 -22.05
C LYS C 469 -3.27 -36.76 -21.90
N LEU C 470 -1.96 -36.94 -22.08
CA LEU C 470 -1.34 -38.22 -21.89
C LEU C 470 -1.07 -38.43 -20.37
N ASP C 471 -0.91 -39.67 -19.96
CA ASP C 471 -0.59 -40.00 -18.61
C ASP C 471 0.44 -41.09 -18.59
N PRO C 472 1.74 -40.76 -18.54
CA PRO C 472 2.81 -41.74 -18.51
C PRO C 472 2.73 -42.78 -17.36
N ARG C 473 2.09 -42.53 -16.21
CA ARG C 473 1.90 -43.58 -15.18
C ARG C 473 1.11 -44.80 -15.66
N ARG C 474 0.40 -44.66 -16.77
CA ARG C 474 -0.48 -45.69 -17.29
C ARG C 474 0.18 -46.33 -18.50
N GLU C 475 -0.19 -47.58 -18.76
CA GLU C 475 0.50 -48.30 -19.79
C GLU C 475 -0.06 -48.01 -21.21
N GLY C 476 -1.34 -47.65 -21.31
CA GLY C 476 -1.83 -47.26 -22.60
C GLY C 476 -2.59 -48.46 -23.19
N SER D 68 22.13 65.20 14.13
CA SER D 68 21.06 65.52 15.11
C SER D 68 20.23 64.30 15.52
N LEU D 69 20.51 63.13 14.91
CA LEU D 69 19.81 61.91 15.21
C LEU D 69 20.06 61.47 16.67
N GLU D 70 21.33 61.59 17.04
CA GLU D 70 21.81 61.33 18.37
C GLU D 70 21.20 62.31 19.40
N ASP D 71 21.13 63.59 19.00
CA ASP D 71 20.48 64.63 19.80
C ASP D 71 18.99 64.34 20.08
N LEU D 72 18.28 63.95 19.02
CA LEU D 72 16.87 63.58 19.13
C LEU D 72 16.63 62.47 20.16
N LEU D 73 17.41 61.41 20.06
CA LEU D 73 17.33 60.31 20.98
C LEU D 73 17.66 60.72 22.44
N PHE D 74 18.69 61.57 22.57
CA PHE D 74 19.06 62.11 23.87
C PHE D 74 17.88 62.81 24.59
N TYR D 75 17.19 63.72 23.88
CA TYR D 75 16.07 64.45 24.48
C TYR D 75 14.92 63.53 24.96
N THR D 76 14.62 62.49 24.13
CA THR D 76 13.59 61.53 24.45
C THR D 76 13.96 60.67 25.67
N ILE D 77 15.23 60.28 25.77
CA ILE D 77 15.66 59.50 26.94
C ILE D 77 15.74 60.39 28.21
N ALA D 78 16.28 61.59 28.05
CA ALA D 78 16.52 62.48 29.17
C ALA D 78 15.25 62.85 29.95
N GLU D 79 14.16 63.10 29.19
CA GLU D 79 12.87 63.44 29.83
C GLU D 79 12.95 64.84 30.44
N GLY D 80 13.55 65.73 29.64
CA GLY D 80 13.78 67.11 29.98
C GLY D 80 14.95 67.37 30.92
N GLN D 81 15.53 66.31 31.50
CA GLN D 81 16.75 66.47 32.27
C GLN D 81 17.91 66.93 31.38
N GLU D 82 19.04 67.26 32.03
CA GLU D 82 20.23 67.67 31.33
C GLU D 82 21.36 66.62 31.36
N LYS D 83 21.24 65.62 32.26
CA LYS D 83 22.17 64.49 32.30
C LYS D 83 21.46 63.14 32.53
N ILE D 84 21.52 62.23 31.53
CA ILE D 84 20.99 60.89 31.68
C ILE D 84 21.95 60.03 32.48
N PRO D 85 21.58 59.47 33.63
CA PRO D 85 22.40 58.52 34.36
C PRO D 85 22.49 57.19 33.58
N VAL D 86 23.70 56.67 33.45
CA VAL D 86 23.98 55.46 32.72
C VAL D 86 22.96 54.31 32.93
N HIS D 87 22.71 53.93 34.18
CA HIS D 87 21.83 52.82 34.47
C HIS D 87 20.42 53.00 33.84
N LYS D 88 19.99 54.25 33.75
CA LYS D 88 18.72 54.63 33.15
C LYS D 88 18.66 54.30 31.68
N PHE D 89 19.75 54.55 30.99
CA PHE D 89 19.83 54.30 29.57
C PHE D 89 19.88 52.79 29.32
N ILE D 90 20.61 52.11 30.19
CA ILE D 90 20.75 50.69 30.10
C ILE D 90 19.43 49.98 30.30
N THR D 91 18.69 50.44 31.29
CA THR D 91 17.40 49.86 31.61
C THR D 91 16.38 50.08 30.51
N ALA D 92 16.40 51.28 29.97
CA ALA D 92 15.59 51.64 28.84
C ALA D 92 15.89 50.78 27.61
N LEU D 93 17.16 50.68 27.30
CA LEU D 93 17.66 49.83 26.25
C LEU D 93 17.27 48.35 26.37
N LYS D 94 17.27 47.85 27.58
CA LYS D 94 17.03 46.45 27.84
C LYS D 94 15.59 46.09 27.58
N SER D 95 14.70 46.99 28.01
CA SER D 95 13.29 46.76 27.92
C SER D 95 12.77 46.81 26.47
N THR D 96 13.61 47.28 25.55
CA THR D 96 13.35 47.07 24.16
C THR D 96 13.43 45.61 23.78
N GLY D 97 14.22 44.84 24.50
CA GLY D 97 14.40 43.48 24.25
C GLY D 97 15.74 43.18 23.79
N LEU D 98 16.56 44.18 23.53
CA LEU D 98 17.94 43.90 23.23
C LEU D 98 18.70 43.54 24.49
N ARG D 99 19.76 42.79 24.30
CA ARG D 99 20.65 42.53 25.36
C ARG D 99 21.85 43.46 25.16
N THR D 100 22.59 43.75 26.22
CA THR D 100 23.71 44.65 26.10
C THR D 100 24.86 44.03 25.39
N SER D 101 24.86 42.71 25.34
CA SER D 101 25.90 41.98 24.69
C SER D 101 25.66 41.75 23.20
N ASP D 102 24.61 42.38 22.65
CA ASP D 102 24.32 42.36 21.22
C ASP D 102 25.53 42.73 20.36
N PRO D 103 26.01 41.90 19.41
CA PRO D 103 27.07 42.21 18.47
C PRO D 103 26.93 43.60 17.88
N ARG D 104 25.77 43.95 17.37
CA ARG D 104 25.53 45.24 16.75
C ARG D 104 25.72 46.43 17.70
N LEU D 105 25.32 46.30 18.95
CA LEU D 105 25.53 47.30 19.96
C LEU D 105 27.00 47.44 20.53
N LYS D 106 27.99 46.73 19.98
CA LYS D 106 29.34 46.64 20.57
C LYS D 106 30.12 47.97 20.71
N GLU D 107 30.16 48.78 19.65
CA GLU D 107 30.79 50.10 19.67
C GLU D 107 30.27 50.97 20.82
N CYS D 108 28.97 50.95 20.98
CA CYS D 108 28.31 51.69 22.02
C CYS D 108 28.69 51.23 23.43
N MET D 109 28.64 49.95 23.67
CA MET D 109 28.99 49.41 24.94
C MET D 109 30.48 49.65 25.32
N ASP D 110 31.34 49.56 24.30
CA ASP D 110 32.76 49.81 24.45
C ASP D 110 33.06 51.24 24.89
N MET D 111 32.39 52.20 24.25
CA MET D 111 32.43 53.60 24.60
C MET D 111 31.92 53.91 25.99
N LEU D 112 30.82 53.31 26.38
CA LEU D 112 30.33 53.51 27.72
C LEU D 112 31.31 53.02 28.76
N ARG D 113 31.88 51.83 28.56
CA ARG D 113 32.94 51.32 29.41
C ARG D 113 34.13 52.27 29.54
N LEU D 114 34.59 52.77 28.39
CA LEU D 114 35.65 53.75 28.28
C LEU D 114 35.36 54.98 29.11
N THR D 115 34.23 55.64 28.86
CA THR D 115 33.89 56.85 29.58
C THR D 115 33.60 56.58 31.04
N LEU D 116 33.08 55.41 31.39
CA LEU D 116 32.92 55.06 32.80
C LEU D 116 34.24 55.10 33.56
N GLN D 117 35.31 54.66 32.91
CA GLN D 117 36.63 54.80 33.45
C GLN D 117 37.07 56.27 33.53
N THR D 118 37.06 56.96 32.40
CA THR D 118 37.65 58.30 32.28
C THR D 118 36.82 59.43 32.91
N THR D 119 35.58 59.15 33.24
CA THR D 119 34.62 60.19 33.51
C THR D 119 34.91 60.89 34.84
N SER D 120 34.68 62.20 34.87
CA SER D 120 34.69 62.91 36.14
C SER D 120 33.49 62.53 37.05
N ASP D 121 32.29 62.46 36.43
CA ASP D 121 31.03 62.17 37.15
C ASP D 121 31.01 60.76 37.72
N GLY D 122 30.05 60.50 38.60
CA GLY D 122 29.78 59.16 39.03
C GLY D 122 29.50 58.29 37.83
N VAL D 123 28.57 58.77 36.98
CA VAL D 123 27.88 57.89 36.07
C VAL D 123 26.98 58.67 35.10
N MET D 124 27.28 59.93 34.81
CA MET D 124 26.28 60.78 34.16
C MET D 124 26.72 61.21 32.78
N LEU D 125 25.76 61.28 31.85
CA LEU D 125 26.06 61.61 30.47
C LEU D 125 25.25 62.82 30.03
N ASP D 126 25.95 63.89 29.77
CA ASP D 126 25.37 65.05 29.13
C ASP D 126 25.26 64.80 27.63
N LYS D 127 24.57 65.68 26.92
CA LYS D 127 24.29 65.53 25.51
C LYS D 127 25.52 65.12 24.66
N ASP D 128 26.67 65.78 24.87
CA ASP D 128 27.85 65.55 24.05
C ASP D 128 28.51 64.21 24.38
N LEU D 129 28.29 63.78 25.61
CA LEU D 129 28.82 62.53 26.10
C LEU D 129 27.99 61.33 25.60
N PHE D 130 26.67 61.47 25.74
CA PHE D 130 25.73 60.54 25.18
C PHE D 130 25.96 60.36 23.70
N LYS D 131 26.19 61.47 23.03
CA LYS D 131 26.37 61.48 21.59
C LYS D 131 27.57 60.64 21.19
N LYS D 132 28.66 60.76 21.95
CA LYS D 132 29.89 60.03 21.70
C LYS D 132 29.73 58.52 21.85
N CYS D 133 29.01 58.11 22.92
CA CYS D 133 28.69 56.73 23.18
C CYS D 133 27.76 56.06 22.14
N VAL D 134 26.70 56.76 21.72
CA VAL D 134 25.71 56.17 20.87
C VAL D 134 25.95 56.41 19.38
N GLN D 135 26.82 57.34 19.00
CA GLN D 135 26.85 57.78 17.60
C GLN D 135 26.98 56.64 16.58
N SER D 136 27.87 55.70 16.88
CA SER D 136 28.17 54.60 15.98
C SER D 136 27.01 53.65 15.72
N ASN D 137 26.10 53.56 16.69
CA ASN D 137 25.07 52.55 16.65
C ASN D 137 23.69 53.19 16.71
N ILE D 138 23.63 54.46 16.27
CA ILE D 138 22.46 55.29 16.44
C ILE D 138 21.22 54.78 15.71
N VAL D 139 21.40 54.27 14.51
CA VAL D 139 20.28 53.81 13.71
C VAL D 139 19.50 52.73 14.43
N LEU D 140 20.22 51.79 15.02
CA LEU D 140 19.63 50.65 15.63
C LEU D 140 19.03 51.05 16.96
N LEU D 141 19.72 51.95 17.64
CA LEU D 141 19.20 52.47 18.89
C LEU D 141 17.98 53.37 18.70
N THR D 142 17.82 53.93 17.53
CA THR D 142 16.67 54.76 17.32
C THR D 142 15.45 53.94 17.03
N GLN D 143 15.64 52.85 16.31
CA GLN D 143 14.58 51.89 16.08
C GLN D 143 14.11 51.26 17.36
N ALA D 144 15.06 50.89 18.20
CA ALA D 144 14.75 50.28 19.46
C ALA D 144 13.95 51.16 20.40
N PHE D 145 14.14 52.47 20.25
CA PHE D 145 13.63 53.43 21.21
C PHE D 145 12.36 54.13 20.67
N ARG D 146 12.29 54.28 19.34
CA ARG D 146 11.07 54.72 18.65
C ARG D 146 9.99 53.61 18.50
N ARG D 147 10.31 52.40 18.93
CA ARG D 147 9.34 51.33 19.03
C ARG D 147 9.05 50.77 17.66
N LYS D 148 10.08 50.74 16.87
CA LYS D 148 9.97 50.40 15.49
C LYS D 148 10.28 48.96 15.23
N PHE D 149 10.64 48.24 16.27
CA PHE D 149 10.88 46.83 16.10
C PHE D 149 9.57 46.07 15.93
N VAL D 150 9.72 44.83 15.47
CA VAL D 150 8.64 43.96 15.08
C VAL D 150 7.61 43.77 16.18
N ILE D 151 8.06 43.54 17.40
CA ILE D 151 7.17 43.51 18.54
C ILE D 151 7.46 44.73 19.41
N PRO D 152 6.71 45.83 19.34
CA PRO D 152 7.06 47.05 20.03
C PRO D 152 6.97 46.92 21.55
N ASP D 153 5.93 46.28 22.05
CA ASP D 153 5.74 46.10 23.48
C ASP D 153 6.26 44.74 23.92
N PHE D 154 7.57 44.61 23.91
CA PHE D 154 8.23 43.39 24.17
C PHE D 154 8.02 42.89 25.59
N MET D 155 7.97 43.80 26.53
CA MET D 155 7.79 43.41 27.91
C MET D 155 6.49 42.73 28.15
N SER D 156 5.46 43.27 27.55
CA SER D 156 4.16 42.69 27.61
C SER D 156 4.12 41.31 26.93
N PHE D 157 4.77 41.20 25.75
CA PHE D 157 4.91 39.93 25.04
C PHE D 157 5.60 38.80 25.84
N THR D 158 6.67 39.13 26.52
CA THR D 158 7.43 38.19 27.32
C THR D 158 6.66 37.71 28.56
N SER D 159 5.83 38.59 29.08
CA SER D 159 4.91 38.25 30.13
C SER D 159 3.97 37.14 29.67
N HIS D 160 3.50 37.26 28.43
CA HIS D 160 2.67 36.25 27.84
C HIS D 160 3.41 34.94 27.61
N ILE D 161 4.67 35.03 27.16
CA ILE D 161 5.51 33.86 26.97
C ILE D 161 5.69 33.10 28.26
N ASP D 162 5.91 33.86 29.33
CA ASP D 162 6.07 33.30 30.67
C ASP D 162 4.82 32.54 31.17
N GLU D 163 3.64 33.13 31.04
CA GLU D 163 2.39 32.44 31.29
C GLU D 163 2.25 31.12 30.51
N LEU D 164 2.59 31.15 29.22
CA LEU D 164 2.55 29.94 28.39
C LEU D 164 3.55 28.89 28.86
N TYR D 165 4.74 29.32 29.18
CA TYR D 165 5.77 28.44 29.66
C TYR D 165 5.32 27.70 30.94
N GLU D 166 4.78 28.49 31.87
CA GLU D 166 4.28 27.99 33.10
C GLU D 166 3.16 26.99 32.88
N SER D 167 2.29 27.34 31.95
CA SER D 167 1.19 26.51 31.62
C SER D 167 1.59 25.20 30.95
N ALA D 168 2.64 25.20 30.15
CA ALA D 168 3.11 23.97 29.54
C ALA D 168 3.95 23.13 30.49
N LYS D 169 4.49 23.79 31.52
CA LYS D 169 5.28 23.16 32.58
C LYS D 169 4.54 22.03 33.31
N LYS D 170 3.29 22.31 33.61
CA LYS D 170 2.36 21.40 34.27
C LYS D 170 2.10 20.08 33.47
N GLN D 171 2.16 20.15 32.14
CA GLN D 171 2.09 18.96 31.27
C GLN D 171 3.26 17.95 31.44
N SER D 172 3.15 17.08 32.42
CA SER D 172 4.24 16.17 32.83
C SER D 172 4.28 14.84 32.04
N GLY D 173 3.41 14.68 31.05
CA GLY D 173 3.36 13.52 30.18
C GLY D 173 4.64 13.17 29.45
N GLY D 174 4.72 11.94 28.91
CA GLY D 174 5.71 11.60 27.92
C GLY D 174 6.77 10.72 28.40
N LYS D 175 7.64 10.29 27.52
CA LYS D 175 8.76 9.49 27.92
C LYS D 175 10.02 10.03 27.28
N VAL D 176 11.12 9.93 27.98
CA VAL D 176 12.40 10.42 27.49
C VAL D 176 13.03 9.35 26.64
N ALA D 177 13.56 9.75 25.48
CA ALA D 177 14.18 8.79 24.59
C ALA D 177 15.30 8.02 25.31
N ASP D 178 15.40 6.73 25.08
CA ASP D 178 16.33 5.94 25.85
C ASP D 178 17.05 4.97 24.96
N TYR D 179 17.09 5.28 23.68
CA TYR D 179 17.65 4.36 22.73
C TYR D 179 19.13 4.49 22.69
N ILE D 180 19.64 5.57 23.28
CA ILE D 180 21.01 5.68 23.64
C ILE D 180 21.11 6.32 25.02
N PRO D 181 22.12 5.91 25.81
CA PRO D 181 22.31 6.36 27.19
C PRO D 181 22.27 7.89 27.35
N GLN D 182 22.93 8.63 26.45
CA GLN D 182 23.05 10.09 26.53
C GLN D 182 21.70 10.81 26.51
N LEU D 183 20.72 10.21 25.85
CA LEU D 183 19.42 10.80 25.72
C LEU D 183 18.59 10.44 26.91
N ALA D 184 18.81 9.23 27.37
CA ALA D 184 18.12 8.69 28.52
C ALA D 184 18.47 9.41 29.82
N LYS D 185 19.66 10.00 29.86
CA LYS D 185 20.17 10.69 31.04
C LYS D 185 19.36 11.94 31.41
N PHE D 186 18.80 12.63 30.41
CA PHE D 186 18.17 13.92 30.67
C PHE D 186 16.94 13.83 31.58
N SER D 187 16.88 14.74 32.57
CA SER D 187 15.77 14.79 33.49
C SER D 187 14.43 15.12 32.81
N PRO D 188 13.29 14.56 33.17
CA PRO D 188 12.02 14.93 32.53
C PRO D 188 11.60 16.37 32.84
N ASP D 189 12.19 17.00 33.85
CA ASP D 189 11.67 18.23 34.37
C ASP D 189 12.40 19.43 33.79
N LEU D 190 13.41 19.15 32.98
CA LEU D 190 14.00 20.16 32.12
C LEU D 190 13.02 20.72 31.09
N TRP D 191 12.93 22.05 31.02
CA TRP D 191 11.99 22.70 30.17
C TRP D 191 12.42 24.15 29.91
N GLY D 192 12.75 24.45 28.64
CA GLY D 192 13.15 25.77 28.31
C GLY D 192 12.55 26.31 27.08
N VAL D 193 12.47 27.63 27.03
CA VAL D 193 11.97 28.29 25.86
C VAL D 193 12.78 29.54 25.63
N SER D 194 13.10 29.81 24.38
CA SER D 194 13.81 31.01 24.06
C SER D 194 13.31 31.60 22.80
N VAL D 195 13.38 32.90 22.76
CA VAL D 195 12.78 33.70 21.74
C VAL D 195 13.84 34.59 21.16
N CYS D 196 13.92 34.62 19.84
CA CYS D 196 14.70 35.62 19.15
C CYS D 196 13.92 36.20 18.00
N THR D 197 13.71 37.48 18.11
CA THR D 197 13.02 38.28 17.15
C THR D 197 13.88 38.56 15.89
N VAL D 198 13.25 38.92 14.80
CA VAL D 198 13.98 39.29 13.60
C VAL D 198 14.69 40.66 13.74
N ASP D 199 14.43 41.35 14.83
CA ASP D 199 15.21 42.50 15.24
C ASP D 199 16.20 42.23 16.40
N GLY D 200 16.41 40.98 16.78
CA GLY D 200 17.27 40.66 17.88
C GLY D 200 16.70 40.81 19.28
N GLN D 201 15.42 41.06 19.47
CA GLN D 201 14.87 41.08 20.81
C GLN D 201 14.78 39.69 21.43
N ARG D 202 15.40 39.51 22.59
CA ARG D 202 15.58 38.19 23.14
C ARG D 202 14.82 37.99 24.44
N HIS D 203 14.35 36.77 24.66
CA HIS D 203 13.81 36.42 25.94
C HIS D 203 13.89 34.91 26.16
N SER D 204 13.93 34.52 27.45
CA SER D 204 14.18 33.16 27.86
C SER D 204 13.47 32.87 29.16
N THR D 205 12.96 31.66 29.29
CA THR D 205 12.48 31.15 30.55
C THR D 205 12.91 29.70 30.68
N GLY D 206 13.12 29.24 31.90
CA GLY D 206 13.57 27.91 32.10
C GLY D 206 14.93 27.61 31.61
N ASP D 207 15.15 26.35 31.32
CA ASP D 207 16.47 25.79 31.17
C ASP D 207 17.07 26.05 29.79
N THR D 208 17.42 27.32 29.57
CA THR D 208 17.71 27.83 28.28
C THR D 208 19.17 27.88 27.97
N LYS D 209 19.99 27.56 28.96
CA LYS D 209 21.44 27.52 28.81
C LYS D 209 22.01 26.10 28.98
N VAL D 210 21.21 25.10 28.75
CA VAL D 210 21.65 23.75 28.92
C VAL D 210 21.91 23.13 27.55
N PRO D 211 23.11 22.60 27.26
CA PRO D 211 23.31 22.03 25.97
C PRO D 211 22.51 20.73 25.78
N PHE D 212 22.16 20.48 24.53
CA PHE D 212 21.56 19.26 24.12
C PHE D 212 21.70 19.16 22.64
N CYS D 213 21.50 17.96 22.13
CA CYS D 213 21.77 17.69 20.74
C CYS D 213 20.60 18.05 19.88
N LEU D 214 20.92 18.54 18.67
CA LEU D 214 19.92 18.94 17.73
C LEU D 214 19.12 17.74 17.23
N GLN D 215 19.78 16.58 17.14
CA GLN D 215 19.22 15.44 16.47
C GLN D 215 18.59 15.81 15.12
N SER D 216 17.32 15.47 14.89
CA SER D 216 16.64 15.76 13.61
C SER D 216 16.25 17.24 13.45
N CYS D 217 16.44 18.06 14.49
CA CYS D 217 16.41 19.51 14.32
C CYS D 217 17.50 20.04 13.33
N VAL D 218 18.56 19.26 13.13
CA VAL D 218 19.61 19.65 12.22
C VAL D 218 19.22 19.45 10.74
N LYS D 219 18.17 18.67 10.49
CA LYS D 219 17.75 18.34 9.14
C LYS D 219 17.39 19.56 8.28
N PRO D 220 16.59 20.57 8.70
CA PRO D 220 16.34 21.74 7.92
C PRO D 220 17.61 22.61 7.81
N LEU D 221 18.45 22.66 8.82
CA LEU D 221 19.64 23.46 8.77
C LEU D 221 20.63 23.00 7.69
N LYS D 222 20.77 21.69 7.52
CA LYS D 222 21.70 21.14 6.56
C LYS D 222 21.13 21.12 5.15
N TYR D 223 19.81 20.94 5.07
CA TYR D 223 19.06 21.16 3.86
C TYR D 223 19.24 22.59 3.35
N ALA D 224 19.15 23.54 4.27
CA ALA D 224 19.32 24.92 3.93
C ALA D 224 20.72 25.20 3.37
N ILE D 225 21.73 24.65 4.02
CA ILE D 225 23.10 24.74 3.56
C ILE D 225 23.27 24.19 2.15
N ALA D 226 22.68 23.03 1.88
CA ALA D 226 22.78 22.39 0.61
C ALA D 226 22.16 23.21 -0.52
N VAL D 227 20.95 23.75 -0.29
CA VAL D 227 20.26 24.63 -1.22
C VAL D 227 20.98 25.95 -1.45
N ASN D 228 21.51 26.54 -0.38
CA ASN D 228 22.39 27.69 -0.48
C ASN D 228 23.54 27.48 -1.48
N ASP D 229 24.30 26.41 -1.31
CA ASP D 229 25.50 26.20 -2.05
C ASP D 229 25.26 25.66 -3.47
N LEU D 230 24.10 25.03 -3.70
CA LEU D 230 23.89 24.17 -4.84
C LEU D 230 22.62 24.52 -5.61
N GLY D 231 21.62 25.09 -4.95
CA GLY D 231 20.41 25.43 -5.67
C GLY D 231 19.30 24.41 -5.54
N THR D 232 18.07 24.87 -5.54
CA THR D 232 16.89 24.01 -5.54
C THR D 232 16.96 22.86 -6.55
N GLU D 233 17.41 23.17 -7.77
CA GLU D 233 17.33 22.27 -8.88
C GLU D 233 18.25 21.07 -8.71
N TYR D 234 19.50 21.33 -8.35
CA TYR D 234 20.41 20.27 -8.04
C TYR D 234 19.92 19.41 -6.89
N VAL D 235 19.63 20.05 -5.76
CA VAL D 235 19.22 19.36 -4.56
C VAL D 235 18.04 18.43 -4.80
N HIS D 236 16.98 18.96 -5.40
CA HIS D 236 15.80 18.19 -5.64
C HIS D 236 15.87 17.21 -6.83
N ARG D 237 17.04 17.06 -7.46
CA ARG D 237 17.31 15.85 -8.23
C ARG D 237 17.39 14.62 -7.34
N TYR D 238 17.95 14.80 -6.16
CA TYR D 238 18.27 13.69 -5.31
C TYR D 238 17.24 13.46 -4.23
N VAL D 239 16.31 14.38 -4.04
CA VAL D 239 15.37 14.28 -2.94
C VAL D 239 14.09 15.02 -3.26
N GLY D 240 12.97 14.56 -2.72
CA GLY D 240 11.65 15.07 -3.00
C GLY D 240 11.28 16.31 -2.26
N LYS D 241 10.08 16.82 -2.47
CA LYS D 241 9.64 17.99 -1.77
C LYS D 241 8.21 17.93 -1.27
N GLU D 242 7.75 16.77 -0.87
CA GLU D 242 6.36 16.60 -0.47
C GLU D 242 6.23 15.73 0.75
N PRO D 243 5.32 15.91 1.69
CA PRO D 243 5.12 14.92 2.74
C PRO D 243 4.88 13.49 2.19
N SER D 244 5.60 12.50 2.72
CA SER D 244 5.42 11.09 2.37
C SER D 244 4.00 10.53 2.57
N GLY D 245 3.69 9.52 1.74
CA GLY D 245 2.59 8.57 1.89
C GLY D 245 1.76 8.56 3.17
N LEU D 251 13.21 2.02 5.01
CA LEU D 251 11.92 2.67 4.70
C LEU D 251 12.03 3.27 3.28
N PHE D 252 10.86 3.23 2.57
CA PHE D 252 10.79 3.30 1.11
C PHE D 252 11.00 4.72 0.49
N LEU D 253 10.58 4.82 -0.79
CA LEU D 253 10.92 5.96 -1.64
C LEU D 253 9.69 6.35 -2.42
N ASN D 254 9.75 7.52 -3.05
CA ASN D 254 8.65 8.02 -3.87
C ASN D 254 8.63 7.39 -5.29
N GLU D 255 7.60 7.73 -6.09
CA GLU D 255 7.41 7.14 -7.43
C GLU D 255 8.60 7.43 -8.37
N ASP D 256 9.44 8.39 -7.98
CA ASP D 256 10.55 8.82 -8.82
C ASP D 256 11.87 8.26 -8.26
N ASP D 257 11.73 7.44 -7.20
CA ASP D 257 12.83 6.73 -6.52
C ASP D 257 13.77 7.69 -5.77
N LYS D 258 13.23 8.82 -5.39
CA LYS D 258 13.92 9.73 -4.55
C LYS D 258 13.33 9.55 -3.19
N PRO D 259 14.04 9.78 -2.09
CA PRO D 259 13.42 9.86 -0.77
C PRO D 259 12.45 11.03 -0.76
N HIS D 260 11.41 10.93 0.03
CA HIS D 260 10.22 11.72 -0.18
C HIS D 260 10.46 13.22 0.05
N ASN D 261 11.49 13.54 0.83
CA ASN D 261 11.72 14.86 1.32
C ASN D 261 12.84 14.85 2.36
N PRO D 262 13.63 15.94 2.50
CA PRO D 262 14.77 16.08 3.41
C PRO D 262 14.44 15.92 4.89
N MET D 263 13.23 16.19 5.30
CA MET D 263 12.86 16.06 6.68
C MET D 263 12.82 14.64 7.22
N VAL D 264 12.73 13.60 6.36
CA VAL D 264 12.79 12.23 6.84
C VAL D 264 14.22 11.73 6.79
N ASN D 265 14.51 10.62 7.47
CA ASN D 265 15.90 10.15 7.65
C ASN D 265 16.57 9.76 6.33
N ALA D 266 15.85 9.12 5.43
CA ALA D 266 16.41 8.70 4.16
C ALA D 266 16.83 9.89 3.30
N GLY D 267 16.01 10.93 3.29
CA GLY D 267 16.30 12.14 2.57
C GLY D 267 17.32 13.03 3.21
N ALA D 268 17.41 12.97 4.54
CA ALA D 268 18.45 13.64 5.28
C ALA D 268 19.82 13.10 4.99
N ILE D 269 19.90 11.79 4.86
CA ILE D 269 21.11 11.09 4.49
C ILE D 269 21.57 11.47 3.06
N VAL D 270 20.64 11.50 2.13
CA VAL D 270 20.95 12.01 0.81
C VAL D 270 21.42 13.49 0.82
N VAL D 271 20.75 14.36 1.57
CA VAL D 271 21.18 15.74 1.68
C VAL D 271 22.62 15.84 2.21
N THR D 272 22.93 15.01 3.21
CA THR D 272 24.23 14.91 3.80
C THR D 272 25.28 14.63 2.74
N SER D 273 24.96 13.76 1.80
CA SER D 273 25.87 13.42 0.74
C SER D 273 26.11 14.56 -0.25
N LEU D 274 25.14 15.43 -0.44
CA LEU D 274 25.25 16.60 -1.31
C LEU D 274 26.26 17.67 -0.85
N ILE D 275 26.40 17.83 0.45
CA ILE D 275 27.14 18.91 1.07
C ILE D 275 28.66 18.74 0.94
N LYS D 276 29.32 19.75 0.35
CA LYS D 276 30.77 19.88 0.30
C LYS D 276 31.41 18.61 -0.18
N GLN D 277 31.16 18.28 -1.42
CA GLN D 277 31.66 17.05 -1.94
C GLN D 277 33.15 17.13 -2.21
N GLY D 278 33.82 15.99 -2.06
CA GLY D 278 35.20 15.83 -2.42
C GLY D 278 36.22 16.26 -1.42
N VAL D 279 35.80 16.42 -0.19
CA VAL D 279 36.71 16.73 0.90
C VAL D 279 36.40 15.77 2.02
N ASN D 280 37.34 15.55 2.92
CA ASN D 280 37.17 14.55 3.94
C ASN D 280 36.09 14.95 4.93
N ASN D 281 35.60 14.01 5.70
CA ASN D 281 34.61 14.26 6.72
C ASN D 281 34.95 15.41 7.66
N ALA D 282 36.19 15.50 8.09
CA ALA D 282 36.61 16.53 9.05
C ALA D 282 36.41 17.96 8.54
N GLU D 283 36.84 18.17 7.31
CA GLU D 283 36.57 19.39 6.60
C GLU D 283 35.07 19.69 6.41
N LYS D 284 34.32 18.69 5.96
CA LYS D 284 32.88 18.84 5.78
C LYS D 284 32.17 19.25 7.07
N PHE D 285 32.57 18.63 8.17
CA PHE D 285 31.99 18.93 9.44
C PHE D 285 32.29 20.38 9.87
N ASP D 286 33.55 20.79 9.75
CA ASP D 286 33.95 22.16 10.01
C ASP D 286 33.21 23.18 9.16
N TYR D 287 32.98 22.85 7.89
CA TYR D 287 32.18 23.66 7.01
C TYR D 287 30.74 23.86 7.56
N VAL D 288 30.09 22.78 7.96
CA VAL D 288 28.78 22.87 8.52
C VAL D 288 28.75 23.59 9.88
N MET D 289 29.76 23.39 10.70
CA MET D 289 29.81 24.02 12.00
C MET D 289 29.95 25.53 11.92
N GLN D 290 30.76 25.99 10.99
CA GLN D 290 30.97 27.38 10.76
C GLN D 290 29.69 28.09 10.29
N PHE D 291 28.98 27.40 9.42
CA PHE D 291 27.72 27.84 8.89
C PHE D 291 26.70 28.02 10.02
N LEU D 292 26.60 26.99 10.87
CA LEU D 292 25.83 27.00 12.10
C LEU D 292 26.20 28.12 13.09
N ASN D 293 27.49 28.39 13.21
CA ASN D 293 28.00 29.52 13.98
C ASN D 293 27.42 30.86 13.54
N LYS D 294 27.50 31.13 12.26
CA LYS D 294 26.89 32.29 11.66
C LYS D 294 25.36 32.37 11.87
N MET D 295 24.66 31.26 11.70
CA MET D 295 23.23 31.25 11.86
C MET D 295 22.83 31.60 13.30
N ALA D 296 23.63 31.09 14.23
CA ALA D 296 23.41 31.29 15.65
C ALA D 296 24.02 32.60 16.23
N GLY D 297 24.46 33.48 15.35
CA GLY D 297 25.21 34.67 15.70
C GLY D 297 26.40 34.53 16.62
N ASN D 298 27.15 33.48 16.33
CA ASN D 298 28.28 33.01 17.10
C ASN D 298 27.97 32.70 18.55
N GLU D 299 26.77 32.27 18.83
CA GLU D 299 26.55 31.68 20.12
C GLU D 299 26.75 30.17 20.07
N TYR D 300 26.46 29.50 21.18
CA TYR D 300 26.96 28.16 21.39
C TYR D 300 26.54 27.15 20.28
N VAL D 301 27.51 26.46 19.74
CA VAL D 301 27.29 25.37 18.85
C VAL D 301 28.46 24.45 19.08
N GLY D 302 28.15 23.24 19.49
CA GLY D 302 29.01 22.29 20.07
C GLY D 302 28.87 20.97 19.47
N PHE D 303 29.83 20.11 19.73
CA PHE D 303 29.81 18.70 19.38
C PHE D 303 29.60 17.79 20.61
N SER D 304 28.84 16.72 20.47
CA SER D 304 28.82 15.65 21.46
C SER D 304 29.37 14.32 20.89
N ASN D 305 30.68 14.11 20.97
CA ASN D 305 31.28 12.79 20.74
C ASN D 305 30.57 11.60 21.41
N ALA D 306 30.14 11.76 22.64
CA ALA D 306 29.48 10.70 23.40
C ALA D 306 28.21 10.19 22.71
N THR D 307 27.32 11.14 22.41
CA THR D 307 26.21 10.96 21.49
C THR D 307 26.60 10.35 20.13
N PHE D 308 27.68 10.81 19.53
CA PHE D 308 28.04 10.38 18.20
C PHE D 308 28.41 8.91 18.17
N GLN D 309 29.23 8.52 19.12
CA GLN D 309 29.64 7.14 19.26
C GLN D 309 28.44 6.22 19.47
N SER D 310 27.52 6.67 20.31
CA SER D 310 26.32 5.91 20.58
C SER D 310 25.36 5.81 19.38
N GLU D 311 25.23 6.87 18.59
CA GLU D 311 24.45 6.86 17.35
C GLU D 311 25.00 5.84 16.36
N ARG D 312 26.32 5.84 16.18
CA ARG D 312 26.95 4.97 15.23
C ARG D 312 27.01 3.53 15.70
N GLU D 313 26.99 3.29 17.02
CA GLU D 313 26.85 1.91 17.52
C GLU D 313 25.51 1.25 17.12
N SER D 314 24.47 2.05 16.98
CA SER D 314 23.15 1.50 17.07
C SER D 314 22.22 2.03 16.02
N GLY D 315 22.78 2.49 14.94
CA GLY D 315 21.99 2.92 13.85
C GLY D 315 21.91 1.88 12.80
N ASP D 316 21.37 0.72 13.12
CA ASP D 316 21.13 -0.32 12.14
C ASP D 316 20.08 0.09 11.15
N ARG D 317 19.12 0.86 11.64
CA ARG D 317 18.14 1.55 10.81
C ARG D 317 18.74 2.43 9.70
N ASN D 318 19.73 3.23 10.05
CA ASN D 318 20.31 4.16 9.12
C ASN D 318 21.31 3.47 8.23
N PHE D 319 21.96 2.46 8.74
CA PHE D 319 22.73 1.54 7.92
C PHE D 319 21.89 0.77 6.90
N ALA D 320 20.74 0.30 7.32
CA ALA D 320 19.71 -0.21 6.42
C ALA D 320 19.36 0.79 5.31
N ILE D 321 19.11 2.02 5.69
CA ILE D 321 18.71 3.04 4.76
C ILE D 321 19.83 3.37 3.76
N GLY D 322 21.05 3.45 4.26
CA GLY D 322 22.21 3.70 3.46
C GLY D 322 22.52 2.70 2.39
N TYR D 323 22.40 1.45 2.75
CA TYR D 323 22.61 0.36 1.83
C TYR D 323 21.52 0.30 0.77
N TYR D 324 20.30 0.63 1.17
CA TYR D 324 19.19 0.72 0.24
C TYR D 324 19.32 1.90 -0.74
N LEU D 325 19.81 3.03 -0.25
CA LEU D 325 20.06 4.17 -1.12
C LEU D 325 21.19 3.88 -2.11
N LYS D 326 22.21 3.19 -1.64
CA LYS D 326 23.28 2.75 -2.49
C LYS D 326 22.80 1.81 -3.60
N GLU D 327 21.99 0.83 -3.25
CA GLU D 327 21.39 -0.07 -4.22
C GLU D 327 20.56 0.66 -5.30
N LYS D 328 19.69 1.53 -4.85
CA LYS D 328 18.83 2.26 -5.73
C LYS D 328 19.48 3.49 -6.36
N LYS D 329 20.78 3.68 -6.12
CA LYS D 329 21.58 4.70 -6.76
C LYS D 329 21.13 6.13 -6.50
N CYS D 330 20.88 6.43 -5.26
CA CYS D 330 20.30 7.70 -4.89
C CYS D 330 21.34 8.76 -4.53
N PHE D 331 22.60 8.38 -4.47
CA PHE D 331 23.61 9.32 -4.06
C PHE D 331 24.32 9.88 -5.26
N PRO D 332 25.12 10.95 -5.11
CA PRO D 332 25.88 11.48 -6.23
C PRO D 332 27.01 10.53 -6.54
N GLU D 333 27.48 10.61 -7.79
CA GLU D 333 28.56 9.80 -8.26
C GLU D 333 29.80 10.00 -7.41
N GLY D 334 30.41 8.88 -7.03
CA GLY D 334 31.55 8.84 -6.17
C GLY D 334 31.30 9.18 -4.73
N THR D 335 30.10 8.89 -4.23
CA THR D 335 29.81 8.93 -2.81
C THR D 335 30.29 7.65 -2.14
N ASP D 336 30.97 7.81 -1.01
CA ASP D 336 31.27 6.70 -0.13
C ASP D 336 30.18 6.62 0.95
N MET D 337 29.23 5.71 0.78
CA MET D 337 28.05 5.69 1.63
C MET D 337 28.36 5.51 3.13
N VAL D 338 29.29 4.65 3.48
CA VAL D 338 29.59 4.46 4.89
C VAL D 338 30.14 5.75 5.57
N GLY D 339 31.02 6.47 4.87
CA GLY D 339 31.51 7.77 5.30
C GLY D 339 30.48 8.86 5.42
N ILE D 340 29.57 8.88 4.47
CA ILE D 340 28.39 9.71 4.54
C ILE D 340 27.53 9.42 5.78
N LEU D 341 27.36 8.15 6.13
CA LEU D 341 26.61 7.81 7.34
C LEU D 341 27.29 8.31 8.62
N ASP D 342 28.62 8.25 8.63
CA ASP D 342 29.43 8.82 9.68
C ASP D 342 29.20 10.32 9.89
N PHE D 343 29.30 11.07 8.78
CA PHE D 343 28.99 12.50 8.73
C PHE D 343 27.57 12.81 9.23
N TYR D 344 26.61 11.99 8.81
CA TYR D 344 25.25 12.05 9.25
C TYR D 344 25.11 11.91 10.80
N PHE D 345 25.74 10.94 11.40
CA PHE D 345 25.67 10.73 12.84
C PHE D 345 26.33 11.89 13.63
N GLN D 346 27.42 12.41 13.07
CA GLN D 346 28.07 13.62 13.57
C GLN D 346 27.14 14.85 13.57
N LEU D 347 26.43 15.02 12.46
CA LEU D 347 25.49 16.11 12.30
C LEU D 347 24.37 16.09 13.33
N CYS D 348 23.89 14.89 13.60
CA CYS D 348 22.88 14.66 14.60
C CYS D 348 23.39 15.00 16.00
N SER D 349 24.64 14.64 16.26
CA SER D 349 25.25 14.84 17.55
C SER D 349 25.67 16.29 17.90
N ILE D 350 25.50 17.23 16.99
CA ILE D 350 25.75 18.64 17.27
C ILE D 350 24.85 19.18 18.41
N GLU D 351 25.45 19.96 19.32
CA GLU D 351 24.79 20.50 20.49
C GLU D 351 24.52 22.01 20.37
N VAL D 352 23.36 22.41 20.92
CA VAL D 352 22.97 23.79 21.04
C VAL D 352 22.46 24.05 22.46
N THR D 353 22.08 25.27 22.72
CA THR D 353 21.22 25.58 23.81
C THR D 353 19.97 26.18 23.22
N CYS D 354 18.91 26.28 24.00
CA CYS D 354 17.69 26.97 23.61
C CYS D 354 17.99 28.34 23.04
N GLU D 355 18.85 29.02 23.75
CA GLU D 355 19.22 30.37 23.48
C GLU D 355 19.92 30.59 22.13
N SER D 356 20.87 29.74 21.82
CA SER D 356 21.56 29.84 20.57
C SER D 356 20.75 29.26 19.39
N ALA D 357 19.89 28.27 19.65
CA ALA D 357 19.08 27.71 18.61
C ALA D 357 17.90 28.58 18.23
N SER D 358 17.50 29.47 19.13
CA SER D 358 16.51 30.47 18.81
C SER D 358 17.01 31.49 17.75
N VAL D 359 18.30 31.82 17.83
CA VAL D 359 18.94 32.69 16.89
C VAL D 359 19.01 32.07 15.51
N MET D 360 19.31 30.76 15.48
CA MET D 360 19.26 29.92 14.27
C MET D 360 17.90 30.00 13.55
N ALA D 361 16.86 29.78 14.34
CA ALA D 361 15.49 29.87 13.94
C ALA D 361 15.10 31.26 13.41
N ALA D 362 15.61 32.30 14.06
CA ALA D 362 15.33 33.67 13.68
C ALA D 362 16.00 34.12 12.37
N THR D 363 17.09 33.49 12.02
CA THR D 363 17.74 33.62 10.77
C THR D 363 16.81 33.16 9.65
N LEU D 364 16.10 32.05 9.94
CA LEU D 364 15.11 31.49 9.07
C LEU D 364 13.84 32.34 9.03
N ALA D 365 13.52 32.98 10.14
CA ALA D 365 12.37 33.91 10.20
C ALA D 365 12.68 35.30 9.57
N ASN D 366 13.98 35.62 9.49
CA ASN D 366 14.48 36.86 9.02
C ASN D 366 15.05 36.76 7.61
N GLY D 367 14.62 35.78 6.84
CA GLY D 367 14.94 35.75 5.44
C GLY D 367 16.35 35.40 5.09
N GLY D 368 17.10 34.86 6.02
CA GLY D 368 18.45 34.49 5.83
C GLY D 368 19.46 35.37 6.45
N PHE D 369 19.05 36.44 7.10
CA PHE D 369 19.96 37.30 7.80
C PHE D 369 19.92 37.00 9.27
N CYS D 370 21.06 36.87 9.87
CA CYS D 370 21.14 36.68 11.28
C CYS D 370 20.65 37.93 12.06
N PRO D 371 19.67 37.92 12.93
CA PRO D 371 19.11 39.15 13.40
C PRO D 371 20.01 39.88 14.43
N ILE D 372 20.99 39.19 15.00
CA ILE D 372 21.93 39.75 15.94
C ILE D 372 23.18 40.26 15.28
N THR D 373 23.69 39.57 14.28
CA THR D 373 24.88 40.08 13.63
C THR D 373 24.58 40.96 12.37
N GLY D 374 23.41 40.78 11.80
CA GLY D 374 22.98 41.45 10.60
C GLY D 374 23.60 40.88 9.32
N GLU D 375 24.17 39.71 9.47
CA GLU D 375 24.97 39.06 8.47
C GLU D 375 24.11 38.16 7.58
N ARG D 376 24.32 38.23 6.25
CA ARG D 376 23.67 37.30 5.33
C ARG D 376 24.29 35.89 5.40
N VAL D 377 23.47 34.93 5.78
CA VAL D 377 23.94 33.60 6.06
C VAL D 377 23.39 32.62 5.04
N LEU D 378 22.09 32.68 4.84
CA LEU D 378 21.42 31.84 3.86
C LEU D 378 20.72 32.67 2.77
N SER D 379 20.75 32.20 1.52
CA SER D 379 20.00 32.81 0.41
C SER D 379 18.50 32.85 0.67
N PRO D 380 17.68 33.72 0.09
CA PRO D 380 16.23 33.65 0.23
C PRO D 380 15.60 32.34 -0.30
N GLU D 381 16.09 31.83 -1.43
CA GLU D 381 15.69 30.53 -1.95
C GLU D 381 15.85 29.36 -0.96
N ALA D 382 17.00 29.30 -0.32
CA ALA D 382 17.26 28.33 0.74
C ALA D 382 16.27 28.38 1.89
N VAL D 383 16.04 29.58 2.40
CA VAL D 383 15.22 29.81 3.55
C VAL D 383 13.77 29.49 3.28
N ARG D 384 13.31 29.87 2.08
CA ARG D 384 11.95 29.64 1.66
C ARG D 384 11.66 28.16 1.54
N ASN D 385 12.57 27.46 0.91
CA ASN D 385 12.43 26.04 0.68
C ASN D 385 12.38 25.28 2.01
N THR D 386 13.24 25.65 2.92
CA THR D 386 13.34 25.02 4.22
C THR D 386 12.07 25.21 5.08
N LEU D 387 11.51 26.40 5.07
CA LEU D 387 10.26 26.68 5.72
C LEU D 387 9.06 25.92 5.10
N SER D 388 9.08 25.74 3.78
CA SER D 388 8.05 24.98 3.10
C SER D 388 8.03 23.52 3.59
N LEU D 389 9.22 22.94 3.69
CA LEU D 389 9.38 21.59 4.16
C LEU D 389 9.18 21.38 5.68
N MET D 390 9.56 22.37 6.50
CA MET D 390 9.22 22.36 7.92
C MET D 390 7.70 22.48 8.17
N HIS D 391 7.02 23.17 7.28
CA HIS D 391 5.58 23.31 7.35
C HIS D 391 4.92 21.95 7.23
N SER D 392 5.27 21.22 6.19
CA SER D 392 4.53 20.04 5.86
C SER D 392 5.14 18.74 6.41
N CYS D 393 6.43 18.69 6.66
CA CYS D 393 7.03 17.44 7.03
C CYS D 393 7.86 17.52 8.30
N GLY D 394 7.64 18.53 9.12
CA GLY D 394 8.55 18.75 10.18
C GLY D 394 8.34 18.09 11.51
N MET D 395 7.24 17.43 11.73
CA MET D 395 6.90 17.00 13.05
C MET D 395 6.51 15.56 13.01
N TYR D 396 7.27 14.82 12.20
CA TYR D 396 7.04 13.42 11.91
C TYR D 396 5.59 13.16 11.51
N ASP D 397 4.96 12.17 12.14
CA ASP D 397 3.58 11.83 11.80
C ASP D 397 2.53 12.81 12.35
N PHE D 398 2.96 13.76 13.17
CA PHE D 398 2.08 14.83 13.62
C PHE D 398 2.10 16.00 12.66
N SER D 399 2.95 15.97 11.66
CA SER D 399 3.11 17.04 10.70
C SER D 399 1.81 17.67 10.24
N GLY D 400 0.88 16.83 9.81
CA GLY D 400 -0.36 17.23 9.22
C GLY D 400 -1.22 17.97 10.12
N GLN D 401 -1.36 17.39 11.30
CA GLN D 401 -2.14 17.93 12.37
C GLN D 401 -1.54 19.23 12.89
N PHE D 402 -0.21 19.28 12.99
CA PHE D 402 0.52 20.46 13.39
C PHE D 402 0.32 21.60 12.39
N ALA D 403 0.40 21.30 11.09
CA ALA D 403 0.24 22.26 10.00
C ALA D 403 -1.15 22.92 10.02
N PHE D 404 -2.15 22.07 10.25
CA PHE D 404 -3.51 22.48 10.43
C PHE D 404 -3.71 23.34 11.69
N HIS D 405 -3.44 22.79 12.84
CA HIS D 405 -3.73 23.48 14.12
C HIS D 405 -2.80 24.64 14.53
N VAL D 406 -1.50 24.47 14.30
CA VAL D 406 -0.49 25.45 14.64
C VAL D 406 -0.18 26.37 13.47
N GLY D 407 0.15 25.79 12.33
CA GLY D 407 0.37 26.53 11.14
C GLY D 407 1.61 27.33 11.12
N LEU D 408 2.71 26.72 11.59
CA LEU D 408 3.99 27.39 11.74
C LEU D 408 5.06 26.47 11.27
N PRO D 409 6.13 26.86 10.57
CA PRO D 409 7.09 25.84 10.21
C PRO D 409 7.88 25.45 11.46
N ALA D 410 8.05 24.14 11.65
CA ALA D 410 8.71 23.65 12.80
C ALA D 410 9.35 22.30 12.55
N LYS D 411 10.46 22.06 13.20
CA LYS D 411 11.17 20.80 13.18
C LYS D 411 11.36 20.25 14.59
N SER D 412 10.93 19.02 14.82
CA SER D 412 11.22 18.37 16.11
C SER D 412 12.40 17.39 16.01
N GLY D 413 12.97 17.10 17.18
CA GLY D 413 14.11 16.26 17.40
C GLY D 413 13.87 15.30 18.53
N VAL D 414 14.63 14.23 18.58
CA VAL D 414 14.42 13.17 19.55
C VAL D 414 14.89 13.54 21.01
N ALA D 415 15.76 14.54 21.12
CA ALA D 415 16.20 15.10 22.39
C ALA D 415 15.14 15.90 23.11
N GLY D 416 14.12 16.33 22.38
CA GLY D 416 13.09 17.14 22.92
C GLY D 416 13.03 18.52 22.39
N GLY D 417 13.88 18.82 21.39
CA GLY D 417 13.86 20.07 20.68
C GLY D 417 12.67 20.24 19.86
N ILE D 418 12.12 21.43 19.82
CA ILE D 418 11.26 21.87 18.72
C ILE D 418 11.76 23.22 18.20
N LEU D 419 12.32 23.24 17.01
CA LEU D 419 12.73 24.49 16.41
C LEU D 419 11.54 25.12 15.69
N LEU D 420 11.19 26.34 16.08
CA LEU D 420 9.98 26.98 15.62
C LEU D 420 10.27 28.28 14.91
N VAL D 421 9.68 28.51 13.77
CA VAL D 421 9.85 29.76 13.09
C VAL D 421 8.51 30.45 12.97
N VAL D 422 8.44 31.71 13.35
CA VAL D 422 7.28 32.51 13.02
C VAL D 422 7.76 33.55 12.04
N PRO D 423 7.65 33.33 10.73
CA PRO D 423 8.22 34.12 9.67
C PRO D 423 7.94 35.60 9.80
N ASN D 424 8.98 36.41 9.69
CA ASN D 424 8.86 37.85 9.76
C ASN D 424 8.67 38.38 11.15
N VAL D 425 8.63 37.48 12.14
CA VAL D 425 8.45 37.85 13.51
C VAL D 425 9.60 37.34 14.38
N MET D 426 9.75 36.02 14.51
CA MET D 426 10.72 35.49 15.43
C MET D 426 11.03 34.01 15.22
N GLY D 427 12.05 33.57 15.93
CA GLY D 427 12.50 32.23 16.05
C GLY D 427 12.36 31.78 17.45
N MET D 428 12.17 30.51 17.67
CA MET D 428 12.26 29.97 18.98
C MET D 428 12.93 28.64 18.98
N MET D 429 13.34 28.23 20.17
CA MET D 429 13.52 26.85 20.40
C MET D 429 12.92 26.49 21.75
N CYS D 430 12.59 25.23 21.88
CA CYS D 430 11.81 24.75 22.95
C CYS D 430 12.35 23.43 23.26
N TRP D 431 12.61 23.23 24.54
CA TRP D 431 13.21 22.00 24.96
C TRP D 431 12.51 21.39 26.12
N SER D 432 12.04 20.18 25.95
CA SER D 432 11.85 19.35 27.09
C SER D 432 12.02 17.93 26.62
N PRO D 433 12.66 17.03 27.39
CA PRO D 433 12.94 15.72 26.83
C PRO D 433 11.78 14.74 26.80
N PRO D 434 10.74 14.65 27.66
CA PRO D 434 9.74 13.62 27.40
C PRO D 434 9.04 13.83 26.05
N LEU D 435 8.89 12.74 25.28
CA LEU D 435 8.24 12.72 23.99
C LEU D 435 6.93 11.97 24.08
N ASP D 436 6.00 12.30 23.19
CA ASP D 436 4.79 11.54 23.05
C ASP D 436 4.99 10.35 22.11
N LYS D 437 3.89 9.68 21.73
CA LYS D 437 3.93 8.49 20.89
C LYS D 437 4.50 8.73 19.47
N MET D 438 4.27 9.95 18.97
CA MET D 438 4.99 10.51 17.85
C MET D 438 6.32 11.00 18.37
N GLY D 439 7.26 11.32 17.56
CA GLY D 439 8.53 11.68 18.18
C GLY D 439 8.65 12.94 19.11
N ASN D 440 7.59 13.72 19.37
CA ASN D 440 7.69 15.13 19.73
C ASN D 440 7.50 15.43 21.21
N SER D 441 8.24 16.42 21.69
CA SER D 441 8.13 16.91 23.02
C SER D 441 6.71 17.34 23.40
N VAL D 442 6.22 16.78 24.50
CA VAL D 442 4.88 17.03 24.99
C VAL D 442 4.70 18.51 25.35
N LYS D 443 5.62 19.06 26.13
CA LYS D 443 5.55 20.45 26.53
C LYS D 443 5.75 21.42 25.37
N GLY D 444 6.62 21.07 24.46
CA GLY D 444 6.75 21.81 23.25
C GLY D 444 5.50 21.91 22.41
N ILE D 445 4.83 20.78 22.23
CA ILE D 445 3.63 20.69 21.44
C ILE D 445 2.51 21.48 22.10
N HIS D 446 2.42 21.34 23.40
CA HIS D 446 1.42 22.02 24.16
C HIS D 446 1.66 23.53 24.20
N PHE D 447 2.92 23.92 24.36
CA PHE D 447 3.32 25.29 24.22
C PHE D 447 2.94 25.90 22.86
N CYS D 448 3.22 25.19 21.76
CA CYS D 448 2.93 25.70 20.42
C CYS D 448 1.43 25.87 20.15
N HIS D 449 0.60 24.93 20.64
CA HIS D 449 -0.82 25.02 20.51
C HIS D 449 -1.34 26.26 21.24
N ASP D 450 -0.82 26.45 22.42
CA ASP D 450 -1.12 27.58 23.25
C ASP D 450 -0.69 28.92 22.60
N LEU D 451 0.50 28.94 22.03
CA LEU D 451 1.00 30.14 21.40
C LEU D 451 0.12 30.63 20.25
N VAL D 452 -0.28 29.72 19.38
CA VAL D 452 -1.21 30.00 18.29
C VAL D 452 -2.61 30.45 18.74
N SER D 453 -3.13 29.82 19.80
CA SER D 453 -4.43 30.19 20.33
C SER D 453 -4.43 31.57 20.91
N LEU D 454 -3.32 31.90 21.55
CA LEU D 454 -3.13 33.23 22.01
C LEU D 454 -3.06 34.34 20.94
N CYS D 455 -2.18 34.10 19.92
CA CYS D 455 -1.61 35.26 19.27
C CYS D 455 -1.74 35.45 17.80
N ASN D 456 -2.36 34.66 17.04
CA ASN D 456 -2.46 34.89 15.59
C ASN D 456 -1.11 34.97 14.82
N PHE D 457 -0.27 34.02 15.10
CA PHE D 457 0.81 33.69 14.26
C PHE D 457 0.55 32.56 13.28
N HIS D 458 -0.65 31.97 13.31
CA HIS D 458 -1.06 30.98 12.33
C HIS D 458 -0.91 31.50 10.93
N ASN D 459 -0.30 30.71 10.11
CA ASN D 459 -0.02 31.09 8.75
C ASN D 459 -1.23 31.68 8.02
N TYR D 460 -2.39 31.13 8.30
CA TYR D 460 -3.61 31.58 7.75
C TYR D 460 -4.55 32.29 8.75
N ASP D 461 -4.03 32.75 9.88
CA ASP D 461 -4.64 33.91 10.53
C ASP D 461 -4.62 35.15 9.62
N ASN D 462 -5.67 35.95 9.65
CA ASN D 462 -5.67 37.25 9.01
C ASN D 462 -4.92 38.31 9.84
N LEU D 463 -4.14 39.15 9.18
CA LEU D 463 -3.47 40.26 9.82
C LEU D 463 -4.45 41.35 10.23
N ARG D 464 -5.48 41.59 9.43
CA ARG D 464 -6.38 42.67 9.70
C ARG D 464 -7.63 42.26 10.50
N HIS D 465 -7.99 40.99 10.52
CA HIS D 465 -9.15 40.58 11.31
C HIS D 465 -8.90 39.25 12.02
N PHE D 466 -9.16 39.21 13.31
CA PHE D 466 -8.95 37.98 14.01
C PHE D 466 -9.81 37.98 15.25
N ALA D 467 -10.14 36.75 15.64
CA ALA D 467 -11.33 36.59 16.43
C ALA D 467 -11.22 37.25 17.77
N LYS D 468 -10.37 36.69 18.60
CA LYS D 468 -9.91 37.42 19.70
C LYS D 468 -8.56 36.90 19.98
N LYS D 469 -7.72 37.04 18.99
CA LYS D 469 -6.36 36.74 19.16
C LYS D 469 -5.67 38.07 19.47
N LEU D 470 -4.36 38.02 19.65
CA LEU D 470 -3.63 39.15 20.13
C LEU D 470 -2.58 39.37 19.12
N ASP D 471 -2.21 40.60 18.85
CA ASP D 471 -1.30 40.90 17.81
C ASP D 471 -0.15 41.72 18.36
N PRO D 472 0.91 40.99 18.80
CA PRO D 472 2.16 41.49 19.39
C PRO D 472 2.82 42.53 18.48
N ARG D 473 2.69 42.43 17.16
CA ARG D 473 3.14 43.47 16.27
C ARG D 473 2.38 44.80 16.44
N ARG D 474 1.06 44.72 16.59
CA ARG D 474 0.21 45.92 16.49
C ARG D 474 0.35 46.96 17.62
N GLU D 475 0.38 46.53 18.89
CA GLU D 475 0.31 47.45 20.11
C GLU D 475 -1.12 47.38 20.74
N GLU E . -23.37 -11.54 1.16
CA GLU E . -21.93 -11.54 1.09
C GLU E . -21.54 -10.83 -0.16
O GLU E . -22.19 -11.02 -1.20
CB GLU E . -21.33 -12.92 0.86
CG GLU E . -21.24 -13.76 2.11
CD GLU E . -20.01 -14.64 2.12
OE1 GLU E . -18.88 -14.10 2.13
OE2 GLU E . -20.18 -15.88 2.13
OXT GLU E . -20.49 -10.17 -0.11
N GLU F . -17.85 16.88 -10.87
CA GLU F . -16.70 16.15 -10.36
C GLU F . -17.02 15.34 -9.17
O GLU F . -17.96 15.67 -8.44
CB GLU F . -15.66 17.12 -9.83
CG GLU F . -14.97 17.82 -10.98
CD GLU F . -13.73 18.52 -10.47
OE1 GLU F . -12.84 17.79 -9.98
OE2 GLU F . -13.61 19.73 -10.64
OXT GLU F . -16.30 14.35 -8.95
N GLU G . 21.81 -14.03 -5.09
CA GLU G . 20.72 -13.13 -5.47
C GLU G . 20.23 -12.29 -4.32
O GLU G . 20.32 -12.75 -3.17
CB GLU G . 19.46 -13.89 -5.93
CG GLU G . 19.77 -15.02 -6.90
CD GLU G . 18.54 -15.50 -7.57
OE1 GLU G . 17.60 -14.71 -7.72
OE2 GLU G . 18.52 -16.67 -7.98
OXT GLU G . 19.71 -11.19 -4.61
N GLU H . 20.14 10.59 14.59
CA GLU H . 18.77 10.11 14.85
C GLU H . 18.28 9.14 13.78
O GLU H . 18.75 9.19 12.64
CB GLU H . 17.79 11.31 14.84
CG GLU H . 16.57 11.02 15.70
CD GLU H . 15.53 12.10 15.60
OE1 GLU H . 14.37 11.81 15.20
OE2 GLU H . 15.85 13.24 15.93
OXT GLU H . 17.40 8.33 14.12
#